data_3UTE
#
_entry.id   3UTE
#
_cell.length_a   217.841
_cell.length_b   217.841
_cell.length_c   319.693
_cell.angle_alpha   90.000
_cell.angle_beta   90.000
_cell.angle_gamma   120.000
#
_symmetry.space_group_name_H-M   'P 65 2 2'
#
loop_
_entity.id
_entity.type
_entity.pdbx_description
1 polymer 'UDP-galactopyranose mutase'
2 non-polymer 'FLAVIN-ADENINE DINUCLEOTIDE'
3 non-polymer 'SULFATE ION'
4 non-polymer 'ACETATE ION'
5 non-polymer GLYCEROL
6 water water
#
_entity_poly.entity_id   1
_entity_poly.type   'polypeptide(L)'
_entity_poly.pdbx_seq_one_letter_code
;AIAMTHPDISVDVLVIGAGPTGLGAAKRLNQIDGPSWMIVDSNETPGGLASTDVTPEGFLYDVGGHVIFSHYKYFDDCLD
EALPKEDDWYTHQRISYVRCQGQWVPYPFQNNISMLPKEEQVKCIDGMIDAALEARVANTKPKTFDEWIVRMMGTGIADL
FMRPYNFKVWAVPTTKMQCAWLGERVAAPNLKAVTTNVILGKTAGNWGPNATFRFPARGGTGGIWIAVANTLPKEKTRFG
EKGKVTKVNANNKTVTLQDGTTIGYKKLVSTMAVDFLAEAMNDQELVGLTKQLFYSSTHVIGVGVRGSRPERIGDKCWLY
FPEDNCPFYRATIFSNYSPYNQPEASAALPTMQLADGSRPQSTEAKEGPYWSIMLEVSESSMKPVNQETILADCIQGLVN
TEMLKPTDEIVSTYHRRFDHGYPTPTLEREGTLTQILPKLQDKDIWSRGRFGSWRYEVGNQDHSFMLGVEAVDNIVNGAV
ELTLNYPDFVNGRQNTERRLVDGAQVFAKSKAQ
;
_entity_poly.pdbx_strand_id   A,B,C,D
#
loop_
_chem_comp.id
_chem_comp.type
_chem_comp.name
_chem_comp.formula
ACT non-polymer 'ACETATE ION' 'C2 H3 O2 -1'
FAD non-polymer 'FLAVIN-ADENINE DINUCLEOTIDE' 'C27 H33 N9 O15 P2'
GOL non-polymer GLYCEROL 'C3 H8 O3'
SO4 non-polymer 'SULFATE ION' 'O4 S -2'
#
# COMPACT_ATOMS: atom_id res chain seq x y z
N HIS A 6 -49.51 48.36 -13.13
CA HIS A 6 -48.66 47.65 -14.08
C HIS A 6 -47.41 48.48 -14.42
N PRO A 7 -46.27 47.81 -14.61
CA PRO A 7 -44.98 48.47 -14.89
C PRO A 7 -44.89 49.08 -16.29
N ASP A 8 -43.88 49.93 -16.50
CA ASP A 8 -43.68 50.58 -17.80
C ASP A 8 -43.42 49.59 -18.93
N ILE A 9 -42.53 48.62 -18.66
CA ILE A 9 -42.21 47.61 -19.65
C ILE A 9 -42.36 46.24 -19.02
N SER A 10 -42.93 45.29 -19.78
CA SER A 10 -42.99 43.90 -19.35
C SER A 10 -42.33 43.02 -20.40
N VAL A 11 -41.53 42.06 -19.94
CA VAL A 11 -40.95 41.04 -20.81
C VAL A 11 -40.97 39.71 -20.08
N ASP A 12 -40.87 38.62 -20.83
CA ASP A 12 -40.86 37.29 -20.23
C ASP A 12 -39.57 37.07 -19.46
N VAL A 13 -38.45 37.34 -20.14
CA VAL A 13 -37.12 37.19 -19.54
C VAL A 13 -36.34 38.50 -19.60
N LEU A 14 -35.98 39.03 -18.44
CA LEU A 14 -35.14 40.21 -18.39
C LEU A 14 -33.70 39.77 -18.13
N VAL A 15 -32.76 40.35 -18.86
CA VAL A 15 -31.35 40.07 -18.60
C VAL A 15 -30.64 41.33 -18.11
N ILE A 16 -29.99 41.21 -16.94
CA ILE A 16 -29.19 42.30 -16.42
C ILE A 16 -27.71 42.05 -16.63
N GLY A 17 -27.08 42.94 -17.39
CA GLY A 17 -25.66 42.84 -17.70
C GLY A 17 -25.41 42.42 -19.13
N ALA A 18 -24.47 43.08 -19.78
CA ALA A 18 -24.12 42.79 -21.16
C ALA A 18 -22.64 42.47 -21.25
N GLY A 19 -22.12 41.82 -20.23
CA GLY A 19 -20.83 41.16 -20.35
C GLY A 19 -21.04 39.83 -21.06
N PRO A 20 -20.00 39.01 -21.14
CA PRO A 20 -20.12 37.70 -21.82
C PRO A 20 -21.33 36.89 -21.34
N THR A 21 -21.59 36.89 -20.05
CA THR A 21 -22.68 36.06 -19.54
C THR A 21 -24.03 36.57 -20.04
N GLY A 22 -24.32 37.85 -19.81
CA GLY A 22 -25.56 38.44 -20.29
C GLY A 22 -25.73 38.36 -21.80
N LEU A 23 -24.68 38.68 -22.54
CA LEU A 23 -24.74 38.56 -24.00
C LEU A 23 -25.04 37.14 -24.44
N GLY A 24 -24.56 36.15 -23.69
CA GLY A 24 -24.86 34.76 -23.96
C GLY A 24 -26.35 34.49 -23.80
N ALA A 25 -26.91 34.96 -22.69
CA ALA A 25 -28.34 34.85 -22.48
C ALA A 25 -29.09 35.55 -23.63
N ALA A 26 -28.66 36.77 -23.96
CA ALA A 26 -29.27 37.53 -25.05
C ALA A 26 -29.21 36.77 -26.37
N LYS A 27 -28.05 36.20 -26.68
CA LYS A 27 -27.85 35.48 -27.93
C LYS A 27 -28.76 34.27 -28.05
N ARG A 28 -28.88 33.50 -26.97
CA ARG A 28 -29.72 32.32 -26.98
C ARG A 28 -31.20 32.72 -27.09
N LEU A 29 -31.60 33.74 -26.34
CA LEU A 29 -32.97 34.28 -26.43
C LEU A 29 -33.30 34.73 -27.86
N ASN A 30 -32.36 35.44 -28.48
CA ASN A 30 -32.53 35.95 -29.83
C ASN A 30 -32.64 34.85 -30.88
N GLN A 31 -31.84 33.79 -30.69
CA GLN A 31 -31.90 32.62 -31.55
C GLN A 31 -33.23 31.85 -31.40
N ILE A 32 -33.67 31.65 -30.16
CA ILE A 32 -34.92 30.93 -29.91
C ILE A 32 -36.11 31.75 -30.40
N ASP A 33 -36.07 33.04 -30.12
CA ASP A 33 -37.06 33.97 -30.65
C ASP A 33 -38.47 33.49 -30.32
N GLY A 34 -38.68 33.13 -29.07
CA GLY A 34 -39.99 32.74 -28.60
C GLY A 34 -40.42 33.76 -27.58
N PRO A 35 -40.16 33.48 -26.31
CA PRO A 35 -40.42 34.42 -25.22
C PRO A 35 -39.82 35.78 -25.53
N SER A 36 -40.47 36.84 -25.08
CA SER A 36 -39.98 38.19 -25.25
C SER A 36 -38.89 38.44 -24.20
N TRP A 37 -38.02 39.40 -24.49
CA TRP A 37 -36.90 39.66 -23.60
C TRP A 37 -36.30 41.04 -23.81
N MET A 38 -35.44 41.43 -22.87
CA MET A 38 -34.73 42.69 -22.96
C MET A 38 -33.45 42.55 -22.17
N ILE A 39 -32.37 43.16 -22.67
CA ILE A 39 -31.12 43.17 -21.94
C ILE A 39 -30.70 44.59 -21.58
N VAL A 40 -30.36 44.81 -20.31
CA VAL A 40 -29.94 46.13 -19.84
C VAL A 40 -28.53 46.11 -19.25
N ASP A 41 -27.85 47.25 -19.30
CA ASP A 41 -26.50 47.40 -18.75
C ASP A 41 -26.27 48.90 -18.53
N SER A 42 -25.53 49.25 -17.49
CA SER A 42 -25.31 50.67 -17.17
C SER A 42 -24.22 51.29 -18.05
N ASN A 43 -23.44 50.46 -18.71
CA ASN A 43 -22.44 50.94 -19.64
C ASN A 43 -23.00 51.01 -21.06
N GLU A 44 -22.72 52.09 -21.75
CA GLU A 44 -23.24 52.25 -23.10
C GLU A 44 -22.52 51.28 -24.03
N THR A 45 -21.35 50.84 -23.61
CA THR A 45 -20.52 49.95 -24.41
C THR A 45 -20.56 48.53 -23.86
N PRO A 46 -21.12 47.60 -24.64
CA PRO A 46 -21.28 46.21 -24.21
C PRO A 46 -19.94 45.53 -23.93
N GLY A 47 -19.97 44.47 -23.13
CA GLY A 47 -18.79 43.64 -22.94
C GLY A 47 -18.37 43.49 -21.48
N GLY A 48 -19.02 44.25 -20.62
CA GLY A 48 -18.72 44.20 -19.19
C GLY A 48 -17.23 44.29 -18.94
N LEU A 49 -16.73 43.45 -18.04
CA LEU A 49 -15.33 43.47 -17.68
C LEU A 49 -14.45 42.77 -18.71
N ALA A 50 -15.05 42.28 -19.79
CA ALA A 50 -14.23 41.82 -20.91
C ALA A 50 -13.96 42.96 -21.88
N SER A 51 -14.18 44.18 -21.42
CA SER A 51 -13.94 45.36 -22.24
C SER A 51 -12.46 45.72 -22.29
N THR A 52 -12.09 46.51 -23.27
CA THR A 52 -10.70 46.90 -23.49
C THR A 52 -10.47 48.41 -23.30
N ASP A 53 -9.45 48.76 -22.53
CA ASP A 53 -9.08 50.17 -22.35
C ASP A 53 -7.98 50.58 -23.34
N VAL A 54 -7.89 51.87 -23.63
CA VAL A 54 -6.80 52.36 -24.44
C VAL A 54 -6.24 53.63 -23.77
N THR A 55 -4.92 53.72 -23.69
CA THR A 55 -4.29 54.89 -23.08
C THR A 55 -4.29 56.08 -24.06
N PRO A 56 -4.03 57.30 -23.54
CA PRO A 56 -3.98 58.46 -24.45
C PRO A 56 -2.88 58.35 -25.51
N GLU A 57 -1.93 57.44 -25.33
CA GLU A 57 -0.84 57.30 -26.29
C GLU A 57 -1.13 56.22 -27.34
N GLY A 58 -2.27 55.56 -27.20
CA GLY A 58 -2.67 54.55 -28.17
C GLY A 58 -2.30 53.10 -27.85
N PHE A 59 -1.94 52.80 -26.60
CA PHE A 59 -1.76 51.39 -26.22
C PHE A 59 -3.03 50.75 -25.64
N LEU A 60 -3.46 49.64 -26.23
CA LEU A 60 -4.59 48.86 -25.70
C LEU A 60 -4.16 47.98 -24.52
N TYR A 61 -5.05 47.81 -23.54
CA TYR A 61 -4.88 46.83 -22.46
C TYR A 61 -6.20 46.16 -22.12
N ASP A 62 -6.15 44.82 -22.11
CA ASP A 62 -7.28 43.98 -21.67
C ASP A 62 -7.24 43.83 -20.14
N VAL A 63 -8.24 43.16 -19.56
CA VAL A 63 -8.31 43.05 -18.10
C VAL A 63 -7.50 41.90 -17.50
N GLY A 64 -7.08 40.94 -18.33
CA GLY A 64 -6.29 39.83 -17.83
C GLY A 64 -5.52 39.10 -18.91
N GLY A 65 -4.68 38.14 -18.51
CA GLY A 65 -3.83 37.44 -19.44
C GLY A 65 -4.18 35.98 -19.65
N HIS A 66 -5.43 35.62 -19.39
CA HIS A 66 -5.91 34.26 -19.65
C HIS A 66 -6.55 34.23 -21.03
N VAL A 67 -5.81 33.72 -22.02
CA VAL A 67 -6.31 33.76 -23.39
C VAL A 67 -7.49 32.83 -23.58
N ILE A 68 -8.21 33.02 -24.67
CA ILE A 68 -9.39 32.20 -24.96
C ILE A 68 -9.07 30.73 -25.31
N PHE A 69 -9.73 29.82 -24.61
CA PHE A 69 -9.83 28.44 -25.04
C PHE A 69 -11.30 28.03 -24.96
N SER A 70 -11.91 27.84 -26.12
CA SER A 70 -13.32 27.52 -26.17
C SER A 70 -13.57 26.03 -25.98
N HIS A 71 -14.52 25.73 -25.09
CA HIS A 71 -14.93 24.35 -24.85
C HIS A 71 -16.24 24.03 -25.57
N TYR A 72 -16.74 24.98 -26.36
CA TYR A 72 -18.09 24.86 -26.91
C TYR A 72 -18.22 25.34 -28.36
N LYS A 73 -18.84 24.53 -29.20
CA LYS A 73 -19.14 24.94 -30.56
C LYS A 73 -20.07 26.15 -30.62
N TYR A 74 -20.96 26.31 -29.63
CA TYR A 74 -21.87 27.45 -29.63
C TYR A 74 -21.11 28.76 -29.53
N PHE A 75 -20.13 28.79 -28.63
CA PHE A 75 -19.27 29.93 -28.44
C PHE A 75 -18.54 30.25 -29.75
N ASP A 76 -17.97 29.23 -30.37
CA ASP A 76 -17.28 29.42 -31.64
C ASP A 76 -18.22 30.02 -32.68
N ASP A 77 -19.45 29.52 -32.74
CA ASP A 77 -20.45 30.03 -33.69
C ASP A 77 -20.66 31.52 -33.53
N CYS A 78 -20.80 31.96 -32.28
CA CYS A 78 -21.09 33.37 -32.02
C CYS A 78 -19.90 34.30 -32.29
N LEU A 79 -18.69 33.89 -31.91
CA LEU A 79 -17.49 34.66 -32.23
C LEU A 79 -17.32 34.78 -33.74
N ASP A 80 -17.51 33.66 -34.44
CA ASP A 80 -17.34 33.64 -35.88
C ASP A 80 -18.38 34.51 -36.60
N GLU A 81 -19.65 34.38 -36.21
CA GLU A 81 -20.70 35.26 -36.73
C GLU A 81 -20.35 36.73 -36.50
N ALA A 82 -19.77 37.04 -35.35
CA ALA A 82 -19.48 38.42 -34.96
C ALA A 82 -18.28 38.97 -35.73
N LEU A 83 -17.26 38.14 -35.92
CA LEU A 83 -16.06 38.54 -36.64
C LEU A 83 -15.70 37.44 -37.63
N PRO A 84 -16.35 37.47 -38.80
CA PRO A 84 -16.34 36.38 -39.79
C PRO A 84 -15.12 36.34 -40.71
N LYS A 85 -14.37 37.43 -40.82
CA LYS A 85 -13.26 37.50 -41.76
C LYS A 85 -11.99 36.85 -41.22
N GLU A 86 -11.21 36.24 -42.10
CA GLU A 86 -9.93 35.70 -41.69
C GLU A 86 -9.05 36.80 -41.07
N ASP A 87 -9.18 38.03 -41.56
CA ASP A 87 -8.32 39.09 -41.06
C ASP A 87 -8.86 39.78 -39.79
N ASP A 88 -9.94 39.25 -39.23
CA ASP A 88 -10.44 39.71 -37.94
C ASP A 88 -9.66 39.07 -36.78
N TRP A 89 -8.81 38.10 -37.07
CA TRP A 89 -8.14 37.35 -36.00
C TRP A 89 -6.66 37.10 -36.28
N TYR A 90 -5.88 36.96 -35.23
CA TYR A 90 -4.53 36.42 -35.33
C TYR A 90 -4.40 35.14 -34.50
N THR A 91 -3.65 34.17 -35.03
CA THR A 91 -3.45 32.91 -34.34
C THR A 91 -2.04 32.83 -33.77
N HIS A 92 -1.89 32.29 -32.57
CA HIS A 92 -0.60 32.21 -31.92
C HIS A 92 -0.46 30.91 -31.16
N GLN A 93 0.76 30.39 -31.10
CA GLN A 93 1.03 29.24 -30.24
C GLN A 93 0.95 29.67 -28.78
N ARG A 94 0.51 28.75 -27.92
CA ARG A 94 0.33 29.04 -26.51
C ARG A 94 1.67 28.96 -25.76
N ILE A 95 2.48 29.99 -25.95
CA ILE A 95 3.84 29.97 -25.43
C ILE A 95 3.94 30.64 -24.06
N SER A 96 4.34 29.89 -23.04
CA SER A 96 4.48 30.49 -21.72
C SER A 96 5.71 29.98 -20.97
N TYR A 97 6.29 30.83 -20.12
CA TYR A 97 7.42 30.44 -19.28
C TYR A 97 7.23 30.89 -17.82
N VAL A 98 8.00 30.26 -16.94
CA VAL A 98 8.04 30.63 -15.54
C VAL A 98 9.40 31.28 -15.26
N ARG A 99 9.38 32.49 -14.71
CA ARG A 99 10.63 33.17 -14.35
C ARG A 99 11.09 32.54 -13.06
N CYS A 100 12.29 31.97 -13.06
CA CYS A 100 12.81 31.31 -11.88
C CYS A 100 14.32 31.38 -11.83
N GLN A 101 14.81 32.01 -10.77
CA GLN A 101 16.26 32.08 -10.53
C GLN A 101 17.04 32.50 -11.76
N GLY A 102 16.67 33.66 -12.30
CA GLY A 102 17.39 34.27 -13.42
C GLY A 102 17.15 33.60 -14.76
N GLN A 103 16.21 32.66 -14.81
CA GLN A 103 15.92 31.96 -16.06
C GLN A 103 14.44 31.90 -16.43
N TRP A 104 14.18 31.75 -17.73
CA TRP A 104 12.86 31.51 -18.27
C TRP A 104 12.70 30.02 -18.47
N VAL A 105 11.88 29.40 -17.62
CA VAL A 105 11.67 27.96 -17.64
C VAL A 105 10.35 27.64 -18.32
N PRO A 106 10.40 26.86 -19.41
CA PRO A 106 9.14 26.58 -20.10
C PRO A 106 8.08 25.97 -19.17
N TYR A 107 6.85 26.43 -19.33
CA TYR A 107 5.73 25.78 -18.70
C TYR A 107 5.42 24.49 -19.49
N PRO A 108 5.04 23.40 -18.80
CA PRO A 108 4.89 23.25 -17.34
C PRO A 108 6.22 23.14 -16.58
N PHE A 109 6.30 23.82 -15.43
CA PHE A 109 7.52 23.95 -14.66
C PHE A 109 8.26 22.64 -14.36
N GLN A 110 7.54 21.62 -13.89
CA GLN A 110 8.18 20.38 -13.43
C GLN A 110 8.86 19.59 -14.56
N ASN A 111 8.41 19.81 -15.79
CA ASN A 111 9.01 19.12 -16.93
C ASN A 111 10.29 19.77 -17.43
N ASN A 112 10.67 20.87 -16.78
CA ASN A 112 11.78 21.67 -17.30
C ASN A 112 12.85 22.05 -16.30
N ILE A 113 12.83 21.40 -15.14
CA ILE A 113 13.75 21.73 -14.07
C ILE A 113 15.21 21.37 -14.41
N SER A 114 15.41 20.70 -15.53
CA SER A 114 16.77 20.45 -16.01
C SER A 114 17.53 21.77 -16.20
N MET A 115 16.78 22.88 -16.23
CA MET A 115 17.38 24.20 -16.36
C MET A 115 18.01 24.73 -15.06
N LEU A 116 17.50 24.26 -13.91
CA LEU A 116 17.98 24.70 -12.61
C LEU A 116 19.31 24.03 -12.27
N PRO A 117 20.04 24.57 -11.29
CA PRO A 117 21.28 23.89 -10.87
C PRO A 117 21.02 22.44 -10.46
N LYS A 118 22.03 21.60 -10.58
CA LYS A 118 21.84 20.17 -10.38
C LYS A 118 21.45 19.80 -8.95
N GLU A 119 22.07 20.46 -7.97
CA GLU A 119 21.78 20.19 -6.56
C GLU A 119 20.31 20.51 -6.26
N GLU A 120 19.77 21.51 -6.94
CA GLU A 120 18.36 21.84 -6.81
C GLU A 120 17.44 20.79 -7.48
N GLN A 121 17.85 20.29 -8.64
CA GLN A 121 17.09 19.22 -9.30
C GLN A 121 16.96 17.99 -8.39
N VAL A 122 18.03 17.69 -7.66
CA VAL A 122 18.06 16.60 -6.69
C VAL A 122 16.96 16.74 -5.63
N LYS A 123 16.83 17.94 -5.07
CA LYS A 123 15.81 18.21 -4.06
C LYS A 123 14.42 18.07 -4.66
N CYS A 124 14.26 18.57 -5.88
CA CYS A 124 12.98 18.50 -6.56
C CYS A 124 12.56 17.06 -6.77
N ILE A 125 13.50 16.23 -7.23
CA ILE A 125 13.21 14.85 -7.54
C ILE A 125 13.02 14.04 -6.25
N ASP A 126 13.86 14.31 -5.24
CA ASP A 126 13.66 13.69 -3.93
C ASP A 126 12.23 13.92 -3.45
N GLY A 127 11.74 15.16 -3.58
CA GLY A 127 10.41 15.50 -3.13
C GLY A 127 9.34 14.78 -3.93
N MET A 128 9.58 14.61 -5.23
CA MET A 128 8.57 14.00 -6.06
C MET A 128 8.58 12.47 -5.87
N ILE A 129 9.74 11.94 -5.51
CA ILE A 129 9.85 10.55 -5.12
C ILE A 129 9.02 10.28 -3.85
N ASP A 130 9.13 11.12 -2.81
CA ASP A 130 8.31 10.97 -1.61
C ASP A 130 6.83 10.97 -1.99
N ALA A 131 6.43 11.96 -2.80
CA ALA A 131 5.04 12.08 -3.22
C ALA A 131 4.56 10.87 -4.05
N ALA A 132 5.43 10.34 -4.91
CA ALA A 132 5.03 9.16 -5.67
C ALA A 132 4.82 7.96 -4.74
N LEU A 133 5.70 7.80 -3.77
CA LEU A 133 5.57 6.71 -2.81
C LEU A 133 4.29 6.82 -1.96
N GLU A 134 3.93 8.02 -1.55
CA GLU A 134 2.69 8.19 -0.80
C GLU A 134 1.49 8.04 -1.71
N ALA A 135 1.59 8.53 -2.94
CA ALA A 135 0.45 8.37 -3.83
C ALA A 135 0.14 6.88 -4.03
N ARG A 136 1.16 6.03 -3.94
CA ARG A 136 0.96 4.59 -4.12
C ARG A 136 0.04 3.95 -3.07
N VAL A 137 -0.05 4.55 -1.88
CA VAL A 137 -0.83 3.95 -0.81
C VAL A 137 -1.96 4.88 -0.32
N ALA A 138 -2.20 5.94 -1.08
CA ALA A 138 -3.21 6.93 -0.71
C ALA A 138 -4.62 6.36 -0.81
N ASN A 139 -5.44 6.61 0.21
CA ASN A 139 -6.84 6.22 0.16
C ASN A 139 -7.78 7.37 0.52
N THR A 140 -7.24 8.59 0.46
CA THR A 140 -8.02 9.80 0.68
C THR A 140 -7.80 10.75 -0.47
N LYS A 141 -8.67 11.75 -0.58
CA LYS A 141 -8.50 12.81 -1.56
C LYS A 141 -8.00 14.02 -0.78
N PRO A 142 -7.18 14.85 -1.42
CA PRO A 142 -6.71 16.07 -0.76
C PRO A 142 -7.90 17.00 -0.49
N LYS A 143 -7.87 17.74 0.62
CA LYS A 143 -8.97 18.63 0.98
C LYS A 143 -8.71 20.08 0.61
N THR A 144 -7.43 20.44 0.45
CA THR A 144 -7.09 21.83 0.17
C THR A 144 -6.24 21.96 -1.10
N PHE A 145 -6.25 23.14 -1.72
CA PHE A 145 -5.38 23.44 -2.85
C PHE A 145 -3.92 23.06 -2.50
N ASP A 146 -3.48 23.41 -1.30
CA ASP A 146 -2.10 23.12 -0.91
C ASP A 146 -1.82 21.61 -0.87
N GLU A 147 -2.69 20.86 -0.21
CA GLU A 147 -2.56 19.41 -0.18
C GLU A 147 -2.51 18.85 -1.61
N TRP A 148 -3.39 19.35 -2.47
CA TRP A 148 -3.43 18.89 -3.84
C TRP A 148 -2.08 19.20 -4.52
N ILE A 149 -1.56 20.42 -4.31
CA ILE A 149 -0.28 20.81 -4.89
C ILE A 149 0.89 19.92 -4.45
N VAL A 150 0.99 19.64 -3.16
CA VAL A 150 2.10 18.86 -2.62
C VAL A 150 2.03 17.41 -3.06
N ARG A 151 0.83 16.89 -3.26
CA ARG A 151 0.69 15.52 -3.73
C ARG A 151 1.07 15.37 -5.19
N MET A 152 0.79 16.38 -5.99
CA MET A 152 1.13 16.35 -7.42
C MET A 152 2.64 16.54 -7.67
N MET A 153 3.25 17.44 -6.90
CA MET A 153 4.58 17.96 -7.23
C MET A 153 5.67 17.58 -6.23
N GLY A 154 5.28 17.28 -5.00
CA GLY A 154 6.27 17.13 -3.95
C GLY A 154 6.67 18.49 -3.40
N THR A 155 7.27 18.48 -2.21
CA THR A 155 7.58 19.71 -1.48
C THR A 155 8.51 20.67 -2.23
N GLY A 156 9.60 20.12 -2.76
CA GLY A 156 10.61 20.95 -3.38
C GLY A 156 10.05 21.76 -4.53
N ILE A 157 9.40 21.07 -5.46
CA ILE A 157 8.81 21.71 -6.62
C ILE A 157 7.64 22.61 -6.21
N ALA A 158 6.81 22.14 -5.28
CA ALA A 158 5.69 22.96 -4.82
C ALA A 158 6.18 24.32 -4.29
N ASP A 159 7.27 24.29 -3.51
CA ASP A 159 7.87 25.51 -2.96
C ASP A 159 8.48 26.46 -4.00
N LEU A 160 8.93 25.92 -5.13
CA LEU A 160 9.58 26.75 -6.16
C LEU A 160 8.58 27.51 -7.03
N PHE A 161 7.42 26.90 -7.28
CA PHE A 161 6.49 27.51 -8.23
C PHE A 161 5.05 27.63 -7.72
N MET A 162 4.32 26.53 -7.69
CA MET A 162 2.88 26.63 -7.42
C MET A 162 2.46 27.29 -6.09
N ARG A 163 3.17 27.02 -5.01
CA ARG A 163 2.84 27.65 -3.74
C ARG A 163 3.02 29.19 -3.75
N PRO A 164 4.25 29.67 -3.99
CA PRO A 164 4.40 31.13 -4.00
C PRO A 164 3.65 31.83 -5.15
N TYR A 165 3.57 31.18 -6.30
CA TYR A 165 2.83 31.76 -7.44
C TYR A 165 1.35 31.93 -7.12
N ASN A 166 0.74 30.87 -6.59
CA ASN A 166 -0.67 30.95 -6.28
C ASN A 166 -0.99 31.92 -5.16
N PHE A 167 -0.07 32.08 -4.23
CA PHE A 167 -0.31 33.09 -3.23
C PHE A 167 -0.40 34.46 -3.89
N LYS A 168 0.47 34.70 -4.87
CA LYS A 168 0.47 35.97 -5.62
C LYS A 168 -0.77 36.13 -6.49
N VAL A 169 -1.27 35.03 -7.03
CA VAL A 169 -2.46 35.10 -7.88
C VAL A 169 -3.73 35.36 -7.06
N TRP A 170 -3.95 34.54 -6.04
CA TRP A 170 -5.23 34.58 -5.31
C TRP A 170 -5.21 35.57 -4.15
N ALA A 171 -4.02 35.97 -3.72
CA ALA A 171 -3.92 36.84 -2.56
C ALA A 171 -4.52 36.21 -1.28
N VAL A 172 -4.55 34.88 -1.23
CA VAL A 172 -4.82 34.12 0.00
C VAL A 172 -3.90 32.89 -0.04
N PRO A 173 -3.52 32.37 1.13
CA PRO A 173 -2.65 31.18 1.14
C PRO A 173 -3.33 29.97 0.48
N THR A 174 -2.55 29.10 -0.17
CA THR A 174 -3.07 27.89 -0.79
C THR A 174 -3.80 26.96 0.21
N THR A 175 -3.44 27.05 1.49
CA THR A 175 -4.05 26.20 2.50
C THR A 175 -5.50 26.60 2.76
N LYS A 176 -5.91 27.77 2.25
CA LYS A 176 -7.22 28.35 2.54
C LYS A 176 -8.23 28.14 1.40
N MET A 177 -7.84 27.35 0.41
CA MET A 177 -8.66 27.20 -0.79
C MET A 177 -9.04 25.75 -1.01
N GLN A 178 -10.20 25.54 -1.63
CA GLN A 178 -10.66 24.19 -1.96
C GLN A 178 -9.87 23.71 -3.18
N CYS A 179 -10.09 22.46 -3.59
CA CYS A 179 -9.41 21.96 -4.77
C CYS A 179 -10.30 21.24 -5.78
N ALA A 180 -11.63 21.40 -5.66
CA ALA A 180 -12.55 20.82 -6.65
C ALA A 180 -12.52 21.60 -7.96
N TRP A 181 -12.34 22.91 -7.85
CA TRP A 181 -12.35 23.82 -9.00
C TRP A 181 -11.26 23.43 -10.02
N LEU A 182 -10.31 22.63 -9.57
CA LEU A 182 -9.17 22.23 -10.38
C LEU A 182 -9.47 21.16 -11.42
N GLY A 183 -10.61 20.49 -11.27
CA GLY A 183 -10.92 19.31 -12.06
C GLY A 183 -10.79 18.04 -11.21
N GLU A 184 -11.01 16.89 -11.84
CA GLU A 184 -11.04 15.61 -11.13
C GLU A 184 -9.79 14.74 -11.32
N ARG A 185 -8.76 15.25 -12.00
CA ARG A 185 -7.52 14.48 -12.16
C ARG A 185 -6.86 14.16 -10.81
N VAL A 186 -6.39 12.92 -10.67
CA VAL A 186 -5.79 12.43 -9.42
C VAL A 186 -4.52 13.19 -9.04
N ALA A 187 -4.45 13.64 -7.79
CA ALA A 187 -3.29 14.36 -7.28
C ALA A 187 -2.14 13.39 -7.01
N ALA A 188 -1.33 13.19 -8.03
CA ALA A 188 -0.21 12.26 -8.00
C ALA A 188 0.81 12.78 -9.01
N PRO A 189 2.10 12.55 -8.75
CA PRO A 189 3.13 13.02 -9.68
C PRO A 189 3.34 12.07 -10.86
N ASN A 190 3.63 12.63 -12.03
CA ASN A 190 4.16 11.83 -13.13
C ASN A 190 5.68 11.79 -12.96
N LEU A 191 6.13 10.95 -12.05
CA LEU A 191 7.56 10.88 -11.69
C LEU A 191 8.44 10.53 -12.88
N LYS A 192 8.00 9.57 -13.70
CA LYS A 192 8.82 9.15 -14.83
C LYS A 192 9.05 10.26 -15.86
N ALA A 193 8.01 11.02 -16.19
CA ALA A 193 8.17 12.11 -17.16
C ALA A 193 9.13 13.18 -16.65
N VAL A 194 9.00 13.53 -15.38
CA VAL A 194 9.89 14.51 -14.77
C VAL A 194 11.33 14.03 -14.78
N THR A 195 11.59 12.79 -14.36
CA THR A 195 12.97 12.29 -14.27
C THR A 195 13.54 12.06 -15.65
N THR A 196 12.70 11.61 -16.57
CA THR A 196 13.13 11.40 -17.95
C THR A 196 13.71 12.69 -18.56
N ASN A 197 12.97 13.79 -18.42
CA ASN A 197 13.44 15.07 -18.94
C ASN A 197 14.72 15.52 -18.23
N VAL A 198 14.78 15.30 -16.92
CA VAL A 198 15.98 15.61 -16.18
C VAL A 198 17.18 14.84 -16.74
N ILE A 199 17.02 13.54 -16.90
CA ILE A 199 18.08 12.70 -17.41
C ILE A 199 18.52 13.05 -18.83
N LEU A 200 17.55 13.26 -19.71
CA LEU A 200 17.83 13.58 -21.10
C LEU A 200 18.38 15.00 -21.23
N GLY A 201 18.26 15.81 -20.17
CA GLY A 201 18.68 17.20 -20.24
C GLY A 201 17.79 17.97 -21.18
N LYS A 202 16.52 17.56 -21.18
CA LYS A 202 15.52 18.05 -22.13
C LYS A 202 14.64 19.16 -21.52
N THR A 203 14.29 20.13 -22.36
CA THR A 203 13.21 21.06 -22.05
C THR A 203 12.10 20.91 -23.10
N ALA A 204 10.86 21.14 -22.71
CA ALA A 204 9.76 20.98 -23.62
C ALA A 204 8.56 21.78 -23.12
N GLY A 205 8.10 22.70 -23.94
CA GLY A 205 6.92 23.48 -23.63
C GLY A 205 5.68 22.70 -24.05
N ASN A 206 4.57 22.93 -23.38
CA ASN A 206 3.33 22.29 -23.74
C ASN A 206 2.62 23.07 -24.84
N TRP A 207 3.37 23.49 -25.85
CA TRP A 207 2.77 24.13 -27.03
C TRP A 207 3.34 23.54 -28.32
N GLY A 208 2.90 24.11 -29.44
CA GLY A 208 3.23 23.62 -30.77
C GLY A 208 2.10 23.94 -31.71
N PRO A 209 2.22 23.52 -32.98
CA PRO A 209 1.32 23.94 -34.07
C PRO A 209 -0.16 23.70 -33.77
N ASN A 210 -0.45 22.72 -32.91
CA ASN A 210 -1.82 22.41 -32.55
C ASN A 210 -2.25 22.88 -31.15
N ALA A 211 -1.38 23.58 -30.44
CA ALA A 211 -1.74 24.19 -29.16
C ALA A 211 -1.71 25.70 -29.34
N THR A 212 -2.81 26.26 -29.84
CA THR A 212 -2.85 27.68 -30.21
C THR A 212 -4.03 28.43 -29.61
N PHE A 213 -3.98 29.75 -29.68
CA PHE A 213 -5.13 30.57 -29.31
C PHE A 213 -5.42 31.58 -30.42
N ARG A 214 -6.62 32.12 -30.43
CA ARG A 214 -7.01 33.15 -31.40
C ARG A 214 -7.15 34.48 -30.68
N PHE A 215 -6.63 35.55 -31.29
CA PHE A 215 -6.80 36.87 -30.69
C PHE A 215 -7.36 37.82 -31.73
N PRO A 216 -8.33 38.68 -31.33
CA PRO A 216 -8.93 39.57 -32.33
C PRO A 216 -7.93 40.58 -32.85
N ALA A 217 -8.01 40.88 -34.14
CA ALA A 217 -7.10 41.80 -34.80
C ALA A 217 -7.22 43.20 -34.20
N ARG A 218 -8.45 43.62 -33.91
CA ARG A 218 -8.66 44.99 -33.47
C ARG A 218 -9.50 45.12 -32.22
N GLY A 219 -9.16 46.10 -31.38
CA GLY A 219 -9.96 46.45 -30.23
C GLY A 219 -9.88 45.49 -29.06
N GLY A 220 -8.91 44.58 -29.07
CA GLY A 220 -8.70 43.68 -27.96
C GLY A 220 -9.92 42.80 -27.79
N THR A 221 -10.02 42.12 -26.65
CA THR A 221 -11.15 41.23 -26.43
C THR A 221 -12.43 42.05 -26.45
N GLY A 222 -12.32 43.32 -26.05
CA GLY A 222 -13.47 44.20 -26.07
C GLY A 222 -14.15 44.16 -27.43
N GLY A 223 -13.34 44.04 -28.48
CA GLY A 223 -13.85 44.05 -29.84
C GLY A 223 -14.78 42.88 -30.16
N ILE A 224 -14.48 41.72 -29.58
CA ILE A 224 -15.34 40.55 -29.76
C ILE A 224 -16.75 40.88 -29.28
N TRP A 225 -16.82 41.42 -28.06
CA TRP A 225 -18.11 41.61 -27.38
C TRP A 225 -18.93 42.78 -27.92
N ILE A 226 -18.26 43.81 -28.41
CA ILE A 226 -18.97 44.88 -29.11
C ILE A 226 -19.60 44.28 -30.36
N ALA A 227 -18.84 43.46 -31.08
CA ALA A 227 -19.33 42.84 -32.31
C ALA A 227 -20.39 41.75 -32.08
N VAL A 228 -20.29 40.99 -31.00
CA VAL A 228 -21.33 40.01 -30.71
C VAL A 228 -22.63 40.74 -30.36
N ALA A 229 -22.54 41.75 -29.50
CA ALA A 229 -23.68 42.60 -29.18
C ALA A 229 -24.33 43.23 -30.43
N ASN A 230 -23.51 43.68 -31.38
CA ASN A 230 -24.00 44.24 -32.63
C ASN A 230 -24.99 43.35 -33.40
N THR A 231 -24.98 42.04 -33.13
CA THR A 231 -25.90 41.15 -33.83
C THR A 231 -27.27 41.10 -33.14
N LEU A 232 -27.39 41.73 -31.97
CA LEU A 232 -28.68 41.76 -31.27
C LEU A 232 -29.59 42.86 -31.82
N PRO A 233 -30.92 42.62 -31.83
CA PRO A 233 -31.88 43.67 -32.17
C PRO A 233 -31.81 44.85 -31.20
N LYS A 234 -31.38 46.01 -31.70
CA LYS A 234 -31.08 47.15 -30.84
C LYS A 234 -32.26 47.57 -29.96
N GLU A 235 -33.47 47.42 -30.47
CA GLU A 235 -34.65 47.83 -29.69
C GLU A 235 -34.91 46.97 -28.44
N LYS A 236 -34.25 45.82 -28.34
CA LYS A 236 -34.36 44.99 -27.14
C LYS A 236 -33.22 45.25 -26.15
N THR A 237 -32.36 46.23 -26.46
CA THR A 237 -31.24 46.57 -25.58
C THR A 237 -31.43 47.92 -24.91
N ARG A 238 -30.85 48.06 -23.74
CA ARG A 238 -30.88 49.32 -23.01
C ARG A 238 -29.55 49.54 -22.30
N PHE A 239 -28.63 50.18 -23.01
CA PHE A 239 -27.22 50.30 -22.59
C PHE A 239 -26.84 51.74 -22.26
N GLY A 240 -26.37 51.97 -21.05
CA GLY A 240 -25.99 53.31 -20.62
C GLY A 240 -26.71 53.68 -19.34
N GLU A 241 -26.68 54.96 -18.99
CA GLU A 241 -27.33 55.40 -17.77
C GLU A 241 -28.80 54.99 -17.79
N LYS A 242 -29.36 54.85 -18.99
CA LYS A 242 -30.75 54.47 -19.16
C LYS A 242 -31.02 52.99 -18.82
N GLY A 243 -29.95 52.24 -18.55
CA GLY A 243 -30.10 50.83 -18.26
C GLY A 243 -29.56 50.46 -16.89
N LYS A 244 -29.25 51.46 -16.07
CA LYS A 244 -28.76 51.16 -14.73
C LYS A 244 -29.90 50.73 -13.80
N VAL A 245 -29.81 49.50 -13.32
CA VAL A 245 -30.77 48.99 -12.34
C VAL A 245 -30.38 49.50 -10.97
N THR A 246 -31.34 50.11 -10.29
CA THR A 246 -31.10 50.61 -8.94
C THR A 246 -31.82 49.75 -7.92
N LYS A 247 -32.91 49.11 -8.35
CA LYS A 247 -33.78 48.38 -7.44
C LYS A 247 -34.33 47.11 -8.07
N VAL A 248 -34.32 46.04 -7.29
CA VAL A 248 -34.94 44.79 -7.71
C VAL A 248 -35.97 44.38 -6.67
N ASN A 249 -37.26 44.37 -7.05
CA ASN A 249 -38.29 43.84 -6.16
C ASN A 249 -38.64 42.39 -6.52
N ALA A 250 -37.93 41.45 -5.89
CA ALA A 250 -38.08 40.04 -6.25
C ALA A 250 -39.50 39.51 -6.03
N ASN A 251 -40.21 40.08 -5.06
CA ASN A 251 -41.58 39.67 -4.75
C ASN A 251 -42.60 40.11 -5.81
N ASN A 252 -42.38 41.29 -6.39
CA ASN A 252 -43.24 41.79 -7.46
C ASN A 252 -42.76 41.40 -8.85
N LYS A 253 -41.57 40.81 -8.90
CA LYS A 253 -40.88 40.56 -10.16
C LYS A 253 -40.81 41.83 -11.00
N THR A 254 -40.41 42.93 -10.37
CA THR A 254 -40.16 44.16 -11.09
C THR A 254 -38.76 44.72 -10.80
N VAL A 255 -38.23 45.46 -11.76
CA VAL A 255 -36.95 46.12 -11.60
C VAL A 255 -37.16 47.61 -11.84
N THR A 256 -36.41 48.44 -11.13
CA THR A 256 -36.47 49.88 -11.36
C THR A 256 -35.12 50.40 -11.78
N LEU A 257 -35.11 51.15 -12.88
CA LEU A 257 -33.89 51.72 -13.40
C LEU A 257 -33.66 53.11 -12.84
N GLN A 258 -32.41 53.55 -12.88
CA GLN A 258 -32.00 54.90 -12.51
C GLN A 258 -33.00 55.99 -12.89
N ASP A 259 -33.47 55.99 -14.15
CA ASP A 259 -34.33 57.06 -14.63
C ASP A 259 -35.79 56.89 -14.20
N GLY A 260 -36.05 55.92 -13.34
CA GLY A 260 -37.39 55.70 -12.82
C GLY A 260 -38.22 54.71 -13.60
N THR A 261 -37.73 54.29 -14.77
CA THR A 261 -38.41 53.27 -15.56
C THR A 261 -38.52 51.97 -14.78
N THR A 262 -39.71 51.35 -14.81
CA THR A 262 -39.91 50.05 -14.16
C THR A 262 -40.09 48.94 -15.19
N ILE A 263 -39.39 47.83 -14.99
CA ILE A 263 -39.53 46.66 -15.87
C ILE A 263 -40.01 45.43 -15.10
N GLY A 264 -41.14 44.88 -15.51
CA GLY A 264 -41.64 43.64 -14.94
C GLY A 264 -41.18 42.44 -15.76
N TYR A 265 -40.88 41.34 -15.06
CA TYR A 265 -40.37 40.14 -15.72
C TYR A 265 -41.06 38.88 -15.19
N LYS A 266 -40.94 37.79 -15.95
CA LYS A 266 -41.33 36.48 -15.45
C LYS A 266 -40.09 35.74 -14.93
N LYS A 267 -39.01 35.82 -15.67
CA LYS A 267 -37.74 35.18 -15.29
C LYS A 267 -36.62 36.20 -15.37
N LEU A 268 -35.80 36.25 -14.33
CA LEU A 268 -34.69 37.22 -14.31
C LEU A 268 -33.33 36.54 -14.38
N VAL A 269 -32.54 36.92 -15.39
CA VAL A 269 -31.15 36.47 -15.49
C VAL A 269 -30.25 37.61 -15.07
N SER A 270 -29.72 37.53 -13.86
CA SER A 270 -28.87 38.59 -13.33
C SER A 270 -27.40 38.20 -13.39
N THR A 271 -26.60 39.01 -14.07
CA THR A 271 -25.17 38.74 -14.20
C THR A 271 -24.35 39.76 -13.42
N MET A 272 -25.03 40.62 -12.65
CA MET A 272 -24.26 41.55 -11.80
C MET A 272 -23.66 40.76 -10.65
N ALA A 273 -22.66 41.33 -9.98
CA ALA A 273 -22.08 40.67 -8.83
C ALA A 273 -23.18 40.35 -7.81
N VAL A 274 -23.21 39.12 -7.30
CA VAL A 274 -24.32 38.66 -6.45
C VAL A 274 -24.43 39.45 -5.13
N ASP A 275 -23.31 39.94 -4.63
CA ASP A 275 -23.35 40.80 -3.46
C ASP A 275 -24.07 42.12 -3.75
N PHE A 276 -23.85 42.69 -4.94
CA PHE A 276 -24.61 43.88 -5.34
C PHE A 276 -26.10 43.55 -5.57
N LEU A 277 -26.37 42.36 -6.11
CA LEU A 277 -27.76 41.98 -6.35
C LEU A 277 -28.53 41.95 -5.03
N ALA A 278 -27.90 41.43 -3.98
CA ALA A 278 -28.56 41.34 -2.68
C ALA A 278 -28.94 42.74 -2.23
N GLU A 279 -28.01 43.66 -2.37
CA GLU A 279 -28.23 45.05 -2.00
C GLU A 279 -29.38 45.67 -2.80
N ALA A 280 -29.37 45.45 -4.12
CA ALA A 280 -30.42 45.98 -4.97
C ALA A 280 -31.77 45.40 -4.59
N MET A 281 -31.75 44.18 -4.08
CA MET A 281 -33.00 43.50 -3.67
C MET A 281 -33.51 43.94 -2.31
N ASN A 282 -32.65 44.64 -1.56
CA ASN A 282 -32.90 44.97 -0.15
C ASN A 282 -33.24 43.73 0.67
N ASP A 283 -32.51 42.66 0.40
CA ASP A 283 -32.75 41.38 1.05
C ASP A 283 -31.63 41.13 2.05
N GLN A 284 -31.93 41.39 3.31
CA GLN A 284 -30.93 41.44 4.36
C GLN A 284 -30.29 40.07 4.61
N GLU A 285 -31.09 39.01 4.43
CA GLU A 285 -30.58 37.65 4.55
C GLU A 285 -29.56 37.35 3.45
N LEU A 286 -29.88 37.74 2.22
CA LEU A 286 -28.93 37.57 1.11
C LEU A 286 -27.72 38.49 1.25
N VAL A 287 -27.92 39.68 1.80
CA VAL A 287 -26.80 40.59 2.03
C VAL A 287 -25.81 39.92 2.99
N GLY A 288 -26.36 39.28 4.03
CA GLY A 288 -25.54 38.63 5.03
C GLY A 288 -24.77 37.46 4.47
N LEU A 289 -25.46 36.67 3.64
CA LEU A 289 -24.87 35.49 3.03
C LEU A 289 -23.82 35.88 1.99
N THR A 290 -24.12 36.87 1.16
CA THR A 290 -23.18 37.27 0.11
C THR A 290 -21.89 37.90 0.64
N LYS A 291 -21.95 38.46 1.85
CA LYS A 291 -20.75 39.04 2.46
C LYS A 291 -19.78 37.97 3.01
N GLN A 292 -20.23 36.72 3.03
CA GLN A 292 -19.38 35.61 3.47
C GLN A 292 -18.47 35.15 2.31
N LEU A 293 -18.76 35.65 1.11
CA LEU A 293 -18.01 35.31 -0.09
C LEU A 293 -16.74 36.13 -0.18
N PHE A 294 -15.61 35.47 -0.36
CA PHE A 294 -14.35 36.15 -0.47
C PHE A 294 -14.01 36.46 -1.92
N TYR A 295 -13.35 37.59 -2.14
CA TYR A 295 -12.81 37.93 -3.45
C TYR A 295 -11.54 38.75 -3.30
N SER A 296 -10.70 38.71 -4.31
CA SER A 296 -9.53 39.55 -4.35
C SER A 296 -9.73 40.65 -5.39
N SER A 297 -8.98 41.75 -5.24
CA SER A 297 -8.99 42.82 -6.23
C SER A 297 -7.75 42.74 -7.13
N THR A 298 -7.95 43.04 -8.42
CA THR A 298 -6.90 42.88 -9.40
C THR A 298 -6.45 44.23 -9.92
N HIS A 299 -5.16 44.48 -9.91
CA HIS A 299 -4.62 45.67 -10.53
C HIS A 299 -4.04 45.28 -11.87
N VAL A 300 -4.46 45.97 -12.91
CA VAL A 300 -3.85 45.79 -14.23
C VAL A 300 -2.90 46.95 -14.52
N ILE A 301 -1.64 46.64 -14.80
CA ILE A 301 -0.67 47.67 -15.18
C ILE A 301 -0.22 47.46 -16.63
N GLY A 302 -0.23 48.52 -17.42
CA GLY A 302 0.21 48.48 -18.80
C GLY A 302 1.44 49.35 -19.02
N VAL A 303 2.41 48.85 -19.79
CA VAL A 303 3.61 49.59 -20.06
C VAL A 303 3.94 49.59 -21.55
N GLY A 304 4.03 50.76 -22.16
CA GLY A 304 4.33 50.88 -23.58
C GLY A 304 5.80 51.21 -23.74
N VAL A 305 6.51 50.47 -24.59
CA VAL A 305 7.95 50.62 -24.68
C VAL A 305 8.40 50.95 -26.10
N ARG A 306 9.33 51.89 -26.22
CA ARG A 306 9.90 52.21 -27.53
C ARG A 306 10.97 51.17 -27.87
N GLY A 307 10.97 50.75 -29.13
CA GLY A 307 11.95 49.78 -29.59
C GLY A 307 11.29 48.68 -30.36
N SER A 308 12.03 48.08 -31.28
CA SER A 308 11.57 46.86 -31.90
C SER A 308 11.66 45.78 -30.83
N ARG A 309 10.83 44.74 -30.96
CA ARG A 309 10.76 43.67 -29.95
C ARG A 309 12.13 43.05 -29.70
N PRO A 310 12.60 43.10 -28.44
CA PRO A 310 13.92 42.58 -28.07
C PRO A 310 13.99 41.06 -28.19
N GLU A 311 15.14 40.53 -28.62
CA GLU A 311 15.33 39.09 -28.79
C GLU A 311 14.99 38.33 -27.52
N ARG A 312 15.40 38.88 -26.37
CA ARG A 312 15.21 38.21 -25.09
C ARG A 312 13.71 38.01 -24.83
N ILE A 313 12.87 38.77 -25.53
CA ILE A 313 11.43 38.63 -25.39
C ILE A 313 10.91 37.66 -26.44
N GLY A 314 11.20 37.95 -27.70
CA GLY A 314 10.81 37.07 -28.77
C GLY A 314 9.32 36.76 -28.77
N ASP A 315 9.00 35.48 -28.93
CA ASP A 315 7.62 35.04 -29.16
C ASP A 315 6.84 34.71 -27.88
N LYS A 316 7.41 35.08 -26.74
CA LYS A 316 6.74 34.85 -25.47
C LYS A 316 5.34 35.47 -25.50
N CYS A 317 4.37 34.74 -24.95
CA CYS A 317 3.01 35.23 -24.87
C CYS A 317 2.69 35.63 -23.44
N TRP A 318 2.58 34.66 -22.55
CA TRP A 318 2.44 35.00 -21.14
C TRP A 318 3.49 34.33 -20.27
N LEU A 319 3.65 34.85 -19.06
CA LEU A 319 4.81 34.59 -18.23
C LEU A 319 4.37 34.56 -16.77
N TYR A 320 4.94 33.65 -15.99
CA TYR A 320 4.53 33.46 -14.59
C TYR A 320 5.67 33.88 -13.67
N PHE A 321 5.33 34.49 -12.54
CA PHE A 321 6.34 35.01 -11.63
C PHE A 321 6.06 34.62 -10.18
N PRO A 322 6.56 33.46 -9.76
CA PRO A 322 6.46 33.02 -8.35
C PRO A 322 7.36 33.83 -7.43
N GLU A 323 8.40 34.47 -7.96
CA GLU A 323 9.38 35.09 -7.08
C GLU A 323 9.01 36.45 -6.47
N ASP A 324 9.76 36.82 -5.44
CA ASP A 324 9.52 38.02 -4.66
C ASP A 324 9.98 39.33 -5.32
N ASN A 325 10.84 39.24 -6.35
CA ASN A 325 11.45 40.45 -6.94
C ASN A 325 10.53 41.26 -7.86
N CYS A 326 9.27 40.87 -7.97
CA CYS A 326 8.30 41.66 -8.70
C CYS A 326 6.94 41.43 -8.05
N PRO A 327 6.07 42.45 -8.09
CA PRO A 327 4.78 42.36 -7.40
C PRO A 327 3.68 41.70 -8.24
N PHE A 328 3.92 41.56 -9.53
CA PHE A 328 2.92 40.97 -10.42
C PHE A 328 3.07 39.44 -10.47
N TYR A 329 1.97 38.72 -10.75
CA TYR A 329 2.04 37.25 -10.85
C TYR A 329 2.17 36.77 -12.30
N ARG A 330 1.64 37.55 -13.23
CA ARG A 330 1.69 37.19 -14.63
C ARG A 330 2.00 38.44 -15.46
N ALA A 331 2.75 38.26 -16.54
CA ALA A 331 2.95 39.31 -17.53
C ALA A 331 2.57 38.80 -18.91
N THR A 332 2.14 39.72 -19.76
CA THR A 332 1.72 39.39 -21.11
C THR A 332 2.41 40.30 -22.12
N ILE A 333 3.04 39.72 -23.14
CA ILE A 333 3.61 40.53 -24.19
C ILE A 333 2.48 40.88 -25.14
N PHE A 334 1.69 41.89 -24.77
CA PHE A 334 0.42 42.14 -25.45
C PHE A 334 0.61 42.61 -26.89
N SER A 335 1.76 43.23 -27.18
CA SER A 335 2.10 43.56 -28.55
C SER A 335 2.35 42.34 -29.46
N ASN A 336 2.58 41.14 -28.91
CA ASN A 336 2.68 39.94 -29.76
C ASN A 336 1.32 39.43 -30.22
N TYR A 337 0.25 39.89 -29.56
CA TYR A 337 -1.08 39.38 -29.81
C TYR A 337 -1.67 39.99 -31.08
N SER A 338 -1.34 41.26 -31.33
CA SER A 338 -1.83 41.96 -32.53
C SER A 338 -1.02 43.21 -32.82
N PRO A 339 -0.74 43.47 -34.10
CA PRO A 339 -0.04 44.74 -34.40
C PRO A 339 -0.92 45.95 -34.06
N TYR A 340 -2.23 45.75 -33.90
CA TYR A 340 -3.09 46.89 -33.60
C TYR A 340 -3.37 47.11 -32.11
N ASN A 341 -2.60 46.45 -31.25
CA ASN A 341 -2.70 46.66 -29.81
C ASN A 341 -1.85 47.86 -29.34
N GLN A 342 -1.11 48.44 -30.26
CA GLN A 342 -0.25 49.58 -29.96
C GLN A 342 0.01 50.38 -31.25
N PRO A 343 0.58 51.59 -31.13
CA PRO A 343 0.71 52.48 -32.28
C PRO A 343 1.66 51.93 -33.32
N GLU A 344 1.47 52.33 -34.57
CA GLU A 344 2.41 52.07 -35.64
C GLU A 344 3.78 52.71 -35.38
N ALA A 345 4.81 52.17 -36.01
CA ALA A 345 6.15 52.69 -35.85
C ALA A 345 6.29 54.20 -36.15
N SER A 346 5.44 54.70 -37.04
CA SER A 346 5.56 56.09 -37.48
C SER A 346 4.98 57.10 -36.47
N ALA A 347 4.28 56.60 -35.45
CA ALA A 347 3.71 57.46 -34.42
C ALA A 347 4.80 58.06 -33.54
N ALA A 348 4.73 59.36 -33.31
CA ALA A 348 5.76 60.04 -32.53
C ALA A 348 5.28 60.27 -31.11
N LEU A 349 6.03 59.78 -30.14
CA LEU A 349 5.63 59.92 -28.75
C LEU A 349 6.88 60.26 -28.00
N PRO A 350 6.76 61.11 -26.98
CA PRO A 350 7.92 61.40 -26.13
C PRO A 350 8.11 60.30 -25.10
N THR A 351 9.33 60.14 -24.63
CA THR A 351 9.62 59.25 -23.51
C THR A 351 9.14 59.89 -22.21
N MET A 352 8.32 59.15 -21.48
CA MET A 352 7.79 59.60 -20.19
C MET A 352 8.84 59.38 -19.11
N GLN A 353 9.52 58.24 -19.19
CA GLN A 353 10.54 57.87 -18.20
C GLN A 353 11.37 56.71 -18.73
N LEU A 354 12.56 56.54 -18.18
CA LEU A 354 13.34 55.35 -18.44
C LEU A 354 12.89 54.29 -17.43
N ALA A 355 13.17 53.02 -17.74
CA ALA A 355 12.69 51.92 -16.88
C ALA A 355 13.28 51.92 -15.46
N ASP A 356 14.47 52.49 -15.31
CA ASP A 356 15.05 52.63 -13.98
C ASP A 356 14.43 53.81 -13.22
N GLY A 357 13.42 54.44 -13.80
CA GLY A 357 12.66 55.48 -13.10
C GLY A 357 13.10 56.92 -13.33
N SER A 358 14.27 57.12 -13.93
CA SER A 358 14.80 58.48 -14.14
C SER A 358 14.16 59.20 -15.32
N ARG A 359 14.40 60.51 -15.40
CA ARG A 359 13.87 61.31 -16.50
C ARG A 359 14.74 61.08 -17.73
N PRO A 360 14.13 61.13 -18.92
CA PRO A 360 14.86 60.94 -20.18
C PRO A 360 15.72 62.16 -20.51
N GLN A 361 16.75 61.94 -21.35
CA GLN A 361 17.62 63.03 -21.80
C GLN A 361 16.86 64.03 -22.68
N SER A 362 15.95 63.51 -23.51
CA SER A 362 15.18 64.37 -24.42
C SER A 362 13.67 64.28 -24.20
N THR A 363 13.02 65.45 -24.25
CA THR A 363 11.57 65.54 -24.18
C THR A 363 10.94 65.35 -25.55
N GLU A 364 11.78 65.28 -26.58
CA GLU A 364 11.31 65.26 -27.96
C GLU A 364 10.52 64.01 -28.28
N ALA A 365 9.39 64.17 -28.98
CA ALA A 365 8.68 63.02 -29.50
C ALA A 365 9.57 62.33 -30.55
N LYS A 366 9.65 61.01 -30.46
CA LYS A 366 10.43 60.21 -31.40
C LYS A 366 9.50 59.11 -31.92
N GLU A 367 9.94 58.41 -32.96
CA GLU A 367 9.13 57.34 -33.52
C GLU A 367 9.34 56.02 -32.78
N GLY A 368 8.55 55.02 -33.17
CA GLY A 368 8.69 53.65 -32.69
C GLY A 368 9.76 52.89 -33.47
N PRO A 369 9.55 51.58 -33.69
CA PRO A 369 8.38 50.76 -33.30
C PRO A 369 8.14 50.71 -31.79
N TYR A 370 6.99 50.17 -31.40
CA TYR A 370 6.64 50.03 -30.00
C TYR A 370 6.26 48.61 -29.65
N TRP A 371 6.58 48.19 -28.43
CA TRP A 371 6.03 46.96 -27.90
C TRP A 371 5.40 47.24 -26.54
N SER A 372 4.80 46.22 -25.94
CA SER A 372 3.85 46.49 -24.85
C SER A 372 3.71 45.33 -23.89
N ILE A 373 3.83 45.63 -22.60
CA ILE A 373 3.67 44.65 -21.53
C ILE A 373 2.44 44.95 -20.68
N MET A 374 1.71 43.89 -20.33
CA MET A 374 0.57 44.02 -19.41
CA MET A 374 0.54 43.97 -19.45
C MET A 374 0.81 43.14 -18.19
N LEU A 375 0.58 43.72 -17.02
CA LEU A 375 0.91 43.06 -15.76
C LEU A 375 -0.31 42.90 -14.86
N GLU A 376 -0.38 41.79 -14.13
CA GLU A 376 -1.47 41.57 -13.20
C GLU A 376 -0.96 41.45 -11.77
N VAL A 377 -1.58 42.21 -10.89
CA VAL A 377 -1.23 42.20 -9.47
C VAL A 377 -2.50 41.95 -8.68
N SER A 378 -2.43 41.07 -7.69
CA SER A 378 -3.59 40.80 -6.86
C SER A 378 -3.47 41.37 -5.46
N GLU A 379 -4.62 41.71 -4.89
CA GLU A 379 -4.65 42.26 -3.55
C GLU A 379 -5.88 41.74 -2.81
N SER A 380 -5.77 41.62 -1.50
CA SER A 380 -6.93 41.28 -0.66
C SER A 380 -6.67 41.69 0.78
N SER A 381 -7.69 41.52 1.62
CA SER A 381 -7.57 41.77 3.06
C SER A 381 -6.44 40.97 3.69
N MET A 382 -6.11 39.82 3.10
CA MET A 382 -4.97 39.03 3.61
C MET A 382 -3.63 39.40 2.95
N LYS A 383 -3.69 40.06 1.80
CA LYS A 383 -2.45 40.44 1.13
C LYS A 383 -2.57 41.85 0.57
N PRO A 384 -2.34 42.86 1.42
CA PRO A 384 -2.49 44.26 1.04
C PRO A 384 -1.44 44.68 0.04
N VAL A 385 -1.78 45.66 -0.79
CA VAL A 385 -0.86 46.23 -1.74
C VAL A 385 -0.86 47.74 -1.58
N ASN A 386 0.31 48.37 -1.69
CA ASN A 386 0.39 49.82 -1.69
C ASN A 386 -0.05 50.38 -3.05
N GLN A 387 -1.26 50.95 -3.10
CA GLN A 387 -1.84 51.44 -4.35
C GLN A 387 -1.04 52.58 -4.97
N GLU A 388 -0.46 53.41 -4.12
CA GLU A 388 0.29 54.58 -4.60
C GLU A 388 1.61 54.25 -5.29
N THR A 389 2.21 53.10 -4.96
CA THR A 389 3.52 52.80 -5.52
C THR A 389 3.51 51.61 -6.50
N ILE A 390 2.34 51.05 -6.75
CA ILE A 390 2.28 49.78 -7.48
C ILE A 390 2.78 49.91 -8.92
N LEU A 391 2.46 51.03 -9.59
CA LEU A 391 2.97 51.25 -10.95
C LEU A 391 4.49 51.24 -10.97
N ALA A 392 5.13 52.11 -10.19
CA ALA A 392 6.59 52.13 -10.10
C ALA A 392 7.16 50.78 -9.65
N ASP A 393 6.50 50.11 -8.72
CA ASP A 393 6.95 48.80 -8.26
C ASP A 393 6.87 47.77 -9.40
N CYS A 394 5.81 47.84 -10.20
CA CYS A 394 5.72 46.99 -11.39
C CYS A 394 6.89 47.23 -12.36
N ILE A 395 7.22 48.50 -12.58
CA ILE A 395 8.25 48.84 -13.54
C ILE A 395 9.61 48.36 -13.04
N GLN A 396 9.87 48.58 -11.77
CA GLN A 396 11.08 48.04 -11.15
C GLN A 396 11.11 46.51 -11.26
N GLY A 397 9.94 45.87 -11.09
CA GLY A 397 9.85 44.42 -11.29
C GLY A 397 10.27 43.99 -12.70
N LEU A 398 9.87 44.77 -13.69
CA LEU A 398 10.28 44.55 -15.07
C LEU A 398 11.80 44.62 -15.23
N VAL A 399 12.44 45.55 -14.52
CA VAL A 399 13.89 45.60 -14.51
C VAL A 399 14.48 44.43 -13.74
N ASN A 400 13.89 44.10 -12.59
CA ASN A 400 14.42 43.01 -11.77
C ASN A 400 14.42 41.67 -12.51
N THR A 401 13.36 41.41 -13.27
CA THR A 401 13.27 40.16 -14.02
C THR A 401 13.91 40.26 -15.40
N GLU A 402 14.60 41.37 -15.68
CA GLU A 402 15.30 41.55 -16.95
C GLU A 402 14.39 41.65 -18.18
N MET A 403 13.09 41.82 -17.98
CA MET A 403 12.20 42.09 -19.12
C MET A 403 12.51 43.46 -19.74
N LEU A 404 12.88 44.43 -18.91
CA LEU A 404 13.33 45.72 -19.42
C LEU A 404 14.78 45.98 -19.00
N LYS A 405 15.53 46.64 -19.87
CA LYS A 405 16.82 47.22 -19.46
C LYS A 405 16.54 48.53 -18.74
N PRO A 406 17.43 48.91 -17.81
CA PRO A 406 17.32 50.21 -17.13
C PRO A 406 17.13 51.37 -18.11
N THR A 407 17.74 51.27 -19.29
CA THR A 407 17.71 52.37 -20.26
C THR A 407 16.51 52.34 -21.19
N ASP A 408 15.68 51.31 -21.08
CA ASP A 408 14.52 51.23 -21.96
C ASP A 408 13.62 52.47 -21.80
N GLU A 409 13.05 52.93 -22.90
CA GLU A 409 12.25 54.14 -22.89
C GLU A 409 10.77 53.82 -22.84
N ILE A 410 10.11 54.28 -21.77
CA ILE A 410 8.69 54.04 -21.58
C ILE A 410 7.90 55.23 -22.11
N VAL A 411 6.97 54.95 -23.02
CA VAL A 411 6.22 56.00 -23.71
C VAL A 411 4.76 56.02 -23.29
N SER A 412 4.34 55.02 -22.54
CA SER A 412 2.96 55.03 -22.07
C SER A 412 2.82 54.18 -20.81
N THR A 413 1.96 54.61 -19.89
CA THR A 413 1.67 53.82 -18.72
C THR A 413 0.17 53.75 -18.48
N TYR A 414 -0.25 52.67 -17.82
CA TYR A 414 -1.65 52.40 -17.59
C TYR A 414 -1.75 51.69 -16.25
N HIS A 415 -2.78 52.04 -15.49
CA HIS A 415 -3.05 51.37 -14.23
C HIS A 415 -4.52 51.47 -13.91
N ARG A 416 -5.13 50.33 -13.64
CA ARG A 416 -6.53 50.30 -13.24
C ARG A 416 -6.78 49.19 -12.24
N ARG A 417 -7.58 49.51 -11.23
CA ARG A 417 -7.90 48.59 -10.17
C ARG A 417 -9.32 48.09 -10.38
N PHE A 418 -9.48 46.78 -10.43
CA PHE A 418 -10.80 46.16 -10.52
C PHE A 418 -11.16 45.57 -9.17
N ASP A 419 -12.14 46.16 -8.51
CA ASP A 419 -12.46 45.80 -7.13
C ASP A 419 -12.84 44.32 -6.99
N HIS A 420 -13.80 43.87 -7.79
CA HIS A 420 -14.09 42.44 -7.87
C HIS A 420 -13.26 41.86 -8.98
N GLY A 421 -12.11 41.26 -8.64
CA GLY A 421 -11.18 40.69 -9.61
C GLY A 421 -11.34 39.19 -9.81
N TYR A 422 -11.01 38.41 -8.78
CA TYR A 422 -11.26 36.97 -8.78
C TYR A 422 -12.23 36.63 -7.65
N PRO A 423 -13.27 35.83 -7.95
CA PRO A 423 -14.06 35.26 -6.85
C PRO A 423 -13.28 34.05 -6.35
N THR A 424 -12.91 34.05 -5.09
CA THR A 424 -11.90 33.11 -4.61
C THR A 424 -12.52 31.76 -4.30
N PRO A 425 -11.91 30.68 -4.81
CA PRO A 425 -12.32 29.31 -4.47
C PRO A 425 -11.87 28.90 -3.07
N THR A 426 -12.45 29.53 -2.05
CA THR A 426 -12.11 29.23 -0.67
C THR A 426 -12.79 27.94 -0.24
N LEU A 427 -12.30 27.35 0.85
CA LEU A 427 -12.98 26.21 1.47
C LEU A 427 -14.44 26.50 1.80
N GLU A 428 -14.77 27.77 2.09
CA GLU A 428 -16.13 28.14 2.50
C GLU A 428 -17.09 28.39 1.34
N ARG A 429 -16.54 28.55 0.14
CA ARG A 429 -17.34 29.02 -0.99
C ARG A 429 -18.62 28.19 -1.21
N GLU A 430 -18.48 26.88 -1.34
CA GLU A 430 -19.65 26.07 -1.67
C GLU A 430 -20.80 26.11 -0.63
N GLY A 431 -20.44 26.06 0.65
CA GLY A 431 -21.44 26.04 1.70
C GLY A 431 -22.31 27.29 1.59
N THR A 432 -21.65 28.41 1.36
CA THR A 432 -22.35 29.67 1.16
C THR A 432 -23.23 29.64 -0.10
N LEU A 433 -22.67 29.21 -1.22
CA LEU A 433 -23.37 29.29 -2.50
C LEU A 433 -24.57 28.34 -2.60
N THR A 434 -24.54 27.20 -1.90
CA THR A 434 -25.71 26.32 -1.87
C THR A 434 -26.85 26.83 -0.99
N GLN A 435 -26.60 27.90 -0.23
CA GLN A 435 -27.69 28.66 0.37
C GLN A 435 -28.17 29.78 -0.57
N ILE A 436 -27.22 30.57 -1.11
CA ILE A 436 -27.55 31.71 -1.97
C ILE A 436 -28.25 31.38 -3.28
N LEU A 437 -27.64 30.53 -4.09
CA LEU A 437 -28.13 30.25 -5.43
C LEU A 437 -29.52 29.60 -5.49
N PRO A 438 -29.81 28.64 -4.59
CA PRO A 438 -31.16 28.05 -4.62
C PRO A 438 -32.21 29.00 -4.07
N LYS A 439 -31.83 29.81 -3.09
CA LYS A 439 -32.71 30.84 -2.55
C LYS A 439 -33.15 31.84 -3.63
N LEU A 440 -32.21 32.27 -4.48
CA LEU A 440 -32.55 33.16 -5.60
C LEU A 440 -33.35 32.39 -6.66
N GLN A 441 -32.99 31.12 -6.82
CA GLN A 441 -33.66 30.25 -7.78
C GLN A 441 -35.16 30.17 -7.55
N ASP A 442 -35.54 30.11 -6.27
CA ASP A 442 -36.96 30.02 -5.91
C ASP A 442 -37.71 31.32 -6.07
N LYS A 443 -36.99 32.39 -6.39
CA LYS A 443 -37.60 33.67 -6.73
C LYS A 443 -37.64 33.80 -8.24
N ASP A 444 -37.27 32.74 -8.94
CA ASP A 444 -37.12 32.81 -10.39
C ASP A 444 -36.05 33.82 -10.79
N ILE A 445 -34.97 33.89 -10.02
CA ILE A 445 -33.82 34.68 -10.41
C ILE A 445 -32.63 33.76 -10.69
N TRP A 446 -32.13 33.81 -11.92
CA TRP A 446 -30.95 33.04 -12.29
C TRP A 446 -29.77 33.98 -12.18
N SER A 447 -29.02 33.85 -11.09
CA SER A 447 -27.85 34.69 -10.89
C SER A 447 -26.62 33.91 -11.37
N ARG A 448 -26.00 34.38 -12.45
CA ARG A 448 -24.99 33.61 -13.18
C ARG A 448 -23.83 34.49 -13.60
N GLY A 449 -22.64 33.93 -13.69
CA GLY A 449 -21.50 34.68 -14.19
C GLY A 449 -20.32 34.66 -13.23
N ARG A 450 -19.23 35.34 -13.62
CA ARG A 450 -18.01 35.35 -12.79
C ARG A 450 -18.34 35.69 -11.35
N PHE A 451 -19.08 36.78 -11.14
CA PHE A 451 -19.56 37.15 -9.81
C PHE A 451 -21.07 36.95 -9.65
N GLY A 452 -21.75 36.63 -10.75
CA GLY A 452 -23.15 36.27 -10.69
C GLY A 452 -23.34 34.99 -9.89
N SER A 453 -22.49 34.00 -10.14
CA SER A 453 -22.57 32.72 -9.46
C SER A 453 -21.29 32.44 -8.68
N TRP A 454 -20.28 33.29 -8.86
CA TRP A 454 -19.12 33.31 -7.97
C TRP A 454 -18.22 32.06 -8.01
N ARG A 455 -18.30 31.30 -9.09
CA ARG A 455 -17.42 30.15 -9.25
C ARG A 455 -16.33 30.46 -10.28
N TYR A 456 -15.11 30.63 -9.78
CA TYR A 456 -14.00 31.00 -10.61
C TYR A 456 -13.87 30.14 -11.84
N GLU A 457 -14.01 28.84 -11.66
CA GLU A 457 -13.69 27.87 -12.73
C GLU A 457 -14.62 27.97 -13.93
N VAL A 458 -15.69 28.75 -13.79
CA VAL A 458 -16.54 29.01 -14.95
C VAL A 458 -16.71 30.50 -15.17
N GLY A 459 -15.67 31.26 -14.80
CA GLY A 459 -15.77 32.70 -14.78
C GLY A 459 -15.00 33.40 -15.87
N ASN A 460 -14.37 32.64 -16.76
CA ASN A 460 -13.71 33.23 -17.91
C ASN A 460 -14.67 33.31 -19.09
N GLN A 461 -14.19 33.82 -20.23
CA GLN A 461 -15.09 34.20 -21.31
C GLN A 461 -15.98 33.08 -21.88
N ASP A 462 -15.40 31.96 -22.29
CA ASP A 462 -16.21 30.92 -22.92
C ASP A 462 -17.20 30.31 -21.94
N HIS A 463 -16.76 30.06 -20.71
CA HIS A 463 -17.63 29.45 -19.71
C HIS A 463 -18.74 30.43 -19.30
N SER A 464 -18.38 31.69 -19.08
CA SER A 464 -19.38 32.66 -18.62
C SER A 464 -20.43 32.85 -19.70
N PHE A 465 -19.98 32.95 -20.94
CA PHE A 465 -20.89 33.08 -22.07
C PHE A 465 -21.90 31.94 -22.05
N MET A 466 -21.42 30.71 -21.84
CA MET A 466 -22.31 29.55 -21.86
C MET A 466 -23.18 29.48 -20.61
N LEU A 467 -22.73 30.07 -19.50
CA LEU A 467 -23.59 30.17 -18.33
C LEU A 467 -24.87 30.92 -18.68
N GLY A 468 -24.73 31.99 -19.47
CA GLY A 468 -25.88 32.78 -19.92
C GLY A 468 -26.77 31.98 -20.86
N VAL A 469 -26.14 31.35 -21.86
CA VAL A 469 -26.85 30.52 -22.82
C VAL A 469 -27.62 29.40 -22.12
N GLU A 470 -26.92 28.68 -21.25
CA GLU A 470 -27.53 27.56 -20.54
C GLU A 470 -28.64 27.99 -19.57
N ALA A 471 -28.51 29.17 -18.97
CA ALA A 471 -29.57 29.67 -18.10
C ALA A 471 -30.87 29.85 -18.88
N VAL A 472 -30.75 30.47 -20.05
CA VAL A 472 -31.87 30.66 -20.97
C VAL A 472 -32.47 29.32 -21.40
N ASP A 473 -31.58 28.41 -21.78
CA ASP A 473 -31.99 27.09 -22.24
C ASP A 473 -32.71 26.32 -21.13
N ASN A 474 -32.35 26.62 -19.89
CA ASN A 474 -33.00 26.02 -18.73
C ASN A 474 -34.37 26.65 -18.52
N ILE A 475 -34.43 27.97 -18.65
CA ILE A 475 -35.68 28.69 -18.51
C ILE A 475 -36.69 28.30 -19.57
N VAL A 476 -36.22 28.03 -20.78
CA VAL A 476 -37.13 27.85 -21.90
C VAL A 476 -37.29 26.40 -22.34
N ASN A 477 -36.19 25.66 -22.41
CA ASN A 477 -36.22 24.32 -22.95
C ASN A 477 -36.01 23.22 -21.90
N GLY A 478 -35.92 23.60 -20.63
CA GLY A 478 -35.73 22.64 -19.57
C GLY A 478 -34.39 21.91 -19.63
N ALA A 479 -33.38 22.59 -20.16
CA ALA A 479 -32.06 21.99 -20.33
C ALA A 479 -31.31 21.97 -19.00
N VAL A 480 -30.35 21.06 -18.87
CA VAL A 480 -29.52 21.02 -17.67
C VAL A 480 -28.50 22.17 -17.70
N GLU A 481 -28.31 22.83 -16.57
CA GLU A 481 -27.25 23.81 -16.48
C GLU A 481 -25.92 23.12 -16.19
N LEU A 482 -25.31 22.59 -17.24
CA LEU A 482 -24.15 21.71 -17.08
C LEU A 482 -22.91 22.45 -16.63
N THR A 483 -22.72 23.64 -17.18
CA THR A 483 -21.52 24.44 -16.93
C THR A 483 -21.48 24.94 -15.50
N LEU A 484 -22.63 25.41 -15.02
CA LEU A 484 -22.71 25.92 -13.66
C LEU A 484 -22.39 24.83 -12.63
N ASN A 485 -22.98 23.65 -12.81
CA ASN A 485 -22.97 22.62 -11.77
C ASN A 485 -21.97 21.49 -12.00
N TYR A 486 -21.54 21.31 -13.24
CA TYR A 486 -20.60 20.25 -13.55
C TYR A 486 -19.47 20.70 -14.51
N PRO A 487 -18.66 21.68 -14.09
CA PRO A 487 -17.55 22.13 -14.93
C PRO A 487 -16.59 21.01 -15.38
N ASP A 488 -16.27 20.04 -14.52
CA ASP A 488 -15.43 18.92 -14.96
C ASP A 488 -16.07 18.18 -16.14
N PHE A 489 -17.39 18.08 -16.10
CA PHE A 489 -18.10 17.36 -17.15
C PHE A 489 -17.94 18.10 -18.48
N VAL A 490 -18.26 19.40 -18.49
CA VAL A 490 -18.18 20.16 -19.74
C VAL A 490 -16.74 20.32 -20.23
N ASN A 491 -15.79 20.44 -19.30
CA ASN A 491 -14.38 20.61 -19.68
C ASN A 491 -13.74 19.35 -20.27
N GLY A 492 -14.28 18.17 -19.94
CA GLY A 492 -13.69 16.92 -20.41
C GLY A 492 -14.25 16.39 -21.72
N ARG A 493 -15.12 17.16 -22.38
CA ARG A 493 -15.80 16.64 -23.56
C ARG A 493 -15.83 17.69 -24.66
N GLN A 494 -16.16 17.24 -25.88
CA GLN A 494 -16.40 18.14 -26.99
C GLN A 494 -17.86 18.56 -26.95
N ASN A 495 -18.12 19.83 -26.65
CA ASN A 495 -19.50 20.29 -26.57
C ASN A 495 -20.00 20.80 -27.92
N THR A 496 -20.42 19.86 -28.77
CA THR A 496 -20.71 20.12 -30.17
C THR A 496 -22.20 20.19 -30.46
N GLU A 497 -23.03 19.84 -29.48
CA GLU A 497 -24.47 19.66 -29.73
C GLU A 497 -25.24 20.97 -29.92
N ARG A 498 -24.99 21.94 -29.05
CA ARG A 498 -25.73 23.20 -29.12
C ARG A 498 -25.11 24.14 -30.15
N ARG A 499 -25.93 24.62 -31.09
CA ARG A 499 -25.46 25.44 -32.22
C ARG A 499 -26.22 26.76 -32.35
N LEU A 500 -25.62 27.73 -33.03
CA LEU A 500 -26.29 29.00 -33.28
C LEU A 500 -27.51 28.80 -34.20
N VAL A 501 -27.45 27.78 -35.03
CA VAL A 501 -28.64 27.34 -35.79
C VAL A 501 -28.96 25.89 -35.45
N ASP A 502 -29.98 25.68 -34.62
CA ASP A 502 -30.39 24.32 -34.22
C ASP A 502 -31.53 23.86 -35.12
N GLY A 503 -31.93 22.60 -34.98
CA GLY A 503 -33.04 22.08 -35.76
C GLY A 503 -34.26 22.98 -35.68
N ALA A 504 -34.52 23.54 -34.51
CA ALA A 504 -35.71 24.35 -34.30
C ALA A 504 -35.83 25.44 -35.35
N GLN A 505 -34.76 26.20 -35.54
CA GLN A 505 -34.74 27.29 -36.51
C GLN A 505 -34.77 26.76 -37.94
N VAL A 506 -34.09 25.65 -38.17
CA VAL A 506 -34.08 25.04 -39.50
C VAL A 506 -35.47 24.62 -39.95
N PHE A 507 -36.18 23.88 -39.09
CA PHE A 507 -37.50 23.36 -39.44
C PHE A 507 -38.55 24.45 -39.57
N ALA A 508 -38.36 25.56 -38.86
CA ALA A 508 -39.32 26.66 -38.89
C ALA A 508 -39.15 27.53 -40.13
N LYS A 509 -37.93 27.61 -40.66
CA LYS A 509 -37.66 28.39 -41.86
C LYS A 509 -38.15 27.68 -43.14
N SER A 510 -38.78 26.52 -42.95
CA SER A 510 -39.34 25.77 -44.08
C SER A 510 -40.74 25.27 -43.75
N HIS B 6 48.32 -6.46 49.85
CA HIS B 6 47.71 -7.76 49.54
C HIS B 6 46.46 -8.04 50.39
N PRO B 7 45.39 -8.55 49.75
CA PRO B 7 44.08 -8.76 50.39
C PRO B 7 43.98 -10.09 51.13
N ASP B 8 43.00 -10.20 52.03
CA ASP B 8 42.80 -11.41 52.82
C ASP B 8 42.58 -12.65 51.94
N ILE B 9 41.69 -12.52 50.96
CA ILE B 9 41.39 -13.60 50.04
C ILE B 9 41.62 -13.14 48.59
N SER B 10 42.16 -14.04 47.76
CA SER B 10 42.36 -13.75 46.33
C SER B 10 41.79 -14.85 45.45
N VAL B 11 40.96 -14.46 44.49
CA VAL B 11 40.42 -15.42 43.52
C VAL B 11 40.46 -14.83 42.13
N ASP B 12 40.47 -15.69 41.11
CA ASP B 12 40.38 -15.24 39.72
C ASP B 12 39.02 -14.61 39.43
N VAL B 13 37.96 -15.26 39.85
CA VAL B 13 36.61 -14.77 39.58
C VAL B 13 35.74 -14.73 40.84
N LEU B 14 35.30 -13.54 41.20
CA LEU B 14 34.45 -13.34 42.36
C LEU B 14 32.99 -13.10 41.93
N VAL B 15 32.06 -13.79 42.55
CA VAL B 15 30.63 -13.63 42.26
C VAL B 15 29.93 -13.04 43.46
N ILE B 16 29.22 -11.93 43.24
CA ILE B 16 28.41 -11.34 44.30
C ILE B 16 26.94 -11.63 44.03
N GLY B 17 26.33 -12.37 44.94
CA GLY B 17 24.92 -12.70 44.85
C GLY B 17 24.71 -14.17 44.57
N ALA B 18 23.75 -14.75 45.27
CA ALA B 18 23.51 -16.17 45.13
C ALA B 18 22.05 -16.39 44.79
N GLY B 19 21.48 -15.44 44.04
CA GLY B 19 20.23 -15.67 43.35
C GLY B 19 20.52 -16.52 42.10
N PRO B 20 19.50 -16.75 41.28
CA PRO B 20 19.70 -17.58 40.09
C PRO B 20 20.91 -17.17 39.24
N THR B 21 21.15 -15.88 39.09
CA THR B 21 22.24 -15.40 38.25
C THR B 21 23.61 -15.79 38.82
N GLY B 22 23.85 -15.46 40.09
CA GLY B 22 25.08 -15.84 40.75
C GLY B 22 25.26 -17.35 40.81
N LEU B 23 24.19 -18.07 41.11
CA LEU B 23 24.26 -19.53 41.17
C LEU B 23 24.63 -20.11 39.81
N GLY B 24 24.17 -19.44 38.75
CA GLY B 24 24.52 -19.83 37.40
C GLY B 24 26.01 -19.67 37.15
N ALA B 25 26.54 -18.49 37.45
CA ALA B 25 27.97 -18.24 37.36
C ALA B 25 28.74 -19.30 38.15
N ALA B 26 28.34 -19.51 39.41
CA ALA B 26 29.00 -20.49 40.26
C ALA B 26 28.94 -21.91 39.67
N LYS B 27 27.78 -22.34 39.18
CA LYS B 27 27.69 -23.68 38.60
C LYS B 27 28.64 -23.83 37.43
N ARG B 28 28.73 -22.82 36.60
CA ARG B 28 29.59 -22.91 35.43
C ARG B 28 31.05 -22.91 35.87
N LEU B 29 31.39 -22.06 36.84
CA LEU B 29 32.76 -22.06 37.37
C LEU B 29 33.13 -23.42 37.97
N ASN B 30 32.17 -24.05 38.64
CA ASN B 30 32.40 -25.32 39.32
C ASN B 30 32.59 -26.46 38.34
N GLN B 31 31.77 -26.46 37.29
CA GLN B 31 31.93 -27.43 36.20
C GLN B 31 33.30 -27.30 35.49
N ILE B 32 33.66 -26.08 35.14
CA ILE B 32 34.94 -25.83 34.48
C ILE B 32 36.11 -26.17 35.40
N ASP B 33 36.00 -25.79 36.68
CA ASP B 33 37.03 -26.14 37.66
C ASP B 33 38.43 -25.79 37.16
N GLY B 34 38.59 -24.56 36.69
CA GLY B 34 39.87 -24.06 36.23
C GLY B 34 40.29 -22.86 37.09
N PRO B 35 39.90 -21.66 36.67
CA PRO B 35 40.15 -20.49 37.52
C PRO B 35 39.56 -20.69 38.90
N SER B 36 40.25 -20.17 39.91
CA SER B 36 39.72 -20.18 41.27
C SER B 36 38.56 -19.18 41.34
N TRP B 37 37.65 -19.39 42.30
CA TRP B 37 36.49 -18.52 42.41
C TRP B 37 35.85 -18.62 43.79
N MET B 38 34.96 -17.68 44.07
CA MET B 38 34.25 -17.63 45.34
C MET B 38 32.92 -16.92 45.11
N ILE B 39 31.89 -17.31 45.86
CA ILE B 39 30.60 -16.65 45.74
C ILE B 39 30.13 -16.17 47.11
N VAL B 40 29.78 -14.89 47.19
CA VAL B 40 29.34 -14.29 48.45
C VAL B 40 27.89 -13.83 48.37
N ASP B 41 27.15 -13.95 49.47
CA ASP B 41 25.81 -13.38 49.55
C ASP B 41 25.52 -12.95 50.98
N SER B 42 24.82 -11.82 51.13
CA SER B 42 24.49 -11.31 52.46
C SER B 42 23.43 -12.16 53.17
N ASN B 43 22.71 -13.00 52.43
CA ASN B 43 21.73 -13.90 53.03
C ASN B 43 22.29 -15.31 53.25
N GLU B 44 21.98 -15.90 54.39
CA GLU B 44 22.41 -17.26 54.71
C GLU B 44 21.77 -18.29 53.78
N THR B 45 20.58 -17.99 53.29
CA THR B 45 19.86 -18.91 52.43
C THR B 45 20.00 -18.49 50.96
N PRO B 46 20.67 -19.31 50.15
CA PRO B 46 20.80 -18.98 48.72
C PRO B 46 19.44 -18.88 48.02
N GLY B 47 19.40 -18.20 46.88
CA GLY B 47 18.21 -18.20 46.03
C GLY B 47 17.78 -16.79 45.70
N GLY B 48 18.35 -15.81 46.41
CA GLY B 48 18.04 -14.41 46.18
C GLY B 48 16.55 -14.16 46.20
N LEU B 49 16.05 -13.42 45.22
CA LEU B 49 14.62 -13.12 45.17
C LEU B 49 13.82 -14.26 44.58
N ALA B 50 14.51 -15.38 44.29
CA ALA B 50 13.78 -16.58 43.92
C ALA B 50 13.48 -17.41 45.18
N SER B 51 13.64 -16.80 46.35
CA SER B 51 13.39 -17.48 47.61
C SER B 51 11.90 -17.61 47.88
N THR B 52 11.54 -18.44 48.86
CA THR B 52 10.15 -18.66 49.23
C THR B 52 9.90 -18.30 50.70
N ASP B 53 8.78 -17.63 50.98
CA ASP B 53 8.38 -17.30 52.34
C ASP B 53 7.30 -18.26 52.81
N VAL B 54 7.15 -18.38 54.12
CA VAL B 54 6.07 -19.17 54.69
C VAL B 54 5.43 -18.41 55.85
N THR B 55 4.11 -18.38 55.89
CA THR B 55 3.41 -17.75 56.99
C THR B 55 3.46 -18.63 58.25
N PRO B 56 3.18 -18.03 59.41
CA PRO B 56 3.15 -18.80 60.67
C PRO B 56 2.13 -19.92 60.61
N GLU B 57 1.12 -19.77 59.76
CA GLU B 57 0.11 -20.81 59.62
C GLU B 57 0.50 -21.92 58.63
N GLY B 58 1.69 -21.82 58.02
CA GLY B 58 2.14 -22.83 57.09
C GLY B 58 1.74 -22.68 55.63
N PHE B 59 1.41 -21.47 55.20
CA PHE B 59 1.20 -21.25 53.77
C PHE B 59 2.45 -20.71 53.08
N LEU B 60 2.87 -21.40 52.01
CA LEU B 60 4.01 -20.92 51.23
C LEU B 60 3.62 -19.83 50.22
N TYR B 61 4.45 -18.80 50.06
CA TYR B 61 4.33 -17.85 48.94
C TYR B 61 5.66 -17.58 48.22
N ASP B 62 5.62 -17.65 46.88
CA ASP B 62 6.74 -17.26 46.03
C ASP B 62 6.71 -15.74 45.81
N VAL B 63 7.60 -15.23 44.96
CA VAL B 63 7.67 -13.79 44.71
C VAL B 63 6.88 -13.36 43.48
N GLY B 64 6.55 -14.31 42.62
CA GLY B 64 5.80 -13.96 41.44
C GLY B 64 5.04 -15.11 40.84
N GLY B 65 4.23 -14.81 39.81
CA GLY B 65 3.37 -15.81 39.18
C GLY B 65 3.78 -16.20 37.77
N HIS B 66 5.04 -15.94 37.44
CA HIS B 66 5.54 -16.30 36.12
C HIS B 66 6.25 -17.64 36.24
N VAL B 67 5.58 -18.73 35.84
CA VAL B 67 6.10 -20.07 36.05
C VAL B 67 7.34 -20.34 35.20
N ILE B 68 8.06 -21.40 35.53
CA ILE B 68 9.27 -21.71 34.78
C ILE B 68 8.96 -22.20 33.37
N PHE B 69 9.60 -21.57 32.40
CA PHE B 69 9.74 -22.13 31.06
C PHE B 69 11.21 -22.06 30.68
N SER B 70 11.83 -23.21 30.54
CA SER B 70 13.25 -23.29 30.27
C SER B 70 13.54 -23.19 28.78
N HIS B 71 14.44 -22.29 28.40
CA HIS B 71 14.90 -22.18 27.02
C HIS B 71 16.27 -22.83 26.78
N TYR B 72 16.78 -23.56 27.77
CA TYR B 72 18.14 -24.08 27.69
C TYR B 72 18.27 -25.47 28.31
N LYS B 73 18.99 -26.36 27.64
CA LYS B 73 19.32 -27.66 28.25
C LYS B 73 20.20 -27.50 29.49
N TYR B 74 21.09 -26.50 29.49
CA TYR B 74 21.99 -26.32 30.61
C TYR B 74 21.20 -26.11 31.90
N PHE B 75 20.15 -25.31 31.82
CA PHE B 75 19.28 -25.02 32.95
C PHE B 75 18.58 -26.31 33.40
N ASP B 76 18.04 -27.06 32.45
CA ASP B 76 17.44 -28.34 32.76
C ASP B 76 18.43 -29.28 33.48
N ASP B 77 19.66 -29.34 33.01
CA ASP B 77 20.64 -30.24 33.63
C ASP B 77 20.78 -29.89 35.10
N CYS B 78 20.81 -28.59 35.41
CA CYS B 78 21.13 -28.18 36.76
C CYS B 78 19.94 -28.35 37.69
N LEU B 79 18.73 -28.15 37.18
CA LEU B 79 17.54 -28.39 37.97
C LEU B 79 17.37 -29.89 38.22
N ASP B 80 17.57 -30.69 37.18
CA ASP B 80 17.42 -32.13 37.30
C ASP B 80 18.46 -32.70 38.28
N GLU B 81 19.67 -32.15 38.28
CA GLU B 81 20.70 -32.61 39.18
C GLU B 81 20.37 -32.21 40.60
N ALA B 82 19.83 -31.01 40.73
CA ALA B 82 19.47 -30.47 42.04
C ALA B 82 18.31 -31.27 42.62
N LEU B 83 17.35 -31.62 41.77
CA LEU B 83 16.12 -32.30 42.20
C LEU B 83 15.79 -33.43 41.23
N PRO B 84 16.52 -34.56 41.37
CA PRO B 84 16.53 -35.69 40.43
C PRO B 84 15.35 -36.66 40.53
N LYS B 85 14.62 -36.67 41.64
CA LYS B 85 13.53 -37.64 41.80
C LYS B 85 12.28 -37.21 41.03
N GLU B 86 11.54 -38.19 40.53
CA GLU B 86 10.25 -37.92 39.90
C GLU B 86 9.31 -37.19 40.86
N ASP B 87 9.35 -37.54 42.14
CA ASP B 87 8.42 -36.94 43.09
C ASP B 87 8.92 -35.60 43.67
N ASP B 88 10.04 -35.10 43.17
CA ASP B 88 10.49 -33.75 43.50
C ASP B 88 9.72 -32.70 42.71
N TRP B 89 8.95 -33.14 41.70
CA TRP B 89 8.25 -32.22 40.81
C TRP B 89 6.79 -32.60 40.56
N TYR B 90 5.98 -31.60 40.23
CA TYR B 90 4.63 -31.84 39.71
C TYR B 90 4.51 -31.13 38.38
N THR B 91 3.82 -31.77 37.45
CA THR B 91 3.64 -31.24 36.12
C THR B 91 2.21 -30.73 35.98
N HIS B 92 2.05 -29.51 35.48
CA HIS B 92 0.70 -28.95 35.27
C HIS B 92 0.62 -28.36 33.88
N GLN B 93 -0.59 -28.35 33.32
CA GLN B 93 -0.85 -27.61 32.10
C GLN B 93 -0.87 -26.11 32.38
N ARG B 94 -0.41 -25.34 31.39
CA ARG B 94 -0.33 -23.89 31.52
C ARG B 94 -1.70 -23.22 31.36
N ILE B 95 -2.55 -23.38 32.36
CA ILE B 95 -3.93 -22.87 32.28
C ILE B 95 -4.13 -21.44 32.81
N SER B 96 -4.39 -20.49 31.91
CA SER B 96 -4.60 -19.10 32.34
C SER B 96 -5.84 -18.43 31.71
N TYR B 97 -6.39 -17.45 32.41
CA TYR B 97 -7.60 -16.76 31.96
C TYR B 97 -7.52 -15.28 32.26
N VAL B 98 -8.28 -14.49 31.52
CA VAL B 98 -8.40 -13.07 31.78
C VAL B 98 -9.79 -12.78 32.36
N ARG B 99 -9.83 -12.11 33.51
CA ARG B 99 -11.10 -11.70 34.08
C ARG B 99 -11.63 -10.50 33.32
N CYS B 100 -12.79 -10.64 32.68
CA CYS B 100 -13.36 -9.52 31.92
C CYS B 100 -14.89 -9.53 31.91
N GLN B 101 -15.47 -8.42 32.34
CA GLN B 101 -16.93 -8.31 32.40
C GLN B 101 -17.64 -9.55 32.90
N GLY B 102 -17.19 -10.07 34.03
CA GLY B 102 -17.90 -11.13 34.71
C GLY B 102 -17.55 -12.52 34.20
N GLN B 103 -16.65 -12.59 33.21
CA GLN B 103 -16.29 -13.86 32.59
C GLN B 103 -14.83 -14.20 32.81
N TRP B 104 -14.52 -15.50 32.87
CA TRP B 104 -13.15 -15.97 32.71
C TRP B 104 -12.84 -16.29 31.23
N VAL B 105 -12.12 -15.39 30.58
CA VAL B 105 -11.80 -15.55 29.16
C VAL B 105 -10.46 -16.23 28.94
N PRO B 106 -10.48 -17.41 28.30
CA PRO B 106 -9.19 -18.11 28.09
C PRO B 106 -8.15 -17.20 27.46
N TYR B 107 -6.90 -17.34 27.90
CA TYR B 107 -5.79 -16.66 27.26
C TYR B 107 -5.36 -17.54 26.09
N PRO B 108 -5.02 -16.94 24.94
CA PRO B 108 -4.96 -15.49 24.66
C PRO B 108 -6.33 -14.82 24.42
N PHE B 109 -6.47 -13.62 24.96
CA PHE B 109 -7.74 -12.88 25.00
C PHE B 109 -8.44 -12.74 23.64
N GLN B 110 -7.73 -12.25 22.63
CA GLN B 110 -8.38 -11.99 21.35
C GLN B 110 -9.01 -13.22 20.71
N ASN B 111 -8.52 -14.43 21.03
CA ASN B 111 -9.07 -15.63 20.40
C ASN B 111 -10.34 -16.12 21.07
N ASN B 112 -10.80 -15.37 22.07
CA ASN B 112 -11.87 -15.87 22.94
C ASN B 112 -12.96 -14.86 23.24
N ILE B 113 -12.97 -13.79 22.45
CA ILE B 113 -13.94 -12.73 22.65
C ILE B 113 -15.38 -13.12 22.35
N SER B 114 -15.60 -14.34 21.85
CA SER B 114 -16.97 -14.83 21.71
C SER B 114 -17.69 -14.88 23.07
N MET B 115 -16.93 -14.84 24.17
CA MET B 115 -17.52 -14.87 25.49
C MET B 115 -18.06 -13.52 25.92
N LEU B 116 -17.63 -12.47 25.23
CA LEU B 116 -18.06 -11.11 25.54
C LEU B 116 -19.41 -10.85 24.88
N PRO B 117 -20.11 -9.81 25.32
CA PRO B 117 -21.36 -9.44 24.63
C PRO B 117 -21.13 -9.19 23.13
N LYS B 118 -22.16 -9.45 22.33
CA LYS B 118 -22.07 -9.31 20.89
C LYS B 118 -21.62 -7.91 20.44
N GLU B 119 -22.12 -6.87 21.12
CA GLU B 119 -21.76 -5.51 20.76
C GLU B 119 -20.28 -5.23 21.01
N GLU B 120 -19.70 -5.90 22.01
CA GLU B 120 -18.29 -5.72 22.32
C GLU B 120 -17.44 -6.44 21.26
N GLN B 121 -17.95 -7.57 20.78
CA GLN B 121 -17.27 -8.35 19.75
C GLN B 121 -17.16 -7.50 18.48
N VAL B 122 -18.24 -6.79 18.13
CA VAL B 122 -18.25 -5.89 16.99
C VAL B 122 -17.17 -4.81 17.11
N LYS B 123 -17.13 -4.16 18.27
CA LYS B 123 -16.14 -3.14 18.54
C LYS B 123 -14.73 -3.72 18.38
N CYS B 124 -14.52 -4.91 18.94
CA CYS B 124 -13.20 -5.56 18.87
C CYS B 124 -12.79 -5.90 17.43
N ILE B 125 -13.72 -6.48 16.68
CA ILE B 125 -13.46 -6.85 15.31
C ILE B 125 -13.25 -5.60 14.43
N ASP B 126 -14.11 -4.60 14.57
CA ASP B 126 -13.92 -3.35 13.84
C ASP B 126 -12.52 -2.78 14.05
N GLY B 127 -12.09 -2.74 15.31
CA GLY B 127 -10.76 -2.25 15.64
C GLY B 127 -9.69 -3.09 14.95
N MET B 128 -9.90 -4.39 14.88
CA MET B 128 -8.84 -5.23 14.35
C MET B 128 -8.80 -5.16 12.82
N ILE B 129 -9.95 -4.90 12.22
CA ILE B 129 -10.04 -4.65 10.78
C ILE B 129 -9.24 -3.39 10.42
N ASP B 130 -9.41 -2.31 11.18
CA ASP B 130 -8.63 -1.09 10.96
C ASP B 130 -7.13 -1.40 11.04
N ALA B 131 -6.74 -2.12 12.08
CA ALA B 131 -5.33 -2.45 12.27
C ALA B 131 -4.79 -3.34 11.15
N ALA B 132 -5.64 -4.18 10.59
CA ALA B 132 -5.18 -5.06 9.52
C ALA B 132 -4.94 -4.24 8.26
N LEU B 133 -5.87 -3.35 7.98
CA LEU B 133 -5.79 -2.47 6.84
C LEU B 133 -4.55 -1.58 6.90
N GLU B 134 -4.27 -1.01 8.07
CA GLU B 134 -3.06 -0.23 8.26
C GLU B 134 -1.82 -1.09 8.16
N ALA B 135 -1.82 -2.26 8.79
CA ALA B 135 -0.64 -3.12 8.72
C ALA B 135 -0.30 -3.46 7.27
N ARG B 136 -1.29 -3.46 6.39
CA ARG B 136 -1.04 -3.82 5.00
C ARG B 136 -0.15 -2.80 4.29
N VAL B 137 -0.19 -1.54 4.71
CA VAL B 137 0.64 -0.49 4.08
C VAL B 137 1.69 0.10 5.03
N ALA B 138 1.95 -0.59 6.12
CA ALA B 138 2.87 -0.08 7.14
C ALA B 138 4.29 -0.10 6.59
N ASN B 139 4.99 1.02 6.69
CA ASN B 139 6.39 1.06 6.27
C ASN B 139 7.34 1.43 7.40
N THR B 140 6.80 1.59 8.61
CA THR B 140 7.64 1.82 9.79
C THR B 140 7.36 0.77 10.86
N LYS B 141 8.27 0.66 11.82
CA LYS B 141 8.05 -0.19 12.98
C LYS B 141 7.48 0.65 14.12
N PRO B 142 6.68 0.03 14.99
CA PRO B 142 6.19 0.72 16.19
C PRO B 142 7.36 1.15 17.06
N LYS B 143 7.27 2.32 17.70
CA LYS B 143 8.33 2.83 18.55
C LYS B 143 8.03 2.65 20.06
N THR B 144 6.75 2.61 20.43
CA THR B 144 6.37 2.38 21.83
C THR B 144 5.52 1.12 22.05
N PHE B 145 5.56 0.59 23.27
CA PHE B 145 4.75 -0.53 23.67
C PHE B 145 3.30 -0.29 23.26
N ASP B 146 2.79 0.92 23.51
CA ASP B 146 1.41 1.24 23.14
C ASP B 146 1.13 1.12 21.64
N GLU B 147 2.04 1.65 20.82
CA GLU B 147 1.91 1.54 19.36
C GLU B 147 1.94 0.07 18.91
N TRP B 148 2.76 -0.72 19.58
CA TRP B 148 2.86 -2.14 19.26
C TRP B 148 1.52 -2.78 19.58
N ILE B 149 1.02 -2.54 20.79
CA ILE B 149 -0.24 -3.16 21.23
C ILE B 149 -1.35 -2.83 20.25
N VAL B 150 -1.47 -1.56 19.90
CA VAL B 150 -2.58 -1.12 19.06
C VAL B 150 -2.48 -1.67 17.65
N ARG B 151 -1.26 -1.90 17.18
CA ARG B 151 -1.09 -2.44 15.83
C ARG B 151 -1.40 -3.93 15.76
N MET B 152 -1.08 -4.65 16.83
CA MET B 152 -1.35 -6.07 16.95
C MET B 152 -2.83 -6.39 17.18
N MET B 153 -3.51 -5.52 17.93
CA MET B 153 -4.79 -5.88 18.51
C MET B 153 -5.91 -4.99 18.02
N GLY B 154 -5.57 -3.79 17.54
CA GLY B 154 -6.58 -2.78 17.29
C GLY B 154 -7.11 -2.17 18.58
N THR B 155 -7.79 -1.04 18.45
CA THR B 155 -8.18 -0.20 19.56
C THR B 155 -9.16 -0.86 20.56
N GLY B 156 -10.20 -1.50 20.04
CA GLY B 156 -11.19 -2.11 20.90
C GLY B 156 -10.58 -3.16 21.81
N ILE B 157 -9.79 -4.06 21.21
CA ILE B 157 -9.18 -5.12 21.99
C ILE B 157 -8.08 -4.57 22.90
N ALA B 158 -7.31 -3.60 22.42
CA ALA B 158 -6.31 -2.99 23.27
C ALA B 158 -6.92 -2.42 24.57
N ASP B 159 -7.96 -1.60 24.43
CA ASP B 159 -8.63 -0.93 25.55
C ASP B 159 -9.23 -1.85 26.61
N LEU B 160 -9.63 -3.06 26.20
CA LEU B 160 -10.24 -4.05 27.10
C LEU B 160 -9.24 -4.84 27.94
N PHE B 161 -8.05 -5.05 27.40
CA PHE B 161 -7.11 -5.93 28.09
C PHE B 161 -5.70 -5.35 28.22
N MET B 162 -4.92 -5.46 27.15
CA MET B 162 -3.51 -5.06 27.12
C MET B 162 -3.17 -3.73 27.78
N ARG B 163 -3.88 -2.68 27.41
CA ARG B 163 -3.56 -1.34 27.90
C ARG B 163 -3.76 -1.20 29.42
N PRO B 164 -4.99 -1.44 29.91
CA PRO B 164 -5.21 -1.25 31.36
C PRO B 164 -4.47 -2.31 32.18
N TYR B 165 -4.40 -3.53 31.65
CA TYR B 165 -3.63 -4.60 32.32
C TYR B 165 -2.15 -4.23 32.47
N ASN B 166 -1.55 -3.74 31.40
CA ASN B 166 -0.12 -3.41 31.45
C ASN B 166 0.22 -2.22 32.32
N PHE B 167 -0.69 -1.24 32.39
CA PHE B 167 -0.48 -0.21 33.37
C PHE B 167 -0.42 -0.82 34.76
N LYS B 168 -1.31 -1.78 35.03
CA LYS B 168 -1.35 -2.43 36.35
C LYS B 168 -0.12 -3.29 36.61
N VAL B 169 0.45 -3.87 35.56
CA VAL B 169 1.66 -4.68 35.74
C VAL B 169 2.90 -3.79 35.97
N TRP B 170 3.09 -2.83 35.09
CA TRP B 170 4.34 -2.07 35.04
C TRP B 170 4.33 -0.81 35.88
N ALA B 171 3.15 -0.36 36.29
CA ALA B 171 2.99 0.88 37.03
C ALA B 171 3.50 2.08 36.24
N VAL B 172 3.54 1.94 34.92
CA VAL B 172 3.71 3.08 34.00
C VAL B 172 2.79 2.89 32.79
N PRO B 173 2.40 3.99 32.12
CA PRO B 173 1.51 3.81 30.96
C PRO B 173 2.25 3.15 29.81
N THR B 174 1.53 2.45 28.94
CA THR B 174 2.15 1.74 27.82
C THR B 174 2.89 2.67 26.87
N THR B 175 2.47 3.94 26.82
CA THR B 175 3.11 4.93 25.98
C THR B 175 4.51 5.25 26.45
N LYS B 176 4.85 4.86 27.67
CA LYS B 176 6.17 5.19 28.23
C LYS B 176 7.19 4.08 28.05
N MET B 177 6.80 3.00 27.38
CA MET B 177 7.66 1.84 27.27
C MET B 177 8.12 1.55 25.85
N GLN B 178 9.33 1.01 25.72
CA GLN B 178 9.79 0.52 24.42
C GLN B 178 9.09 -0.80 24.09
N CYS B 179 9.40 -1.38 22.93
CA CYS B 179 8.75 -2.62 22.52
C CYS B 179 9.71 -3.63 21.91
N ALA B 180 11.01 -3.42 22.08
CA ALA B 180 11.99 -4.41 21.61
C ALA B 180 12.03 -5.64 22.54
N TRP B 181 11.84 -5.42 23.83
CA TRP B 181 11.82 -6.49 24.83
C TRP B 181 10.80 -7.59 24.53
N LEU B 182 9.79 -7.25 23.74
CA LEU B 182 8.71 -8.17 23.35
C LEU B 182 9.12 -9.26 22.37
N GLY B 183 10.30 -9.13 21.78
CA GLY B 183 10.68 -10.00 20.69
C GLY B 183 10.54 -9.29 19.35
N GLU B 184 10.70 -10.04 18.25
CA GLU B 184 10.76 -9.46 16.91
C GLU B 184 9.53 -9.73 16.05
N ARG B 185 8.55 -10.44 16.58
CA ARG B 185 7.33 -10.74 15.83
C ARG B 185 6.67 -9.45 15.31
N VAL B 186 6.36 -9.43 14.01
CA VAL B 186 5.72 -8.28 13.36
C VAL B 186 4.43 -7.86 14.06
N ALA B 187 4.29 -6.56 14.33
CA ALA B 187 3.08 -6.05 14.99
C ALA B 187 1.91 -5.90 13.99
N ALA B 188 1.14 -6.97 13.88
CA ALA B 188 0.03 -7.03 12.93
C ALA B 188 -0.99 -8.03 13.48
N PRO B 189 -2.27 -7.83 13.18
CA PRO B 189 -3.30 -8.72 13.73
C PRO B 189 -3.45 -10.01 12.93
N ASN B 190 -3.78 -11.11 13.62
CA ASN B 190 -4.31 -12.27 12.91
C ASN B 190 -5.84 -12.16 12.83
N LEU B 191 -6.30 -11.28 11.94
CA LEU B 191 -7.72 -11.00 11.77
C LEU B 191 -8.54 -12.27 11.53
N LYS B 192 -8.03 -13.15 10.67
CA LYS B 192 -8.77 -14.36 10.31
C LYS B 192 -9.01 -15.30 11.48
N ALA B 193 -7.98 -15.54 12.28
CA ALA B 193 -8.11 -16.42 13.45
C ALA B 193 -9.12 -15.87 14.44
N VAL B 194 -9.00 -14.58 14.73
CA VAL B 194 -9.92 -13.92 15.65
C VAL B 194 -11.37 -13.92 15.12
N THR B 195 -11.58 -13.59 13.84
CA THR B 195 -12.95 -13.63 13.32
C THR B 195 -13.47 -15.06 13.20
N THR B 196 -12.59 -15.99 12.83
CA THR B 196 -13.02 -17.39 12.74
C THR B 196 -13.57 -17.91 14.08
N ASN B 197 -12.90 -17.60 15.18
CA ASN B 197 -13.39 -18.04 16.49
C ASN B 197 -14.67 -17.34 16.91
N VAL B 198 -14.78 -16.06 16.58
CA VAL B 198 -16.05 -15.39 16.86
C VAL B 198 -17.17 -16.04 16.09
N ILE B 199 -16.95 -16.29 14.80
CA ILE B 199 -17.99 -16.88 13.95
C ILE B 199 -18.44 -18.26 14.42
N LEU B 200 -17.47 -19.08 14.84
CA LEU B 200 -17.76 -20.44 15.27
C LEU B 200 -18.29 -20.51 16.71
N GLY B 201 -18.24 -19.39 17.44
CA GLY B 201 -18.60 -19.39 18.84
C GLY B 201 -17.61 -20.21 19.66
N LYS B 202 -16.40 -20.33 19.14
CA LYS B 202 -15.35 -21.16 19.73
C LYS B 202 -14.57 -20.42 20.81
N THR B 203 -14.26 -21.12 21.90
CA THR B 203 -13.19 -20.68 22.78
C THR B 203 -12.03 -21.67 22.65
N ALA B 204 -10.84 -21.23 23.04
CA ALA B 204 -9.64 -22.04 22.85
C ALA B 204 -8.46 -21.49 23.65
N GLY B 205 -8.08 -22.19 24.71
CA GLY B 205 -6.87 -21.87 25.46
C GLY B 205 -5.61 -22.29 24.70
N ASN B 206 -4.53 -21.51 24.86
CA ASN B 206 -3.22 -21.87 24.32
C ASN B 206 -2.50 -22.91 25.18
N TRP B 207 -3.26 -23.87 25.71
CA TRP B 207 -2.63 -24.92 26.50
C TRP B 207 -3.18 -26.28 26.09
N GLY B 208 -2.53 -27.33 26.60
CA GLY B 208 -2.95 -28.69 26.32
C GLY B 208 -1.92 -29.65 26.87
N PRO B 209 -2.07 -30.96 26.55
CA PRO B 209 -1.15 -31.97 27.07
C PRO B 209 0.33 -31.65 26.81
N ASN B 210 0.62 -30.78 25.84
CA ASN B 210 2.02 -30.45 25.52
C ASN B 210 2.50 -29.07 25.99
N ALA B 211 1.58 -28.23 26.45
CA ALA B 211 1.97 -26.92 26.96
C ALA B 211 1.92 -26.93 28.49
N THR B 212 3.04 -27.29 29.12
CA THR B 212 3.08 -27.53 30.55
C THR B 212 4.22 -26.83 31.25
N PHE B 213 4.15 -26.78 32.59
CA PHE B 213 5.26 -26.32 33.41
C PHE B 213 5.51 -27.31 34.54
N ARG B 214 6.72 -27.31 35.10
CA ARG B 214 7.04 -28.13 36.25
C ARG B 214 7.17 -27.24 37.45
N PHE B 215 6.65 -27.70 38.60
CA PHE B 215 6.77 -26.95 39.83
C PHE B 215 7.32 -27.89 40.90
N PRO B 216 8.26 -27.39 41.71
CA PRO B 216 8.92 -28.22 42.73
C PRO B 216 7.92 -28.67 43.81
N ALA B 217 8.02 -29.92 44.23
CA ALA B 217 7.06 -30.48 45.18
C ALA B 217 7.13 -29.79 46.55
N ARG B 218 8.33 -29.33 46.93
CA ARG B 218 8.52 -28.76 48.25
C ARG B 218 9.33 -27.45 48.26
N GLY B 219 9.01 -26.58 49.21
CA GLY B 219 9.77 -25.36 49.39
C GLY B 219 9.61 -24.31 48.33
N GLY B 220 8.64 -24.46 47.43
CA GLY B 220 8.42 -23.50 46.36
C GLY B 220 9.66 -23.36 45.48
N THR B 221 9.72 -22.29 44.67
CA THR B 221 10.90 -22.11 43.81
C THR B 221 12.16 -22.01 44.68
N GLY B 222 12.03 -21.48 45.88
CA GLY B 222 13.18 -21.36 46.76
C GLY B 222 13.87 -22.70 46.99
N GLY B 223 13.10 -23.78 46.91
CA GLY B 223 13.62 -25.11 47.15
C GLY B 223 14.55 -25.51 46.03
N ILE B 224 14.25 -25.04 44.82
CA ILE B 224 15.11 -25.31 43.68
C ILE B 224 16.52 -24.78 43.92
N TRP B 225 16.63 -23.53 44.36
CA TRP B 225 17.93 -22.86 44.47
C TRP B 225 18.77 -23.26 45.68
N ILE B 226 18.09 -23.67 46.74
CA ILE B 226 18.77 -24.25 47.90
C ILE B 226 19.46 -25.52 47.42
N ALA B 227 18.71 -26.39 46.76
CA ALA B 227 19.26 -27.63 46.21
C ALA B 227 20.36 -27.42 45.15
N VAL B 228 20.20 -26.44 44.27
CA VAL B 228 21.25 -26.13 43.30
C VAL B 228 22.52 -25.67 44.04
N ALA B 229 22.34 -24.78 45.00
CA ALA B 229 23.50 -24.26 45.74
C ALA B 229 24.14 -25.39 46.55
N ASN B 230 23.32 -26.29 47.08
CA ASN B 230 23.82 -27.48 47.77
C ASN B 230 24.83 -28.32 46.98
N THR B 231 24.87 -28.17 45.65
CA THR B 231 25.82 -28.96 44.87
C THR B 231 27.17 -28.29 44.76
N LEU B 232 27.28 -27.05 45.20
CA LEU B 232 28.57 -26.35 45.19
C LEU B 232 29.42 -26.74 46.40
N PRO B 233 30.75 -26.59 46.28
CA PRO B 233 31.65 -26.83 47.40
C PRO B 233 31.54 -25.72 48.44
N LYS B 234 31.16 -26.08 49.66
CA LYS B 234 30.84 -25.13 50.72
C LYS B 234 31.93 -24.09 50.95
N GLU B 235 33.19 -24.49 50.84
CA GLU B 235 34.31 -23.62 51.17
C GLU B 235 34.56 -22.53 50.13
N LYS B 236 33.79 -22.56 49.05
CA LYS B 236 33.90 -21.52 48.03
C LYS B 236 32.71 -20.57 48.15
N THR B 237 31.88 -20.80 49.16
CA THR B 237 30.74 -19.94 49.41
C THR B 237 30.89 -19.20 50.72
N ARG B 238 30.27 -18.03 50.81
CA ARG B 238 30.33 -17.24 52.01
C ARG B 238 28.98 -16.53 52.17
N PHE B 239 28.04 -17.21 52.81
CA PHE B 239 26.66 -16.75 52.86
C PHE B 239 26.25 -16.28 54.26
N GLY B 240 25.62 -15.11 54.33
CA GLY B 240 25.23 -14.51 55.60
C GLY B 240 25.89 -13.15 55.78
N GLU B 241 25.86 -12.64 57.02
CA GLU B 241 26.51 -11.37 57.32
C GLU B 241 27.99 -11.42 56.93
N LYS B 242 28.59 -12.61 57.08
CA LYS B 242 29.98 -12.87 56.68
C LYS B 242 30.26 -12.58 55.19
N GLY B 243 29.20 -12.56 54.38
CA GLY B 243 29.36 -12.37 52.94
C GLY B 243 28.70 -11.12 52.40
N LYS B 244 28.44 -10.16 53.28
CA LYS B 244 27.81 -8.91 52.87
C LYS B 244 28.87 -7.98 52.34
N VAL B 245 28.74 -7.58 51.07
CA VAL B 245 29.68 -6.66 50.45
C VAL B 245 29.30 -5.23 50.79
N THR B 246 30.28 -4.46 51.25
CA THR B 246 30.01 -3.08 51.64
C THR B 246 30.78 -2.09 50.78
N LYS B 247 31.88 -2.55 50.18
CA LYS B 247 32.65 -1.68 49.32
C LYS B 247 33.15 -2.42 48.10
N VAL B 248 33.13 -1.76 46.96
CA VAL B 248 33.79 -2.27 45.78
C VAL B 248 34.82 -1.23 45.29
N ASN B 249 36.10 -1.58 45.36
CA ASN B 249 37.15 -0.73 44.79
C ASN B 249 37.57 -1.26 43.42
N ALA B 250 37.00 -0.68 42.38
CA ALA B 250 37.13 -1.22 41.04
C ALA B 250 38.52 -0.96 40.45
N ASN B 251 39.18 0.10 40.90
CA ASN B 251 40.55 0.33 40.47
C ASN B 251 41.52 -0.66 41.11
N ASN B 252 41.35 -0.95 42.40
CA ASN B 252 42.17 -1.93 43.10
C ASN B 252 41.77 -3.38 42.81
N LYS B 253 40.60 -3.54 42.20
CA LYS B 253 40.00 -4.87 42.02
C LYS B 253 39.93 -5.60 43.35
N THR B 254 39.44 -4.89 44.35
CA THR B 254 39.18 -5.50 45.64
C THR B 254 37.78 -5.15 46.14
N VAL B 255 37.23 -6.06 46.94
CA VAL B 255 35.94 -5.87 47.54
C VAL B 255 36.14 -5.96 49.03
N THR B 256 35.37 -5.18 49.79
CA THR B 256 35.44 -5.25 51.24
C THR B 256 34.09 -5.69 51.79
N LEU B 257 34.12 -6.67 52.69
CA LEU B 257 32.91 -7.17 53.31
C LEU B 257 32.63 -6.42 54.61
N GLN B 258 31.44 -6.64 55.17
CA GLN B 258 31.02 -5.91 56.37
C GLN B 258 31.91 -6.19 57.58
N ASP B 259 32.44 -7.40 57.66
CA ASP B 259 33.31 -7.76 58.77
C ASP B 259 34.76 -7.36 58.52
N GLY B 260 35.03 -6.69 57.41
CA GLY B 260 36.35 -6.14 57.15
C GLY B 260 37.23 -6.98 56.25
N THR B 261 36.78 -8.19 55.93
CA THR B 261 37.50 -9.04 55.00
C THR B 261 37.64 -8.34 53.65
N THR B 262 38.80 -8.50 53.02
CA THR B 262 38.99 -7.97 51.68
C THR B 262 39.19 -9.12 50.72
N ILE B 263 38.65 -8.96 49.52
CA ILE B 263 38.84 -9.97 48.48
C ILE B 263 39.33 -9.28 47.22
N GLY B 264 40.50 -9.69 46.75
CA GLY B 264 41.00 -9.26 45.45
C GLY B 264 40.48 -10.20 44.38
N TYR B 265 40.18 -9.68 43.19
CA TYR B 265 39.71 -10.50 42.09
C TYR B 265 40.36 -10.03 40.81
N LYS B 266 40.38 -10.89 39.81
CA LYS B 266 40.78 -10.47 38.47
C LYS B 266 39.55 -10.13 37.64
N LYS B 267 38.46 -10.84 37.90
CA LYS B 267 37.19 -10.56 37.24
C LYS B 267 36.05 -10.65 38.24
N LEU B 268 35.12 -9.70 38.15
CA LEU B 268 34.00 -9.63 39.06
C LEU B 268 32.69 -9.87 38.33
N VAL B 269 31.94 -10.88 38.76
CA VAL B 269 30.56 -11.02 38.29
C VAL B 269 29.64 -10.51 39.37
N SER B 270 29.03 -9.35 39.12
CA SER B 270 28.17 -8.74 40.13
C SER B 270 26.71 -8.88 39.76
N THR B 271 25.92 -9.43 40.69
CA THR B 271 24.50 -9.64 40.42
C THR B 271 23.65 -8.78 41.32
N MET B 272 24.27 -7.91 42.11
CA MET B 272 23.49 -6.98 42.89
C MET B 272 22.84 -5.98 41.94
N ALA B 273 21.81 -5.29 42.39
CA ALA B 273 21.18 -4.29 41.59
C ALA B 273 22.25 -3.26 41.19
N VAL B 274 22.28 -2.88 39.92
CA VAL B 274 23.39 -2.05 39.43
C VAL B 274 23.42 -0.67 40.10
N ASP B 275 22.27 -0.16 40.50
CA ASP B 275 22.23 1.10 41.24
C ASP B 275 22.92 0.98 42.60
N PHE B 276 22.75 -0.17 43.26
CA PHE B 276 23.47 -0.46 44.51
C PHE B 276 24.94 -0.67 44.24
N LEU B 277 25.28 -1.13 43.05
CA LEU B 277 26.68 -1.35 42.73
C LEU B 277 27.42 0.00 42.60
N ALA B 278 26.77 0.96 41.94
CA ALA B 278 27.35 2.29 41.79
C ALA B 278 27.70 2.91 43.15
N GLU B 279 26.76 2.81 44.09
CA GLU B 279 26.94 3.34 45.44
C GLU B 279 28.11 2.64 46.13
N ALA B 280 28.09 1.32 46.12
CA ALA B 280 29.18 0.53 46.69
C ALA B 280 30.55 0.85 46.07
N MET B 281 30.55 1.25 44.79
CA MET B 281 31.78 1.65 44.12
C MET B 281 32.16 3.10 44.43
N ASN B 282 31.24 3.82 45.06
CA ASN B 282 31.39 5.27 45.26
C ASN B 282 31.76 5.96 43.97
N ASP B 283 31.08 5.59 42.89
CA ASP B 283 31.34 6.14 41.55
C ASP B 283 30.19 7.06 41.20
N GLN B 284 30.34 8.34 41.50
CA GLN B 284 29.25 9.30 41.38
C GLN B 284 28.73 9.43 39.95
N GLU B 285 29.58 9.17 38.98
CA GLU B 285 29.16 9.19 37.59
C GLU B 285 28.14 8.09 37.35
N LEU B 286 28.47 6.88 37.80
CA LEU B 286 27.58 5.73 37.65
C LEU B 286 26.32 5.85 38.51
N VAL B 287 26.44 6.51 39.67
CA VAL B 287 25.27 6.75 40.50
C VAL B 287 24.29 7.62 39.73
N GLY B 288 24.79 8.73 39.20
CA GLY B 288 23.98 9.60 38.36
C GLY B 288 23.26 8.83 37.28
N LEU B 289 24.00 8.01 36.52
CA LEU B 289 23.38 7.23 35.46
C LEU B 289 22.38 6.20 36.00
N THR B 290 22.77 5.41 37.00
CA THR B 290 21.87 4.37 37.49
C THR B 290 20.54 4.94 38.03
N LYS B 291 20.58 6.15 38.58
CA LYS B 291 19.37 6.77 39.08
C LYS B 291 18.39 7.17 37.98
N GLN B 292 18.84 7.10 36.72
CA GLN B 292 17.98 7.38 35.56
C GLN B 292 17.22 6.12 35.12
N LEU B 293 17.56 4.98 35.71
CA LEU B 293 16.85 3.74 35.42
C LEU B 293 15.57 3.74 36.22
N PHE B 294 14.48 3.33 35.59
CA PHE B 294 13.19 3.30 36.27
C PHE B 294 12.88 1.86 36.72
N TYR B 295 12.22 1.73 37.87
CA TYR B 295 11.72 0.43 38.31
C TYR B 295 10.42 0.58 39.09
N SER B 296 9.65 -0.50 39.12
CA SER B 296 8.47 -0.58 39.98
C SER B 296 8.72 -1.51 41.17
N SER B 297 8.01 -1.26 42.27
CA SER B 297 8.03 -2.13 43.43
C SER B 297 6.81 -3.05 43.40
N THR B 298 7.01 -4.28 43.84
CA THR B 298 5.97 -5.29 43.82
C THR B 298 5.50 -5.65 45.23
N HIS B 299 4.18 -5.60 45.43
CA HIS B 299 3.60 -6.12 46.65
C HIS B 299 3.08 -7.51 46.34
N VAL B 300 3.53 -8.50 47.09
CA VAL B 300 2.95 -9.83 47.04
C VAL B 300 2.00 -10.03 48.22
N ILE B 301 0.73 -10.30 47.93
CA ILE B 301 -0.26 -10.64 48.95
C ILE B 301 -0.63 -12.12 48.84
N GLY B 302 -0.65 -12.81 49.97
CA GLY B 302 -0.98 -14.22 50.03
C GLY B 302 -2.20 -14.43 50.88
N VAL B 303 -3.10 -15.29 50.44
CA VAL B 303 -4.36 -15.50 51.14
C VAL B 303 -4.65 -16.99 51.26
N GLY B 304 -4.68 -17.49 52.49
CA GLY B 304 -5.01 -18.88 52.79
C GLY B 304 -6.48 -19.02 53.12
N VAL B 305 -7.15 -19.99 52.49
CA VAL B 305 -8.59 -20.10 52.58
C VAL B 305 -8.97 -21.51 53.01
N ARG B 306 -9.98 -21.64 53.87
CA ARG B 306 -10.46 -22.95 54.30
C ARG B 306 -11.46 -23.46 53.29
N GLY B 307 -11.36 -24.75 52.97
CA GLY B 307 -12.33 -25.37 52.10
C GLY B 307 -11.65 -26.23 51.08
N SER B 308 -12.38 -27.22 50.56
CA SER B 308 -11.91 -27.91 49.37
C SER B 308 -11.95 -26.91 48.22
N ARG B 309 -11.06 -27.10 47.24
CA ARG B 309 -10.98 -26.23 46.09
C ARG B 309 -12.35 -26.06 45.41
N PRO B 310 -12.85 -24.81 45.39
CA PRO B 310 -14.15 -24.47 44.79
C PRO B 310 -14.22 -24.81 43.31
N GLU B 311 -15.39 -25.23 42.84
CA GLU B 311 -15.58 -25.59 41.43
C GLU B 311 -15.29 -24.42 40.50
N ARG B 312 -15.67 -23.21 40.92
CA ARG B 312 -15.48 -22.01 40.10
C ARG B 312 -13.99 -21.72 39.92
N ILE B 313 -13.16 -22.27 40.81
CA ILE B 313 -11.71 -22.07 40.72
C ILE B 313 -11.10 -23.19 39.88
N GLY B 314 -11.41 -24.43 40.22
CA GLY B 314 -10.99 -25.57 39.42
C GLY B 314 -9.50 -25.61 39.16
N ASP B 315 -9.14 -25.92 37.93
CA ASP B 315 -7.73 -26.16 37.56
C ASP B 315 -7.00 -24.89 37.14
N LYS B 316 -7.61 -23.73 37.33
CA LYS B 316 -6.94 -22.46 37.02
C LYS B 316 -5.56 -22.37 37.65
N CYS B 317 -4.59 -21.87 36.87
CA CYS B 317 -3.23 -21.68 37.40
C CYS B 317 -2.93 -20.20 37.67
N TRP B 318 -2.80 -19.38 36.62
CA TRP B 318 -2.67 -17.95 36.83
C TRP B 318 -3.76 -17.17 36.09
N LEU B 319 -4.06 -15.98 36.57
CA LEU B 319 -5.20 -15.21 36.11
C LEU B 319 -4.82 -13.73 35.92
N TYR B 320 -5.35 -13.10 34.88
CA TYR B 320 -5.03 -11.70 34.55
C TYR B 320 -6.19 -10.77 34.87
N PHE B 321 -5.89 -9.58 35.40
CA PHE B 321 -6.95 -8.65 35.77
C PHE B 321 -6.75 -7.23 35.25
N PRO B 322 -7.27 -6.95 34.05
CA PRO B 322 -7.23 -5.62 33.44
C PRO B 322 -8.17 -4.62 34.14
N GLU B 323 -9.24 -5.10 34.75
CA GLU B 323 -10.27 -4.18 35.23
C GLU B 323 -9.91 -3.51 36.54
N ASP B 324 -10.61 -2.42 36.81
CA ASP B 324 -10.25 -1.56 37.92
C ASP B 324 -11.08 -1.87 39.17
N ASN B 325 -11.61 -3.09 39.25
CA ASN B 325 -12.34 -3.51 40.46
C ASN B 325 -11.48 -4.33 41.41
N CYS B 326 -10.17 -4.40 41.16
CA CYS B 326 -9.25 -5.07 42.08
C CYS B 326 -7.87 -4.46 41.83
N PRO B 327 -7.04 -4.41 42.88
CA PRO B 327 -5.73 -3.74 42.77
C PRO B 327 -4.65 -4.58 42.10
N PHE B 328 -4.80 -5.91 42.12
CA PHE B 328 -3.77 -6.80 41.59
C PHE B 328 -3.89 -7.01 40.07
N TYR B 329 -2.77 -7.26 39.41
CA TYR B 329 -2.79 -7.52 37.97
C TYR B 329 -2.86 -9.01 37.69
N ARG B 330 -2.33 -9.81 38.61
CA ARG B 330 -2.28 -11.25 38.42
C ARG B 330 -2.58 -12.02 39.73
N ALA B 331 -3.31 -13.11 39.62
CA ALA B 331 -3.52 -14.00 40.75
C ALA B 331 -3.09 -15.40 40.39
N THR B 332 -2.62 -16.15 41.39
CA THR B 332 -2.14 -17.51 41.18
C THR B 332 -2.84 -18.43 42.17
N ILE B 333 -3.42 -19.52 41.68
CA ILE B 333 -3.98 -20.51 42.59
C ILE B 333 -2.83 -21.38 43.05
N PHE B 334 -2.09 -20.89 44.03
CA PHE B 334 -0.81 -21.48 44.42
C PHE B 334 -0.96 -22.89 45.00
N SER B 335 -2.12 -23.18 45.57
CA SER B 335 -2.40 -24.51 46.11
C SER B 335 -2.55 -25.55 44.99
N ASN B 336 -2.73 -25.09 43.76
CA ASN B 336 -2.82 -26.02 42.62
C ASN B 336 -1.43 -26.50 42.19
N TYR B 337 -0.40 -25.78 42.62
CA TYR B 337 0.96 -26.07 42.17
C TYR B 337 1.58 -27.25 42.91
N SER B 338 1.25 -27.39 44.20
CA SER B 338 1.78 -28.47 45.03
C SER B 338 0.94 -28.61 46.30
N PRO B 339 0.62 -29.85 46.70
CA PRO B 339 -0.14 -30.03 47.93
C PRO B 339 0.68 -29.59 49.15
N TYR B 340 1.99 -29.48 48.99
CA TYR B 340 2.84 -29.02 50.09
C TYR B 340 3.07 -27.50 50.08
N ASN B 341 2.26 -26.76 49.34
CA ASN B 341 2.33 -25.28 49.38
C ASN B 341 1.44 -24.73 50.48
N GLN B 342 0.66 -25.61 51.09
CA GLN B 342 -0.22 -25.24 52.21
C GLN B 342 -0.41 -26.44 53.15
N PRO B 343 -1.05 -26.22 54.31
CA PRO B 343 -1.10 -27.29 55.31
C PRO B 343 -2.00 -28.44 54.87
N GLU B 344 -1.74 -29.63 55.42
CA GLU B 344 -2.60 -30.81 55.24
C GLU B 344 -4.00 -30.52 55.70
N ALA B 345 -4.96 -31.29 55.17
CA ALA B 345 -6.36 -31.16 55.55
C ALA B 345 -6.61 -31.29 57.07
N SER B 346 -5.76 -32.04 57.75
CA SER B 346 -5.97 -32.35 59.17
C SER B 346 -5.47 -31.24 60.11
N ALA B 347 -4.67 -30.32 59.58
CA ALA B 347 -4.15 -29.22 60.37
C ALA B 347 -5.28 -28.29 60.80
N ALA B 348 -5.27 -27.90 62.06
CA ALA B 348 -6.33 -27.06 62.61
C ALA B 348 -5.85 -25.62 62.69
N LEU B 349 -6.71 -24.71 62.24
CA LEU B 349 -6.37 -23.30 62.14
C LEU B 349 -7.66 -22.57 62.42
N PRO B 350 -7.58 -21.49 63.19
CA PRO B 350 -8.82 -20.72 63.41
C PRO B 350 -9.04 -19.81 62.23
N THR B 351 -10.27 -19.33 62.08
CA THR B 351 -10.57 -18.37 61.04
C THR B 351 -10.09 -16.97 61.45
N MET B 352 -9.24 -16.34 60.64
CA MET B 352 -8.79 -14.99 60.93
C MET B 352 -9.85 -13.96 60.56
N GLN B 353 -10.48 -14.14 59.40
CA GLN B 353 -11.52 -13.23 58.98
C GLN B 353 -12.34 -13.86 57.86
N LEU B 354 -13.51 -13.28 57.61
CA LEU B 354 -14.30 -13.63 56.44
C LEU B 354 -13.85 -12.78 55.26
N ALA B 355 -14.14 -13.23 54.04
CA ALA B 355 -13.65 -12.49 52.88
C ALA B 355 -14.26 -11.09 52.81
N ASP B 356 -15.47 -10.92 53.34
CA ASP B 356 -16.09 -9.61 53.37
C ASP B 356 -15.47 -8.69 54.41
N GLY B 357 -14.43 -9.17 55.08
CA GLY B 357 -13.70 -8.33 56.01
C GLY B 357 -14.08 -8.44 57.48
N SER B 358 -15.24 -9.04 57.78
CA SER B 358 -15.70 -9.15 59.16
C SER B 358 -14.93 -10.21 59.99
N ARG B 359 -14.97 -10.05 61.31
CA ARG B 359 -14.45 -11.06 62.22
C ARG B 359 -15.32 -12.31 62.19
N PRO B 360 -14.73 -13.45 62.57
CA PRO B 360 -15.57 -14.64 62.78
C PRO B 360 -16.04 -14.65 64.23
N GLN B 361 -17.19 -15.28 64.46
CA GLN B 361 -17.72 -15.46 65.80
C GLN B 361 -16.62 -15.94 66.75
N SER B 362 -16.17 -17.18 66.54
CA SER B 362 -15.30 -17.84 67.49
C SER B 362 -13.81 -17.85 67.16
N THR B 363 -13.05 -18.36 68.14
CA THR B 363 -11.63 -18.56 68.04
C THR B 363 -11.34 -20.03 67.73
N GLU B 364 -12.38 -20.78 67.37
CA GLU B 364 -12.27 -22.23 67.25
C GLU B 364 -11.33 -22.62 66.11
N ALA B 365 -10.37 -23.49 66.40
CA ALA B 365 -9.49 -24.00 65.36
C ALA B 365 -10.19 -25.14 64.64
N LYS B 366 -10.49 -24.93 63.36
CA LYS B 366 -11.12 -25.97 62.57
C LYS B 366 -10.12 -26.59 61.60
N GLU B 367 -10.52 -27.68 60.96
CA GLU B 367 -9.64 -28.38 60.04
C GLU B 367 -9.81 -27.84 58.63
N GLY B 368 -8.93 -28.30 57.74
CA GLY B 368 -8.99 -27.96 56.33
C GLY B 368 -10.04 -28.77 55.59
N PRO B 369 -9.78 -29.08 54.30
CA PRO B 369 -8.54 -28.73 53.60
C PRO B 369 -8.42 -27.24 53.34
N TYR B 370 -7.30 -26.86 52.75
CA TYR B 370 -7.00 -25.45 52.53
C TYR B 370 -6.60 -25.21 51.10
N TRP B 371 -7.04 -24.09 50.55
CA TRP B 371 -6.46 -23.69 49.29
C TRP B 371 -5.85 -22.29 49.46
N SER B 372 -5.22 -21.79 48.41
CA SER B 372 -4.31 -20.66 48.61
C SER B 372 -4.16 -19.79 47.38
N ILE B 373 -4.27 -18.47 47.58
CA ILE B 373 -4.15 -17.53 46.47
C ILE B 373 -2.98 -16.57 46.65
N MET B 374 -2.23 -16.36 45.58
CA MET B 374 -1.17 -15.36 45.65
CA MET B 374 -1.11 -15.43 45.59
C MET B 374 -1.42 -14.27 44.63
N LEU B 375 -1.34 -13.02 45.12
CA LEU B 375 -1.68 -11.84 44.31
C LEU B 375 -0.49 -10.93 44.12
N GLU B 376 -0.39 -10.27 42.96
CA GLU B 376 0.67 -9.29 42.74
C GLU B 376 0.12 -7.91 42.42
N VAL B 377 0.72 -6.89 43.03
CA VAL B 377 0.34 -5.51 42.83
C VAL B 377 1.60 -4.69 42.59
N SER B 378 1.51 -3.72 41.70
CA SER B 378 2.68 -2.93 41.36
C SER B 378 2.58 -1.48 41.86
N GLU B 379 3.73 -0.90 42.15
CA GLU B 379 3.82 0.46 42.67
C GLU B 379 4.97 1.17 41.98
N SER B 380 4.80 2.45 41.70
CA SER B 380 5.90 3.29 41.26
C SER B 380 5.56 4.74 41.55
N SER B 381 6.46 5.66 41.23
CA SER B 381 6.17 7.08 41.43
C SER B 381 4.99 7.54 40.57
N MET B 382 4.60 6.75 39.57
CA MET B 382 3.43 7.09 38.76
C MET B 382 2.19 6.30 39.18
N LYS B 383 2.25 5.63 40.33
CA LYS B 383 1.17 4.75 40.77
C LYS B 383 1.42 4.32 42.19
N PRO B 384 1.06 5.18 43.13
CA PRO B 384 1.38 4.86 44.53
C PRO B 384 0.50 3.73 45.04
N VAL B 385 0.97 3.04 46.07
CA VAL B 385 0.17 2.02 46.74
C VAL B 385 0.18 2.30 48.23
N ASN B 386 -1.01 2.37 48.82
CA ASN B 386 -1.14 2.52 50.25
C ASN B 386 -0.87 1.17 50.92
N GLN B 387 0.33 1.02 51.45
CA GLN B 387 0.76 -0.22 52.05
C GLN B 387 -0.15 -0.67 53.20
N GLU B 388 -0.80 0.30 53.85
CA GLU B 388 -1.58 0.03 55.04
C GLU B 388 -2.95 -0.56 54.75
N THR B 389 -3.41 -0.39 53.52
CA THR B 389 -4.73 -0.91 53.14
C THR B 389 -4.66 -1.95 52.03
N ILE B 390 -3.48 -2.15 51.45
CA ILE B 390 -3.38 -3.00 50.26
C ILE B 390 -3.89 -4.44 50.49
N LEU B 391 -3.62 -5.00 51.67
CA LEU B 391 -4.11 -6.34 51.99
C LEU B 391 -5.64 -6.36 51.95
N ALA B 392 -6.28 -5.46 52.70
CA ALA B 392 -7.73 -5.37 52.69
C ALA B 392 -8.26 -5.11 51.30
N ASP B 393 -7.59 -4.24 50.53
CA ASP B 393 -8.01 -3.98 49.16
C ASP B 393 -7.95 -5.22 48.25
N CYS B 394 -6.88 -5.99 48.38
CA CYS B 394 -6.75 -7.24 47.64
C CYS B 394 -7.90 -8.18 48.00
N ILE B 395 -8.13 -8.36 49.28
CA ILE B 395 -9.18 -9.27 49.70
C ILE B 395 -10.53 -8.85 49.13
N GLN B 396 -10.87 -7.56 49.24
CA GLN B 396 -12.10 -7.08 48.63
C GLN B 396 -12.09 -7.30 47.10
N GLY B 397 -10.92 -7.18 46.48
CA GLY B 397 -10.79 -7.47 45.05
C GLY B 397 -11.12 -8.93 44.73
N LEU B 398 -10.74 -9.82 45.63
CA LEU B 398 -11.08 -11.24 45.48
C LEU B 398 -12.59 -11.45 45.49
N VAL B 399 -13.29 -10.64 46.27
CA VAL B 399 -14.73 -10.73 46.37
C VAL B 399 -15.37 -10.12 45.11
N ASN B 400 -14.85 -8.98 44.67
CA ASN B 400 -15.35 -8.33 43.47
C ASN B 400 -15.24 -9.20 42.22
N THR B 401 -14.17 -9.98 42.13
CA THR B 401 -13.92 -10.82 40.96
C THR B 401 -14.52 -12.22 41.12
N GLU B 402 -15.30 -12.41 42.18
CA GLU B 402 -15.95 -13.68 42.47
C GLU B 402 -15.01 -14.86 42.75
N MET B 403 -13.74 -14.57 42.99
CA MET B 403 -12.81 -15.62 43.39
C MET B 403 -13.11 -16.10 44.83
N LEU B 404 -13.46 -15.17 45.71
CA LEU B 404 -13.92 -15.52 47.06
C LEU B 404 -15.36 -15.08 47.27
N LYS B 405 -16.13 -15.91 47.96
CA LYS B 405 -17.44 -15.49 48.42
C LYS B 405 -17.26 -14.66 49.68
N PRO B 406 -18.21 -13.78 49.96
CA PRO B 406 -18.22 -12.94 51.16
C PRO B 406 -18.00 -13.79 52.41
N THR B 407 -18.56 -14.99 52.42
CA THR B 407 -18.51 -15.87 53.58
C THR B 407 -17.30 -16.81 53.62
N ASP B 408 -16.47 -16.82 52.58
CA ASP B 408 -15.27 -17.67 52.65
C ASP B 408 -14.38 -17.34 53.86
N GLU B 409 -13.77 -18.37 54.44
CA GLU B 409 -13.03 -18.23 55.68
C GLU B 409 -11.53 -18.16 55.43
N ILE B 410 -10.92 -17.05 55.81
CA ILE B 410 -9.50 -16.83 55.55
C ILE B 410 -8.71 -17.21 56.80
N VAL B 411 -7.71 -18.07 56.64
CA VAL B 411 -6.99 -18.62 57.80
C VAL B 411 -5.54 -18.18 57.83
N SER B 412 -5.13 -17.40 56.82
CA SER B 412 -3.75 -16.94 56.75
C SER B 412 -3.63 -15.78 55.78
N THR B 413 -2.84 -14.78 56.15
CA THR B 413 -2.56 -13.66 55.24
C THR B 413 -1.08 -13.41 55.22
N TYR B 414 -0.62 -12.84 54.12
CA TYR B 414 0.78 -12.58 53.87
C TYR B 414 0.87 -11.35 53.01
N HIS B 415 1.82 -10.48 53.33
CA HIS B 415 2.08 -9.32 52.51
C HIS B 415 3.54 -8.91 52.61
N ARG B 416 4.18 -8.74 51.47
CA ARG B 416 5.56 -8.30 51.46
C ARG B 416 5.79 -7.36 50.28
N ARG B 417 6.47 -6.26 50.55
CA ARG B 417 6.80 -5.30 49.52
C ARG B 417 8.26 -5.50 49.07
N PHE B 418 8.44 -5.75 47.78
CA PHE B 418 9.76 -5.90 47.19
C PHE B 418 10.10 -4.63 46.45
N ASP B 419 11.06 -3.88 46.98
CA ASP B 419 11.33 -2.53 46.50
C ASP B 419 11.75 -2.50 45.03
N HIS B 420 12.78 -3.27 44.70
CA HIS B 420 13.12 -3.47 43.30
C HIS B 420 12.33 -4.66 42.80
N GLY B 421 11.25 -4.37 42.08
CA GLY B 421 10.34 -5.42 41.63
C GLY B 421 10.56 -5.80 40.18
N TYR B 422 10.16 -4.90 39.29
CA TYR B 422 10.47 -5.07 37.86
C TYR B 422 11.43 -3.97 37.44
N PRO B 423 12.47 -4.33 36.66
CA PRO B 423 13.24 -3.30 35.96
C PRO B 423 12.40 -2.92 34.74
N THR B 424 12.02 -1.64 34.63
CA THR B 424 11.01 -1.24 33.65
C THR B 424 11.61 -1.02 32.26
N PRO B 425 11.02 -1.66 31.25
CA PRO B 425 11.48 -1.44 29.87
C PRO B 425 11.00 -0.09 29.32
N THR B 426 11.51 1.00 29.89
CA THR B 426 11.13 2.34 29.45
C THR B 426 11.76 2.67 28.11
N LEU B 427 11.26 3.72 27.46
CA LEU B 427 11.88 4.23 26.25
C LEU B 427 13.34 4.61 26.45
N GLU B 428 13.70 5.05 27.67
CA GLU B 428 15.06 5.55 27.94
C GLU B 428 16.07 4.48 28.39
N ARG B 429 15.59 3.29 28.72
CA ARG B 429 16.42 2.28 29.36
C ARG B 429 17.69 1.98 28.59
N GLU B 430 17.57 1.68 27.29
CA GLU B 430 18.75 1.29 26.52
C GLU B 430 19.78 2.41 26.41
N GLY B 431 19.32 3.63 26.12
CA GLY B 431 20.23 4.77 26.13
C GLY B 431 21.06 4.81 27.42
N THR B 432 20.43 4.55 28.54
CA THR B 432 21.15 4.66 29.82
C THR B 432 22.11 3.47 30.03
N LEU B 433 21.65 2.27 29.70
CA LEU B 433 22.47 1.07 29.90
C LEU B 433 23.74 1.07 29.05
N THR B 434 23.65 1.64 27.84
CA THR B 434 24.81 1.69 26.98
C THR B 434 25.88 2.64 27.54
N GLN B 435 25.46 3.57 28.39
CA GLN B 435 26.41 4.40 29.15
C GLN B 435 26.94 3.68 30.41
N ILE B 436 26.21 2.67 30.90
CA ILE B 436 26.55 2.04 32.19
C ILE B 436 27.33 0.72 32.05
N LEU B 437 26.74 -0.25 31.36
CA LEU B 437 27.33 -1.58 31.28
C LEU B 437 28.75 -1.63 30.65
N PRO B 438 28.97 -0.90 29.54
CA PRO B 438 30.32 -0.87 28.96
C PRO B 438 31.38 -0.20 29.85
N LYS B 439 31.01 0.84 30.60
CA LYS B 439 31.91 1.42 31.58
C LYS B 439 32.29 0.43 32.68
N LEU B 440 31.35 -0.42 33.07
CA LEU B 440 31.63 -1.43 34.09
C LEU B 440 32.50 -2.51 33.47
N GLN B 441 32.18 -2.88 32.24
CA GLN B 441 32.94 -3.87 31.50
C GLN B 441 34.41 -3.47 31.38
N ASP B 442 34.65 -2.19 31.13
CA ASP B 442 36.02 -1.70 30.99
C ASP B 442 36.82 -1.82 32.27
N LYS B 443 36.14 -2.14 33.37
CA LYS B 443 36.81 -2.36 34.66
C LYS B 443 36.82 -3.83 35.04
N ASP B 444 36.52 -4.69 34.06
CA ASP B 444 36.39 -6.13 34.32
C ASP B 444 35.28 -6.43 35.33
N ILE B 445 34.19 -5.69 35.22
CA ILE B 445 33.02 -5.99 36.02
C ILE B 445 31.88 -6.45 35.11
N TRP B 446 31.46 -7.71 35.27
CA TRP B 446 30.29 -8.22 34.57
C TRP B 446 29.06 -8.04 35.46
N SER B 447 28.35 -6.93 35.29
CA SER B 447 27.13 -6.69 36.07
C SER B 447 25.97 -7.37 35.33
N ARG B 448 25.38 -8.38 35.96
CA ARG B 448 24.42 -9.24 35.27
C ARG B 448 23.28 -9.62 36.20
N GLY B 449 22.09 -9.76 35.64
CA GLY B 449 20.96 -10.23 36.40
C GLY B 449 19.74 -9.36 36.19
N ARG B 450 18.65 -9.73 36.83
CA ARG B 450 17.39 -8.98 36.74
C ARG B 450 17.67 -7.50 36.93
N PHE B 451 18.41 -7.17 37.98
CA PHE B 451 18.77 -5.78 38.25
C PHE B 451 20.27 -5.53 38.05
N GLY B 452 21.05 -6.60 37.95
CA GLY B 452 22.46 -6.47 37.60
C GLY B 452 22.63 -5.85 36.23
N SER B 453 21.81 -6.29 35.28
CA SER B 453 21.86 -5.74 33.92
C SER B 453 20.55 -5.05 33.49
N TRP B 454 19.50 -5.18 34.31
CA TRP B 454 18.31 -4.31 34.24
C TRP B 454 17.46 -4.49 33.01
N ARG B 455 17.53 -5.67 32.42
CA ARG B 455 16.69 -6.00 31.28
C ARG B 455 15.65 -7.04 31.68
N TYR B 456 14.39 -6.61 31.68
CA TYR B 456 13.30 -7.43 32.15
C TYR B 456 13.26 -8.77 31.40
N GLU B 457 13.42 -8.70 30.08
CA GLU B 457 13.19 -9.85 29.21
C GLU B 457 14.16 -10.99 29.46
N VAL B 458 15.25 -10.75 30.19
CA VAL B 458 16.12 -11.85 30.58
C VAL B 458 16.25 -11.92 32.09
N GLY B 459 15.21 -11.45 32.78
CA GLY B 459 15.29 -11.29 34.22
C GLY B 459 14.53 -12.30 35.05
N ASN B 460 13.92 -13.29 34.41
CA ASN B 460 13.30 -14.42 35.13
C ASN B 460 14.30 -15.58 35.33
N GLN B 461 13.83 -16.70 35.85
CA GLN B 461 14.75 -17.71 36.38
C GLN B 461 15.71 -18.32 35.35
N ASP B 462 15.19 -18.90 34.27
CA ASP B 462 16.10 -19.51 33.30
C ASP B 462 17.07 -18.51 32.67
N HIS B 463 16.55 -17.40 32.16
CA HIS B 463 17.41 -16.39 31.52
C HIS B 463 18.51 -15.86 32.46
N SER B 464 18.12 -15.58 33.70
CA SER B 464 19.03 -14.98 34.67
C SER B 464 20.13 -15.96 35.00
N PHE B 465 19.73 -17.19 35.26
CA PHE B 465 20.68 -18.29 35.50
C PHE B 465 21.68 -18.33 34.36
N MET B 466 21.18 -18.31 33.13
CA MET B 466 22.06 -18.38 31.98
C MET B 466 22.93 -17.14 31.83
N LEU B 467 22.41 -15.98 32.26
CA LEU B 467 23.23 -14.77 32.24
C LEU B 467 24.48 -15.02 33.08
N GLY B 468 24.30 -15.71 34.20
CA GLY B 468 25.40 -16.06 35.06
C GLY B 468 26.35 -17.02 34.38
N VAL B 469 25.79 -18.08 33.80
CA VAL B 469 26.56 -19.10 33.12
C VAL B 469 27.35 -18.51 31.94
N GLU B 470 26.69 -17.70 31.14
CA GLU B 470 27.34 -17.13 29.96
C GLU B 470 28.38 -16.07 30.34
N ALA B 471 28.13 -15.32 31.41
CA ALA B 471 29.13 -14.36 31.88
C ALA B 471 30.47 -15.07 32.15
N VAL B 472 30.40 -16.21 32.82
CA VAL B 472 31.58 -17.01 33.13
C VAL B 472 32.20 -17.57 31.86
N ASP B 473 31.35 -18.04 30.95
CA ASP B 473 31.83 -18.59 29.69
C ASP B 473 32.53 -17.53 28.86
N ASN B 474 32.04 -16.28 28.94
CA ASN B 474 32.71 -15.15 28.32
C ASN B 474 34.08 -14.89 28.96
N ILE B 475 34.12 -14.88 30.29
CA ILE B 475 35.35 -14.64 31.04
C ILE B 475 36.40 -15.69 30.77
N VAL B 476 35.98 -16.95 30.71
CA VAL B 476 36.90 -18.09 30.65
C VAL B 476 37.13 -18.66 29.24
N ASN B 477 36.07 -18.80 28.46
CA ASN B 477 36.16 -19.45 27.16
C ASN B 477 35.97 -18.55 25.95
N GLY B 478 35.83 -17.25 26.19
CA GLY B 478 35.62 -16.30 25.11
C GLY B 478 34.28 -16.49 24.43
N ALA B 479 33.29 -16.96 25.19
CA ALA B 479 31.96 -17.20 24.66
C ALA B 479 31.22 -15.89 24.41
N VAL B 480 30.32 -15.88 23.43
CA VAL B 480 29.41 -14.76 23.24
C VAL B 480 28.32 -14.74 24.34
N GLU B 481 28.07 -13.59 24.93
CA GLU B 481 26.99 -13.46 25.89
C GLU B 481 25.67 -13.29 25.13
N LEU B 482 25.11 -14.41 24.70
CA LEU B 482 23.98 -14.39 23.77
C LEU B 482 22.68 -13.95 24.44
N THR B 483 22.49 -14.39 25.69
CA THR B 483 21.27 -14.07 26.42
C THR B 483 21.19 -12.58 26.78
N LEU B 484 22.31 -12.03 27.23
CA LEU B 484 22.40 -10.62 27.57
C LEU B 484 22.03 -9.69 26.40
N ASN B 485 22.66 -9.90 25.24
CA ASN B 485 22.52 -9.00 24.10
C ASN B 485 21.56 -9.42 23.00
N TYR B 486 21.23 -10.71 22.93
CA TYR B 486 20.31 -11.18 21.89
C TYR B 486 19.22 -12.10 22.44
N PRO B 487 18.34 -11.57 23.29
CA PRO B 487 17.27 -12.43 23.84
C PRO B 487 16.38 -13.07 22.76
N ASP B 488 16.08 -12.33 21.70
CA ASP B 488 15.28 -12.89 20.59
C ASP B 488 16.00 -14.10 19.94
N PHE B 489 17.32 -14.03 19.85
CA PHE B 489 18.06 -15.14 19.29
C PHE B 489 17.93 -16.38 20.19
N VAL B 490 18.18 -16.22 21.49
CA VAL B 490 18.10 -17.38 22.38
C VAL B 490 16.66 -17.91 22.54
N ASN B 491 15.69 -17.01 22.62
CA ASN B 491 14.28 -17.43 22.77
C ASN B 491 13.68 -18.14 21.54
N GLY B 492 14.26 -17.93 20.35
CA GLY B 492 13.72 -18.53 19.14
C GLY B 492 14.34 -19.86 18.73
N ARG B 493 15.22 -20.40 19.56
CA ARG B 493 15.91 -21.64 19.19
C ARG B 493 15.95 -22.64 20.33
N GLN B 494 16.33 -23.87 20.01
CA GLN B 494 16.62 -24.85 21.03
C GLN B 494 18.06 -24.69 21.46
N ASN B 495 18.26 -24.29 22.71
CA ASN B 495 19.62 -24.10 23.21
C ASN B 495 20.20 -25.37 23.85
N THR B 496 20.67 -26.29 23.00
CA THR B 496 21.06 -27.61 23.45
C THR B 496 22.56 -27.83 23.59
N GLU B 497 23.36 -26.89 23.08
CA GLU B 497 24.80 -27.12 22.97
C GLU B 497 25.51 -27.15 24.31
N ARG B 498 25.19 -26.22 25.20
CA ARG B 498 25.90 -26.15 26.47
C ARG B 498 25.28 -27.11 27.50
N ARG B 499 26.10 -27.96 28.08
CA ARG B 499 25.62 -28.99 28.99
C ARG B 499 26.42 -28.96 30.29
N LEU B 500 25.83 -29.49 31.35
CA LEU B 500 26.49 -29.55 32.65
C LEU B 500 27.75 -30.43 32.58
N VAL B 501 27.73 -31.39 31.67
CA VAL B 501 28.92 -32.18 31.32
C VAL B 501 29.26 -31.98 29.84
N ASP B 502 30.22 -31.11 29.56
CA ASP B 502 30.69 -30.86 28.20
C ASP B 502 31.85 -31.80 27.86
N GLY B 503 32.28 -31.76 26.60
CA GLY B 503 33.45 -32.51 26.19
C GLY B 503 34.66 -32.27 27.09
N ALA B 504 34.88 -31.02 27.46
CA ALA B 504 36.04 -30.71 28.29
C ALA B 504 36.10 -31.65 29.48
N GLN B 505 34.96 -31.88 30.13
CA GLN B 505 34.93 -32.77 31.28
C GLN B 505 35.02 -34.26 30.89
N VAL B 506 34.30 -34.67 29.85
CA VAL B 506 34.36 -36.07 29.42
C VAL B 506 35.80 -36.50 29.15
N PHE B 507 36.52 -35.69 28.39
CA PHE B 507 37.88 -36.01 27.97
C PHE B 507 38.87 -35.99 29.13
N ALA B 508 38.67 -35.05 30.05
CA ALA B 508 39.59 -34.90 31.19
C ALA B 508 39.53 -36.08 32.14
N LYS B 509 38.36 -36.71 32.25
CA LYS B 509 38.20 -37.88 33.10
C LYS B 509 38.65 -39.15 32.37
N SER B 510 39.78 -39.06 31.66
CA SER B 510 40.31 -40.18 30.90
C SER B 510 41.84 -40.19 30.90
N HIS C 6 -41.19 12.34 -55.64
CA HIS C 6 -41.78 12.72 -54.36
C HIS C 6 -42.45 11.53 -53.67
N PRO C 7 -42.27 11.40 -52.34
CA PRO C 7 -42.84 10.32 -51.53
C PRO C 7 -44.28 10.59 -51.08
N ASP C 8 -45.03 9.52 -50.79
CA ASP C 8 -46.42 9.63 -50.37
C ASP C 8 -46.65 10.56 -49.16
N ILE C 9 -45.70 10.56 -48.22
CA ILE C 9 -45.80 11.41 -47.03
C ILE C 9 -44.48 12.08 -46.71
N SER C 10 -44.51 13.32 -46.22
CA SER C 10 -43.30 14.03 -45.83
C SER C 10 -43.38 14.64 -44.42
N VAL C 11 -42.38 14.35 -43.59
CA VAL C 11 -42.29 14.92 -42.25
C VAL C 11 -40.87 15.32 -41.89
N ASP C 12 -40.73 16.21 -40.92
CA ASP C 12 -39.42 16.60 -40.46
C ASP C 12 -38.74 15.44 -39.73
N VAL C 13 -39.43 14.88 -38.74
CA VAL C 13 -38.88 13.78 -37.95
C VAL C 13 -39.80 12.57 -37.97
N LEU C 14 -39.27 11.45 -38.48
CA LEU C 14 -40.00 10.18 -38.49
C LEU C 14 -39.49 9.34 -37.34
N VAL C 15 -40.41 8.79 -36.55
CA VAL C 15 -40.04 7.87 -35.48
C VAL C 15 -40.51 6.47 -35.82
N ILE C 16 -39.58 5.53 -35.88
CA ILE C 16 -39.95 4.13 -36.10
C ILE C 16 -39.97 3.36 -34.78
N GLY C 17 -41.14 2.81 -34.46
CA GLY C 17 -41.32 2.02 -33.26
C GLY C 17 -42.08 2.77 -32.19
N ALA C 18 -42.97 2.07 -31.49
CA ALA C 18 -43.77 2.69 -30.42
C ALA C 18 -43.65 1.91 -29.11
N GLY C 19 -42.43 1.47 -28.81
CA GLY C 19 -42.11 1.02 -27.47
C GLY C 19 -41.82 2.26 -26.65
N PRO C 20 -41.35 2.08 -25.41
CA PRO C 20 -41.00 3.23 -24.58
C PRO C 20 -40.09 4.25 -25.28
N THR C 21 -39.18 3.79 -26.11
CA THR C 21 -38.21 4.70 -26.72
C THR C 21 -38.86 5.63 -27.76
N GLY C 22 -39.70 5.05 -28.62
CA GLY C 22 -40.40 5.83 -29.63
C GLY C 22 -41.48 6.72 -29.04
N LEU C 23 -42.17 6.22 -28.01
CA LEU C 23 -43.20 7.01 -27.34
C LEU C 23 -42.55 8.22 -26.67
N GLY C 24 -41.39 8.02 -26.07
CA GLY C 24 -40.63 9.14 -25.54
C GLY C 24 -40.36 10.18 -26.62
N ALA C 25 -39.83 9.74 -27.76
CA ALA C 25 -39.57 10.63 -28.87
C ALA C 25 -40.84 11.38 -29.31
N ALA C 26 -41.94 10.64 -29.45
CA ALA C 26 -43.20 11.22 -29.90
C ALA C 26 -43.77 12.16 -28.85
N LYS C 27 -43.53 11.85 -27.59
CA LYS C 27 -44.04 12.68 -26.51
C LYS C 27 -43.35 14.03 -26.49
N ARG C 28 -42.04 14.01 -26.66
CA ARG C 28 -41.29 15.25 -26.71
C ARG C 28 -41.64 16.05 -27.98
N LEU C 29 -41.84 15.35 -29.09
CA LEU C 29 -42.26 16.00 -30.34
C LEU C 29 -43.62 16.65 -30.18
N ASN C 30 -44.56 15.96 -29.52
CA ASN C 30 -45.88 16.51 -29.33
C ASN C 30 -45.88 17.73 -28.40
N GLN C 31 -45.01 17.70 -27.40
CA GLN C 31 -44.84 18.84 -26.48
C GLN C 31 -44.28 20.05 -27.21
N ILE C 32 -43.20 19.84 -27.97
CA ILE C 32 -42.53 20.93 -28.64
C ILE C 32 -43.45 21.52 -29.71
N ASP C 33 -44.27 20.65 -30.30
CA ASP C 33 -45.19 21.04 -31.36
C ASP C 33 -44.59 22.07 -32.30
N GLY C 34 -43.40 21.78 -32.82
CA GLY C 34 -42.75 22.64 -33.78
C GLY C 34 -42.66 21.91 -35.10
N PRO C 35 -41.53 21.23 -35.34
CA PRO C 35 -41.33 20.44 -36.55
C PRO C 35 -42.40 19.35 -36.69
N SER C 36 -42.74 19.01 -37.93
CA SER C 36 -43.74 17.98 -38.19
C SER C 36 -43.14 16.61 -37.96
N TRP C 37 -43.95 15.67 -37.51
CA TRP C 37 -43.47 14.32 -37.21
C TRP C 37 -44.56 13.26 -37.35
N MET C 38 -44.12 12.01 -37.34
CA MET C 38 -45.01 10.86 -37.44
C MET C 38 -44.36 9.66 -36.75
N ILE C 39 -45.18 8.82 -36.13
CA ILE C 39 -44.66 7.62 -35.50
C ILE C 39 -45.35 6.37 -36.04
N VAL C 40 -44.53 5.42 -36.49
CA VAL C 40 -45.05 4.18 -37.06
C VAL C 40 -44.63 2.97 -36.22
N ASP C 41 -45.45 1.92 -36.26
CA ASP C 41 -45.09 0.66 -35.61
C ASP C 41 -45.91 -0.46 -36.27
N SER C 42 -45.31 -1.63 -36.41
CA SER C 42 -45.98 -2.76 -37.05
C SER C 42 -47.09 -3.37 -36.18
N ASN C 43 -47.18 -2.95 -34.93
CA ASN C 43 -48.17 -3.49 -34.01
C ASN C 43 -49.30 -2.49 -33.71
N GLU C 44 -50.54 -2.95 -33.77
CA GLU C 44 -51.69 -2.09 -33.55
C GLU C 44 -51.74 -1.61 -32.11
N THR C 45 -51.10 -2.35 -31.22
CA THR C 45 -51.03 -2.00 -29.80
C THR C 45 -49.67 -1.42 -29.44
N PRO C 46 -49.64 -0.17 -28.97
CA PRO C 46 -48.39 0.53 -28.61
C PRO C 46 -47.75 -0.10 -27.38
N GLY C 47 -46.45 0.03 -27.23
CA GLY C 47 -45.80 -0.41 -26.02
C GLY C 47 -44.60 -1.31 -26.26
N GLY C 48 -44.42 -1.71 -27.51
CA GLY C 48 -43.29 -2.53 -27.89
C GLY C 48 -43.16 -3.75 -27.00
N LEU C 49 -41.94 -4.03 -26.54
CA LEU C 49 -41.73 -5.20 -25.70
C LEU C 49 -42.09 -4.92 -24.25
N ALA C 50 -42.52 -3.70 -23.96
CA ALA C 50 -43.11 -3.43 -22.65
C ALA C 50 -44.63 -3.73 -22.65
N SER C 51 -45.11 -4.40 -23.68
CA SER C 51 -46.51 -4.87 -23.72
C SER C 51 -46.73 -6.02 -22.76
N THR C 52 -48.01 -6.35 -22.53
CA THR C 52 -48.40 -7.35 -21.55
C THR C 52 -49.31 -8.43 -22.16
N ASP C 53 -48.92 -9.69 -22.01
CA ASP C 53 -49.77 -10.80 -22.46
C ASP C 53 -50.71 -11.23 -21.34
N VAL C 54 -51.84 -11.81 -21.71
CA VAL C 54 -52.70 -12.50 -20.75
C VAL C 54 -53.07 -13.90 -21.24
N THR C 55 -53.10 -14.88 -20.33
CA THR C 55 -53.46 -16.25 -20.69
C THR C 55 -54.97 -16.35 -20.89
N PRO C 56 -55.42 -17.40 -21.61
CA PRO C 56 -56.86 -17.64 -21.77
C PRO C 56 -57.54 -17.72 -20.41
N GLU C 57 -56.78 -18.10 -19.38
CA GLU C 57 -57.37 -18.32 -18.08
C GLU C 57 -57.44 -17.03 -17.26
N GLY C 58 -56.90 -15.95 -17.81
CA GLY C 58 -57.02 -14.64 -17.18
C GLY C 58 -55.84 -14.14 -16.34
N PHE C 59 -54.69 -14.77 -16.49
CA PHE C 59 -53.46 -14.33 -15.82
C PHE C 59 -52.58 -13.43 -16.69
N LEU C 60 -52.23 -12.26 -16.18
CA LEU C 60 -51.36 -11.35 -16.93
C LEU C 60 -49.89 -11.71 -16.72
N TYR C 61 -49.07 -11.51 -17.74
CA TYR C 61 -47.63 -11.64 -17.59
C TYR C 61 -46.88 -10.60 -18.38
N ASP C 62 -46.00 -9.88 -17.67
CA ASP C 62 -45.11 -8.89 -18.28
C ASP C 62 -43.87 -9.61 -18.82
N VAL C 63 -42.96 -8.85 -19.42
CA VAL C 63 -41.78 -9.46 -20.05
C VAL C 63 -40.58 -9.60 -19.11
N GLY C 64 -40.62 -8.94 -17.96
CA GLY C 64 -39.50 -9.02 -17.04
C GLY C 64 -39.86 -8.67 -15.60
N GLY C 65 -38.91 -8.86 -14.69
CA GLY C 65 -39.12 -8.61 -13.27
C GLY C 65 -38.29 -7.47 -12.71
N HIS C 66 -37.83 -6.60 -13.61
CA HIS C 66 -37.13 -5.38 -13.20
C HIS C 66 -38.16 -4.26 -13.08
N VAL C 67 -38.55 -3.95 -11.84
CA VAL C 67 -39.60 -2.95 -11.60
C VAL C 67 -39.11 -1.54 -11.96
N ILE C 68 -40.04 -0.60 -12.08
CA ILE C 68 -39.70 0.75 -12.49
C ILE C 68 -39.01 1.55 -11.37
N PHE C 69 -37.83 2.08 -11.66
CA PHE C 69 -37.27 3.15 -10.84
C PHE C 69 -36.91 4.30 -11.76
N SER C 70 -37.66 5.38 -11.65
CA SER C 70 -37.49 6.53 -12.52
C SER C 70 -36.34 7.45 -12.11
N HIS C 71 -35.48 7.81 -13.06
CA HIS C 71 -34.40 8.76 -12.79
C HIS C 71 -34.71 10.17 -13.33
N TYR C 72 -35.96 10.41 -13.72
CA TYR C 72 -36.31 11.68 -14.35
C TYR C 72 -37.72 12.19 -14.00
N LYS C 73 -37.84 13.49 -13.73
CA LYS C 73 -39.16 14.10 -13.51
C LYS C 73 -39.97 14.02 -14.78
N TYR C 74 -39.31 14.10 -15.94
CA TYR C 74 -40.06 14.11 -17.20
C TYR C 74 -40.86 12.79 -17.35
N PHE C 75 -40.21 11.68 -17.04
CA PHE C 75 -40.82 10.37 -17.07
C PHE C 75 -42.00 10.36 -16.11
N ASP C 76 -41.78 10.84 -14.88
CA ASP C 76 -42.87 10.94 -13.90
C ASP C 76 -44.05 11.74 -14.43
N ASP C 77 -43.75 12.82 -15.15
CA ASP C 77 -44.80 13.66 -15.71
C ASP C 77 -45.65 12.91 -16.71
N CYS C 78 -45.02 12.12 -17.57
CA CYS C 78 -45.77 11.41 -18.60
C CYS C 78 -46.57 10.26 -18.02
N LEU C 79 -45.97 9.52 -17.08
CA LEU C 79 -46.71 8.49 -16.37
C LEU C 79 -47.89 9.08 -15.60
N ASP C 80 -47.66 10.20 -14.91
CA ASP C 80 -48.73 10.83 -14.16
C ASP C 80 -49.87 11.32 -15.06
N GLU C 81 -49.52 11.91 -16.19
CA GLU C 81 -50.52 12.40 -17.14
C GLU C 81 -51.32 11.22 -17.68
N ALA C 82 -50.63 10.14 -18.02
CA ALA C 82 -51.27 8.98 -18.60
C ALA C 82 -52.23 8.26 -17.65
N LEU C 83 -51.90 8.31 -16.36
CA LEU C 83 -52.66 7.58 -15.35
C LEU C 83 -52.65 8.39 -14.05
N PRO C 84 -53.56 9.36 -13.96
CA PRO C 84 -53.52 10.39 -12.91
C PRO C 84 -54.24 10.04 -11.60
N LYS C 85 -55.09 9.01 -11.61
CA LYS C 85 -55.85 8.63 -10.41
C LYS C 85 -54.97 7.86 -9.43
N GLU C 86 -55.17 8.10 -8.13
CA GLU C 86 -54.40 7.38 -7.12
C GLU C 86 -54.67 5.88 -7.27
N ASP C 87 -55.85 5.53 -7.74
CA ASP C 87 -56.22 4.13 -7.87
C ASP C 87 -55.76 3.53 -9.21
N ASP C 88 -55.01 4.31 -9.99
CA ASP C 88 -54.38 3.79 -11.20
C ASP C 88 -53.07 3.06 -10.88
N TRP C 89 -52.65 3.09 -9.62
CA TRP C 89 -51.35 2.53 -9.22
C TRP C 89 -51.42 1.86 -7.86
N TYR C 90 -50.55 0.90 -7.63
CA TYR C 90 -50.30 0.36 -6.29
C TYR C 90 -48.82 0.55 -6.02
N THR C 91 -48.48 0.94 -4.81
CA THR C 91 -47.07 1.05 -4.44
C THR C 91 -46.67 -0.09 -3.50
N HIS C 92 -45.41 -0.49 -3.55
CA HIS C 92 -44.94 -1.63 -2.75
C HIS C 92 -43.50 -1.40 -2.34
N GLN C 93 -43.08 -2.04 -1.26
CA GLN C 93 -41.69 -1.98 -0.86
C GLN C 93 -40.87 -2.86 -1.78
N ARG C 94 -39.61 -2.47 -2.02
CA ARG C 94 -38.72 -3.21 -2.91
CA ARG C 94 -38.77 -3.23 -2.93
C ARG C 94 -38.15 -4.44 -2.21
N ILE C 95 -38.96 -5.47 -2.05
CA ILE C 95 -38.60 -6.67 -1.30
C ILE C 95 -38.06 -7.83 -2.16
N SER C 96 -36.79 -8.18 -1.96
CA SER C 96 -36.18 -9.25 -2.74
C SER C 96 -35.32 -10.17 -1.88
N TYR C 97 -35.10 -11.39 -2.36
CA TYR C 97 -34.36 -12.41 -1.61
C TYR C 97 -33.60 -13.29 -2.58
N VAL C 98 -32.54 -13.91 -2.09
CA VAL C 98 -31.75 -14.82 -2.90
C VAL C 98 -31.97 -16.21 -2.35
N ARG C 99 -32.32 -17.15 -3.22
CA ARG C 99 -32.46 -18.54 -2.79
C ARG C 99 -31.07 -19.19 -2.72
N CYS C 100 -30.70 -19.67 -1.54
CA CYS C 100 -29.39 -20.28 -1.37
C CYS C 100 -29.43 -21.35 -0.27
N GLN C 101 -29.10 -22.58 -0.65
CA GLN C 101 -28.99 -23.70 0.29
C GLN C 101 -30.16 -23.78 1.27
N GLY C 102 -31.36 -23.89 0.72
CA GLY C 102 -32.56 -24.04 1.52
C GLY C 102 -33.10 -22.78 2.17
N GLN C 103 -32.45 -21.64 1.98
CA GLN C 103 -32.91 -20.42 2.64
C GLN C 103 -33.31 -19.33 1.66
N TRP C 104 -34.24 -18.48 2.10
CA TRP C 104 -34.45 -17.20 1.45
C TRP C 104 -33.59 -16.16 2.17
N VAL C 105 -32.51 -15.74 1.52
CA VAL C 105 -31.59 -14.77 2.09
C VAL C 105 -31.90 -13.35 1.60
N PRO C 106 -32.19 -12.43 2.53
CA PRO C 106 -32.55 -11.07 2.11
C PRO C 106 -31.46 -10.41 1.28
N TYR C 107 -31.86 -9.71 0.23
CA TYR C 107 -30.92 -8.93 -0.54
C TYR C 107 -30.60 -7.66 0.25
N PRO C 108 -29.32 -7.23 0.24
CA PRO C 108 -28.16 -7.81 -0.47
C PRO C 108 -27.55 -9.02 0.24
N PHE C 109 -27.25 -10.04 -0.55
CA PHE C 109 -26.72 -11.31 -0.07
C PHE C 109 -25.63 -11.19 1.01
N GLN C 110 -24.64 -10.34 0.80
CA GLN C 110 -23.47 -10.36 1.69
C GLN C 110 -23.79 -9.88 3.12
N ASN C 111 -24.79 -9.02 3.26
CA ASN C 111 -25.18 -8.55 4.60
C ASN C 111 -26.06 -9.54 5.31
N ASN C 112 -26.24 -10.70 4.69
CA ASN C 112 -27.18 -11.66 5.22
C ASN C 112 -26.69 -13.10 5.30
N ILE C 113 -25.38 -13.29 5.16
CA ILE C 113 -24.82 -14.63 5.21
C ILE C 113 -24.86 -15.29 6.60
N SER C 114 -25.33 -14.57 7.61
CA SER C 114 -25.53 -15.20 8.92
C SER C 114 -26.54 -16.36 8.84
N MET C 115 -27.31 -16.42 7.77
CA MET C 115 -28.29 -17.49 7.58
C MET C 115 -27.65 -18.79 7.07
N LEU C 116 -26.40 -18.71 6.64
CA LEU C 116 -25.70 -19.87 6.10
C LEU C 116 -25.00 -20.60 7.22
N PRO C 117 -24.60 -21.86 6.97
CA PRO C 117 -23.82 -22.62 7.95
C PRO C 117 -22.57 -21.87 8.40
N LYS C 118 -22.18 -22.05 9.65
CA LYS C 118 -21.04 -21.34 10.20
C LYS C 118 -19.75 -21.50 9.38
N GLU C 119 -19.47 -22.72 8.95
CA GLU C 119 -18.24 -23.04 8.23
C GLU C 119 -18.17 -22.22 6.95
N GLU C 120 -19.34 -22.00 6.36
CA GLU C 120 -19.48 -21.27 5.12
C GLU C 120 -19.33 -19.77 5.38
N GLN C 121 -19.85 -19.33 6.52
CA GLN C 121 -19.61 -17.96 6.95
C GLN C 121 -18.11 -17.70 7.06
N VAL C 122 -17.39 -18.63 7.69
CA VAL C 122 -15.94 -18.48 7.79
C VAL C 122 -15.26 -18.30 6.42
N LYS C 123 -15.63 -19.15 5.45
CA LYS C 123 -15.02 -19.11 4.14
C LYS C 123 -15.33 -17.77 3.47
N CYS C 124 -16.57 -17.32 3.61
CA CYS C 124 -16.99 -16.02 3.06
C CYS C 124 -16.22 -14.83 3.65
N ILE C 125 -16.14 -14.78 4.97
CA ILE C 125 -15.44 -13.68 5.64
C ILE C 125 -13.96 -13.68 5.27
N ASP C 126 -13.34 -14.85 5.32
CA ASP C 126 -11.94 -14.98 4.89
C ASP C 126 -11.68 -14.46 3.46
N GLY C 127 -12.57 -14.78 2.53
CA GLY C 127 -12.40 -14.30 1.16
C GLY C 127 -12.58 -12.81 1.08
N MET C 128 -13.51 -12.29 1.87
CA MET C 128 -13.72 -10.83 1.89
C MET C 128 -12.59 -10.06 2.58
N ILE C 129 -12.00 -10.65 3.62
CA ILE C 129 -10.81 -10.09 4.25
C ILE C 129 -9.70 -9.92 3.19
N ASP C 130 -9.42 -11.00 2.47
CA ASP C 130 -8.45 -10.99 1.37
C ASP C 130 -8.75 -9.85 0.42
N ALA C 131 -10.02 -9.74 0.03
CA ALA C 131 -10.44 -8.71 -0.90
C ALA C 131 -10.23 -7.29 -0.34
N ALA C 132 -10.46 -7.13 0.95
CA ALA C 132 -10.39 -5.78 1.53
C ALA C 132 -8.93 -5.36 1.59
N LEU C 133 -8.07 -6.33 1.84
CA LEU C 133 -6.64 -6.08 1.95
C LEU C 133 -6.04 -5.79 0.59
N GLU C 134 -6.55 -6.44 -0.46
CA GLU C 134 -6.08 -6.14 -1.80
C GLU C 134 -6.57 -4.76 -2.24
N ALA C 135 -7.81 -4.43 -1.89
CA ALA C 135 -8.38 -3.15 -2.31
C ALA C 135 -7.66 -1.98 -1.63
N ARG C 136 -7.04 -2.26 -0.49
CA ARG C 136 -6.26 -1.26 0.22
C ARG C 136 -5.04 -0.80 -0.60
N VAL C 137 -4.48 -1.70 -1.41
CA VAL C 137 -3.30 -1.39 -2.23
C VAL C 137 -3.55 -1.45 -3.73
N ALA C 138 -4.82 -1.46 -4.14
CA ALA C 138 -5.14 -1.58 -5.55
C ALA C 138 -4.79 -0.31 -6.31
N ASN C 139 -4.21 -0.46 -7.49
CA ASN C 139 -3.91 0.69 -8.33
C ASN C 139 -4.34 0.50 -9.78
N THR C 140 -5.21 -0.47 -10.02
CA THR C 140 -5.83 -0.65 -11.33
C THR C 140 -7.34 -0.75 -11.17
N LYS C 141 -8.06 -0.63 -12.28
CA LYS C 141 -9.49 -0.84 -12.25
C LYS C 141 -9.77 -2.21 -12.83
N PRO C 142 -10.80 -2.89 -12.32
CA PRO C 142 -11.17 -4.21 -12.88
C PRO C 142 -11.46 -4.07 -14.37
N LYS C 143 -11.06 -5.05 -15.17
CA LYS C 143 -11.29 -4.97 -16.61
C LYS C 143 -12.53 -5.78 -17.02
N THR C 144 -12.93 -6.73 -16.18
CA THR C 144 -14.09 -7.59 -16.49
C THR C 144 -15.12 -7.60 -15.36
N PHE C 145 -16.36 -7.92 -15.72
CA PHE C 145 -17.42 -8.13 -14.75
C PHE C 145 -16.94 -9.10 -13.64
N ASP C 146 -16.28 -10.18 -14.04
CA ASP C 146 -15.82 -11.15 -13.06
C ASP C 146 -14.82 -10.57 -12.07
N GLU C 147 -13.87 -9.79 -12.57
CA GLU C 147 -12.87 -9.18 -11.69
C GLU C 147 -13.58 -8.21 -10.76
N TRP C 148 -14.57 -7.50 -11.29
CA TRP C 148 -15.31 -6.54 -10.49
C TRP C 148 -16.04 -7.25 -9.35
N ILE C 149 -16.66 -8.40 -9.65
CA ILE C 149 -17.40 -9.14 -8.64
C ILE C 149 -16.49 -9.66 -7.55
N VAL C 150 -15.38 -10.28 -7.94
CA VAL C 150 -14.49 -10.89 -6.97
C VAL C 150 -13.82 -9.85 -6.06
N ARG C 151 -13.55 -8.67 -6.60
CA ARG C 151 -13.00 -7.55 -5.82
C ARG C 151 -13.99 -6.91 -4.83
N MET C 152 -15.25 -6.78 -5.24
CA MET C 152 -16.31 -6.37 -4.32
C MET C 152 -16.57 -7.40 -3.19
N MET C 153 -16.63 -8.68 -3.54
CA MET C 153 -17.20 -9.69 -2.64
C MET C 153 -16.19 -10.66 -2.05
N GLY C 154 -15.03 -10.79 -2.68
CA GLY C 154 -14.15 -11.91 -2.39
C GLY C 154 -14.69 -13.23 -2.98
N THR C 155 -13.81 -14.21 -3.05
CA THR C 155 -14.10 -15.50 -3.69
C THR C 155 -15.31 -16.28 -3.19
N GLY C 156 -15.37 -16.51 -1.88
CA GLY C 156 -16.44 -17.30 -1.30
C GLY C 156 -17.81 -16.75 -1.61
N ILE C 157 -18.01 -15.46 -1.37
CA ILE C 157 -19.30 -14.84 -1.62
C ILE C 157 -19.59 -14.74 -3.11
N ALA C 158 -18.56 -14.41 -3.91
CA ALA C 158 -18.75 -14.34 -5.35
C ALA C 158 -19.30 -15.67 -5.87
N ASP C 159 -18.70 -16.77 -5.41
CA ASP C 159 -19.07 -18.11 -5.86
C ASP C 159 -20.46 -18.56 -5.40
N LEU C 160 -20.95 -17.96 -4.33
CA LEU C 160 -22.25 -18.38 -3.81
C LEU C 160 -23.38 -17.74 -4.57
N PHE C 161 -23.18 -16.51 -5.03
CA PHE C 161 -24.29 -15.76 -5.59
C PHE C 161 -23.98 -15.11 -6.94
N MET C 162 -23.23 -14.01 -6.94
CA MET C 162 -23.04 -13.20 -8.15
C MET C 162 -22.45 -13.92 -9.38
N ARG C 163 -21.45 -14.78 -9.20
CA ARG C 163 -20.92 -15.50 -10.36
C ARG C 163 -21.95 -16.44 -11.02
N PRO C 164 -22.48 -17.42 -10.26
CA PRO C 164 -23.42 -18.35 -10.89
C PRO C 164 -24.75 -17.67 -11.26
N TYR C 165 -25.23 -16.73 -10.46
CA TYR C 165 -26.45 -15.99 -10.80
C TYR C 165 -26.31 -15.31 -12.16
N ASN C 166 -25.22 -14.57 -12.33
CA ASN C 166 -25.04 -13.82 -13.58
C ASN C 166 -24.85 -14.68 -14.83
N PHE C 167 -24.24 -15.85 -14.69
CA PHE C 167 -24.24 -16.75 -15.83
C PHE C 167 -25.69 -17.06 -16.24
N LYS C 168 -26.54 -17.39 -15.28
CA LYS C 168 -27.93 -17.71 -15.60
C LYS C 168 -28.68 -16.50 -16.15
N VAL C 169 -28.26 -15.30 -15.75
CA VAL C 169 -28.88 -14.08 -16.28
C VAL C 169 -28.46 -13.80 -17.73
N TRP C 170 -27.16 -13.63 -17.94
CA TRP C 170 -26.66 -13.16 -19.23
C TRP C 170 -26.43 -14.29 -20.24
N ALA C 171 -26.35 -15.52 -19.74
CA ALA C 171 -26.11 -16.68 -20.60
C ALA C 171 -24.72 -16.60 -21.24
N VAL C 172 -23.80 -15.92 -20.56
CA VAL C 172 -22.38 -15.91 -20.93
C VAL C 172 -21.66 -15.81 -19.61
N PRO C 173 -20.42 -16.31 -19.55
CA PRO C 173 -19.68 -16.26 -18.28
C PRO C 173 -19.33 -14.81 -17.92
N THR C 174 -19.23 -14.52 -16.63
CA THR C 174 -18.86 -13.19 -16.13
C THR C 174 -17.50 -12.73 -16.67
N THR C 175 -16.62 -13.66 -16.97
CA THR C 175 -15.30 -13.32 -17.47
C THR C 175 -15.37 -12.69 -18.88
N LYS C 176 -16.51 -12.83 -19.57
CA LYS C 176 -16.61 -12.39 -20.96
C LYS C 176 -17.32 -11.04 -21.09
N MET C 177 -17.68 -10.43 -19.95
CA MET C 177 -18.41 -9.17 -19.95
C MET C 177 -17.57 -7.99 -19.46
N GLN C 178 -17.92 -6.79 -19.91
CA GLN C 178 -17.24 -5.58 -19.45
C GLN C 178 -17.86 -5.20 -18.11
N CYS C 179 -17.37 -4.14 -17.48
CA CYS C 179 -17.94 -3.72 -16.21
C CYS C 179 -18.20 -2.22 -16.12
N ALA C 180 -18.10 -1.51 -17.25
CA ALA C 180 -18.41 -0.08 -17.23
C ALA C 180 -19.93 0.17 -17.11
N TRP C 181 -20.73 -0.76 -17.64
CA TRP C 181 -22.19 -0.68 -17.56
C TRP C 181 -22.73 -0.67 -16.11
N LEU C 182 -21.92 -1.16 -15.17
CA LEU C 182 -22.28 -1.24 -13.75
C LEU C 182 -22.33 0.12 -13.08
N GLY C 183 -21.62 1.09 -13.64
CA GLY C 183 -21.44 2.36 -12.97
C GLY C 183 -20.02 2.52 -12.48
N GLU C 184 -19.74 3.61 -11.76
CA GLU C 184 -18.37 3.95 -11.38
C GLU C 184 -18.06 3.79 -9.88
N ARG C 185 -18.85 2.99 -9.17
CA ARG C 185 -18.53 2.66 -7.79
C ARG C 185 -17.28 1.78 -7.67
N VAL C 186 -16.40 2.11 -6.72
CA VAL C 186 -15.16 1.36 -6.48
C VAL C 186 -15.39 -0.13 -6.16
N ALA C 187 -14.58 -1.00 -6.77
CA ALA C 187 -14.71 -2.44 -6.54
C ALA C 187 -13.97 -2.85 -5.26
N ALA C 188 -14.65 -2.65 -4.14
CA ALA C 188 -14.10 -2.99 -2.82
C ALA C 188 -15.23 -3.40 -1.86
N PRO C 189 -14.91 -4.26 -0.90
CA PRO C 189 -15.90 -4.73 0.06
C PRO C 189 -16.15 -3.74 1.19
N ASN C 190 -17.38 -3.74 1.70
CA ASN C 190 -17.63 -3.12 2.99
C ASN C 190 -17.49 -4.21 4.07
N LEU C 191 -16.25 -4.49 4.45
CA LEU C 191 -15.92 -5.58 5.35
C LEU C 191 -16.59 -5.46 6.71
N LYS C 192 -16.64 -4.23 7.25
CA LYS C 192 -17.24 -4.03 8.57
C LYS C 192 -18.75 -4.32 8.58
N ALA C 193 -19.46 -3.90 7.53
CA ALA C 193 -20.89 -4.17 7.46
C ALA C 193 -21.17 -5.65 7.42
N VAL C 194 -20.34 -6.38 6.68
CA VAL C 194 -20.55 -7.80 6.52
C VAL C 194 -20.21 -8.57 7.79
N THR C 195 -19.12 -8.23 8.45
CA THR C 195 -18.72 -8.98 9.65
C THR C 195 -19.66 -8.63 10.80
N THR C 196 -20.09 -7.37 10.84
CA THR C 196 -21.00 -6.91 11.87
C THR C 196 -22.31 -7.71 11.85
N ASN C 197 -22.92 -7.84 10.68
CA ASN C 197 -24.16 -8.63 10.60
C ASN C 197 -23.92 -10.12 10.96
N VAL C 198 -22.76 -10.66 10.60
CA VAL C 198 -22.40 -12.00 11.03
C VAL C 198 -22.29 -12.10 12.56
N ILE C 199 -21.47 -11.25 13.15
CA ILE C 199 -21.31 -11.25 14.59
C ILE C 199 -22.65 -11.11 15.34
N LEU C 200 -23.51 -10.20 14.89
CA LEU C 200 -24.78 -9.96 15.56
C LEU C 200 -25.88 -10.97 15.20
N GLY C 201 -25.62 -11.84 14.23
CA GLY C 201 -26.64 -12.80 13.80
C GLY C 201 -27.82 -12.05 13.19
N LYS C 202 -27.52 -10.91 12.58
CA LYS C 202 -28.55 -10.04 11.98
C LYS C 202 -28.80 -10.35 10.50
N THR C 203 -30.04 -10.13 10.08
CA THR C 203 -30.38 -10.05 8.67
C THR C 203 -31.03 -8.69 8.42
N ALA C 204 -30.77 -8.13 7.25
CA ALA C 204 -31.31 -6.83 6.89
C ALA C 204 -31.39 -6.71 5.38
N GLY C 205 -32.62 -6.60 4.86
CA GLY C 205 -32.84 -6.28 3.47
C GLY C 205 -32.70 -4.79 3.23
N ASN C 206 -32.51 -4.41 1.96
CA ASN C 206 -32.34 -3.01 1.58
C ASN C 206 -33.68 -2.37 1.19
N TRP C 207 -34.71 -2.59 2.01
CA TRP C 207 -36.01 -1.99 1.73
C TRP C 207 -36.63 -1.44 3.00
N GLY C 208 -37.67 -0.64 2.82
CA GLY C 208 -38.33 0.04 3.91
C GLY C 208 -39.36 0.95 3.29
N PRO C 209 -40.08 1.72 4.13
CA PRO C 209 -41.21 2.53 3.67
C PRO C 209 -40.84 3.52 2.57
N ASN C 210 -39.57 3.85 2.44
CA ASN C 210 -39.13 4.80 1.42
C ASN C 210 -38.44 4.13 0.22
N ALA C 211 -38.20 2.84 0.31
CA ALA C 211 -37.65 2.09 -0.81
C ALA C 211 -38.77 1.30 -1.48
N THR C 212 -39.53 2.00 -2.29
CA THR C 212 -40.75 1.46 -2.88
C THR C 212 -40.71 1.51 -4.40
N PHE C 213 -41.68 0.84 -5.01
CA PHE C 213 -41.93 1.00 -6.44
C PHE C 213 -43.42 1.13 -6.68
N ARG C 214 -43.76 1.59 -7.88
CA ARG C 214 -45.12 1.92 -8.26
C ARG C 214 -45.48 0.91 -9.33
N PHE C 215 -46.64 0.28 -9.21
CA PHE C 215 -47.07 -0.63 -10.27
C PHE C 215 -48.50 -0.33 -10.72
N PRO C 216 -48.75 -0.37 -12.03
CA PRO C 216 -50.06 -0.09 -12.62
C PRO C 216 -51.15 -1.06 -12.14
N ALA C 217 -52.24 -0.51 -11.62
CA ALA C 217 -53.40 -1.29 -11.20
C ALA C 217 -53.93 -2.22 -12.29
N ARG C 218 -53.89 -1.77 -13.55
CA ARG C 218 -54.51 -2.53 -14.62
C ARG C 218 -53.66 -2.68 -15.87
N GLY C 219 -53.73 -3.86 -16.50
CA GLY C 219 -53.09 -4.10 -17.78
C GLY C 219 -51.60 -4.40 -17.75
N GLY C 220 -51.02 -4.51 -16.56
CA GLY C 220 -49.59 -4.75 -16.44
C GLY C 220 -48.85 -3.50 -16.87
N THR C 221 -47.52 -3.60 -17.04
CA THR C 221 -46.78 -2.45 -17.53
C THR C 221 -47.38 -1.99 -18.85
N GLY C 222 -47.94 -2.95 -19.58
CA GLY C 222 -48.51 -2.69 -20.89
C GLY C 222 -49.56 -1.59 -20.90
N GLY C 223 -50.28 -1.44 -19.79
CA GLY C 223 -51.31 -0.42 -19.66
C GLY C 223 -50.76 1.00 -19.54
N ILE C 224 -49.57 1.13 -18.94
CA ILE C 224 -48.87 2.41 -18.89
C ILE C 224 -48.69 2.99 -20.29
N TRP C 225 -48.18 2.17 -21.20
CA TRP C 225 -47.80 2.64 -22.51
C TRP C 225 -48.98 2.87 -23.43
N ILE C 226 -50.00 2.02 -23.32
CA ILE C 226 -51.23 2.29 -24.04
C ILE C 226 -51.76 3.68 -23.69
N ALA C 227 -51.77 3.99 -22.39
CA ALA C 227 -52.30 5.26 -21.91
C ALA C 227 -51.43 6.44 -22.34
N VAL C 228 -50.11 6.26 -22.27
CA VAL C 228 -49.19 7.29 -22.75
C VAL C 228 -49.46 7.58 -24.23
N ALA C 229 -49.44 6.53 -25.04
CA ALA C 229 -49.74 6.64 -26.45
C ALA C 229 -51.07 7.36 -26.68
N ASN C 230 -52.07 7.06 -25.86
CA ASN C 230 -53.38 7.67 -26.03
C ASN C 230 -53.40 9.19 -25.87
N THR C 231 -52.29 9.78 -25.41
CA THR C 231 -52.23 11.24 -25.28
C THR C 231 -51.72 11.90 -26.56
N LEU C 232 -51.29 11.08 -27.51
CA LEU C 232 -50.77 11.57 -28.79
C LEU C 232 -51.91 11.83 -29.79
N PRO C 233 -51.71 12.82 -30.68
CA PRO C 233 -52.69 13.05 -31.74
C PRO C 233 -52.74 11.86 -32.70
N LYS C 234 -53.88 11.18 -32.75
CA LYS C 234 -54.00 9.92 -33.49
C LYS C 234 -53.59 10.01 -34.96
N GLU C 235 -53.81 11.17 -35.59
CA GLU C 235 -53.51 11.31 -37.01
C GLU C 235 -52.01 11.33 -37.30
N LYS C 236 -51.20 11.44 -36.25
CA LYS C 236 -49.75 11.46 -36.38
C LYS C 236 -49.14 10.09 -36.09
N THR C 237 -50.01 9.09 -35.89
CA THR C 237 -49.56 7.72 -35.69
C THR C 237 -50.05 6.80 -36.79
N ARG C 238 -49.28 5.76 -37.08
CA ARG C 238 -49.69 4.70 -38.00
C ARG C 238 -49.26 3.35 -37.41
N PHE C 239 -50.17 2.73 -36.66
CA PHE C 239 -49.87 1.48 -35.96
C PHE C 239 -50.60 0.30 -36.58
N GLY C 240 -49.89 -0.81 -36.76
CA GLY C 240 -50.46 -2.01 -37.33
C GLY C 240 -49.71 -2.37 -38.60
N GLU C 241 -50.33 -3.20 -39.42
CA GLU C 241 -49.79 -3.54 -40.74
C GLU C 241 -49.49 -2.27 -41.55
N LYS C 242 -50.37 -1.28 -41.43
CA LYS C 242 -50.21 0.00 -42.12
C LYS C 242 -48.91 0.71 -41.72
N GLY C 243 -48.31 0.30 -40.60
CA GLY C 243 -47.14 0.98 -40.08
C GLY C 243 -45.87 0.14 -40.02
N LYS C 244 -45.87 -0.98 -40.73
CA LYS C 244 -44.70 -1.86 -40.77
C LYS C 244 -43.66 -1.33 -41.77
N VAL C 245 -42.48 -0.96 -41.28
CA VAL C 245 -41.40 -0.56 -42.20
C VAL C 245 -40.72 -1.77 -42.83
N THR C 246 -40.46 -1.69 -44.14
CA THR C 246 -39.83 -2.81 -44.87
C THR C 246 -38.52 -2.39 -45.53
N LYS C 247 -38.39 -1.11 -45.85
CA LYS C 247 -37.16 -0.60 -46.45
C LYS C 247 -36.82 0.78 -45.92
N VAL C 248 -35.54 0.99 -45.61
CA VAL C 248 -35.06 2.31 -45.29
C VAL C 248 -33.97 2.67 -46.28
N ASN C 249 -34.22 3.71 -47.07
CA ASN C 249 -33.22 4.25 -47.98
C ASN C 249 -32.50 5.42 -47.34
N ALA C 250 -31.42 5.13 -46.62
CA ALA C 250 -30.68 6.16 -45.90
C ALA C 250 -30.27 7.33 -46.81
N ASN C 251 -29.95 7.04 -48.06
CA ASN C 251 -29.41 8.08 -48.94
C ASN C 251 -30.44 9.11 -49.44
N ASN C 252 -31.66 8.65 -49.70
CA ASN C 252 -32.73 9.54 -50.14
C ASN C 252 -33.59 9.98 -48.97
N LYS C 253 -33.29 9.45 -47.79
CA LYS C 253 -34.06 9.72 -46.60
C LYS C 253 -35.54 9.42 -46.82
N THR C 254 -35.83 8.20 -47.24
CA THR C 254 -37.21 7.75 -47.35
C THR C 254 -37.39 6.38 -46.74
N VAL C 255 -38.57 6.14 -46.20
CA VAL C 255 -38.91 4.83 -45.67
C VAL C 255 -40.04 4.28 -46.52
N THR C 256 -39.99 2.98 -46.80
CA THR C 256 -41.09 2.31 -47.51
C THR C 256 -41.73 1.28 -46.59
N LEU C 257 -43.06 1.31 -46.51
CA LEU C 257 -43.82 0.42 -45.64
C LEU C 257 -44.34 -0.81 -46.39
N GLN C 258 -44.93 -1.75 -45.67
CA GLN C 258 -45.37 -2.99 -46.29
C GLN C 258 -46.48 -2.75 -47.31
N ASP C 259 -47.32 -1.76 -47.05
CA ASP C 259 -48.46 -1.46 -47.92
C ASP C 259 -48.05 -0.66 -49.15
N GLY C 260 -46.78 -0.30 -49.23
CA GLY C 260 -46.24 0.40 -50.39
C GLY C 260 -46.00 1.88 -50.15
N THR C 261 -46.67 2.43 -49.14
CA THR C 261 -46.55 3.85 -48.83
C THR C 261 -45.11 4.23 -48.50
N THR C 262 -44.67 5.35 -49.05
CA THR C 262 -43.33 5.86 -48.83
C THR C 262 -43.36 7.13 -48.00
N ILE C 263 -42.40 7.27 -47.10
CA ILE C 263 -42.35 8.41 -46.21
C ILE C 263 -41.00 9.09 -46.28
N GLY C 264 -41.02 10.38 -46.55
CA GLY C 264 -39.79 11.17 -46.55
C GLY C 264 -39.54 11.79 -45.19
N TYR C 265 -38.28 11.92 -44.83
CA TYR C 265 -37.91 12.52 -43.56
C TYR C 265 -36.65 13.35 -43.70
N LYS C 266 -36.47 14.28 -42.77
CA LYS C 266 -35.19 14.97 -42.66
C LYS C 266 -34.34 14.33 -41.56
N LYS C 267 -34.99 13.83 -40.51
CA LYS C 267 -34.29 13.17 -39.40
C LYS C 267 -35.03 11.92 -38.99
N LEU C 268 -34.29 10.84 -38.76
CA LEU C 268 -34.89 9.57 -38.39
C LEU C 268 -34.55 9.11 -36.96
N VAL C 269 -35.57 8.80 -36.18
CA VAL C 269 -35.36 8.11 -34.92
C VAL C 269 -35.83 6.67 -35.03
N SER C 270 -34.87 5.75 -35.17
CA SER C 270 -35.18 4.35 -35.36
C SER C 270 -35.00 3.64 -34.04
N THR C 271 -36.04 2.95 -33.57
CA THR C 271 -35.95 2.22 -32.32
C THR C 271 -36.11 0.72 -32.51
N MET C 272 -36.07 0.26 -33.76
CA MET C 272 -36.00 -1.17 -34.02
C MET C 272 -34.61 -1.70 -33.70
N ALA C 273 -34.48 -3.02 -33.56
CA ALA C 273 -33.18 -3.59 -33.25
C ALA C 273 -32.22 -3.15 -34.35
N VAL C 274 -31.02 -2.73 -33.98
CA VAL C 274 -30.11 -2.11 -34.97
C VAL C 274 -29.66 -3.10 -36.05
N ASP C 275 -29.67 -4.38 -35.72
CA ASP C 275 -29.33 -5.40 -36.71
C ASP C 275 -30.42 -5.53 -37.79
N PHE C 276 -31.67 -5.25 -37.42
CA PHE C 276 -32.76 -5.20 -38.38
C PHE C 276 -32.72 -3.91 -39.21
N LEU C 277 -32.25 -2.82 -38.61
CA LEU C 277 -32.14 -1.56 -39.33
C LEU C 277 -31.11 -1.67 -40.45
N ALA C 278 -29.98 -2.31 -40.14
CA ALA C 278 -28.93 -2.51 -41.14
C ALA C 278 -29.48 -3.32 -42.30
N GLU C 279 -30.26 -4.35 -41.98
CA GLU C 279 -30.90 -5.17 -43.00
C GLU C 279 -31.92 -4.37 -43.82
N ALA C 280 -32.70 -3.54 -43.15
CA ALA C 280 -33.71 -2.74 -43.84
C ALA C 280 -33.06 -1.64 -44.68
N MET C 281 -31.85 -1.24 -44.30
CA MET C 281 -31.10 -0.24 -45.07
C MET C 281 -30.38 -0.87 -46.26
N ASN C 282 -30.39 -2.20 -46.33
CA ASN C 282 -29.60 -2.93 -47.33
C ASN C 282 -28.15 -2.45 -47.36
N ASP C 283 -27.61 -2.26 -46.16
CA ASP C 283 -26.24 -1.79 -45.98
C ASP C 283 -25.40 -2.94 -45.42
N GLN C 284 -24.57 -3.53 -46.27
CA GLN C 284 -23.87 -4.75 -45.89
C GLN C 284 -22.68 -4.51 -44.96
N GLU C 285 -22.10 -3.32 -45.02
CA GLU C 285 -21.08 -2.94 -44.07
C GLU C 285 -21.67 -2.99 -42.66
N LEU C 286 -22.87 -2.42 -42.52
CA LEU C 286 -23.59 -2.39 -41.26
C LEU C 286 -24.16 -3.76 -40.86
N VAL C 287 -24.63 -4.53 -41.83
CA VAL C 287 -25.06 -5.90 -41.54
C VAL C 287 -23.90 -6.63 -40.88
N GLY C 288 -22.74 -6.58 -41.51
CA GLY C 288 -21.55 -7.22 -40.96
C GLY C 288 -21.21 -6.81 -39.53
N LEU C 289 -21.24 -5.51 -39.26
CA LEU C 289 -20.93 -5.02 -37.93
C LEU C 289 -21.98 -5.46 -36.92
N THR C 290 -23.25 -5.24 -37.24
CA THR C 290 -24.33 -5.57 -36.32
C THR C 290 -24.45 -7.06 -35.97
N LYS C 291 -23.92 -7.94 -36.81
CA LYS C 291 -24.00 -9.37 -36.52
C LYS C 291 -22.90 -9.74 -35.52
N GLN C 292 -22.07 -8.77 -35.15
CA GLN C 292 -21.02 -9.00 -34.17
C GLN C 292 -21.49 -8.63 -32.78
N LEU C 293 -22.71 -8.11 -32.70
CA LEU C 293 -23.33 -7.77 -31.42
C LEU C 293 -23.95 -8.99 -30.77
N PHE C 294 -23.48 -9.33 -29.59
CA PHE C 294 -24.00 -10.49 -28.86
C PHE C 294 -25.33 -10.17 -28.16
N TYR C 295 -26.24 -11.12 -28.14
CA TYR C 295 -27.45 -11.00 -27.32
C TYR C 295 -27.90 -12.35 -26.85
N SER C 296 -28.69 -12.37 -25.77
CA SER C 296 -29.32 -13.60 -25.29
C SER C 296 -30.81 -13.55 -25.58
N SER C 297 -31.46 -14.72 -25.65
CA SER C 297 -32.91 -14.80 -25.79
C SER C 297 -33.52 -15.10 -24.45
N THR C 298 -34.66 -14.49 -24.17
CA THR C 298 -35.31 -14.62 -22.87
C THR C 298 -36.61 -15.40 -22.98
N HIS C 299 -36.74 -16.46 -22.16
CA HIS C 299 -38.01 -17.15 -22.04
C HIS C 299 -38.72 -16.67 -20.79
N VAL C 300 -39.98 -16.29 -20.94
CA VAL C 300 -40.77 -15.90 -19.79
C VAL C 300 -41.76 -17.02 -19.53
N ILE C 301 -41.77 -17.54 -18.32
CA ILE C 301 -42.74 -18.58 -17.96
C ILE C 301 -43.67 -18.04 -16.89
N GLY C 302 -44.97 -18.19 -17.10
CA GLY C 302 -45.95 -17.77 -16.11
C GLY C 302 -46.64 -18.98 -15.53
N VAL C 303 -46.87 -18.97 -14.22
CA VAL C 303 -47.61 -20.04 -13.56
C VAL C 303 -48.69 -19.46 -12.66
N GLY C 304 -49.94 -19.83 -12.93
CA GLY C 304 -51.06 -19.38 -12.12
C GLY C 304 -51.45 -20.48 -11.15
N VAL C 305 -51.55 -20.14 -9.87
CA VAL C 305 -51.72 -21.14 -8.83
C VAL C 305 -53.00 -20.88 -8.05
N ARG C 306 -53.72 -21.95 -7.72
CA ARG C 306 -54.94 -21.80 -6.93
C ARG C 306 -54.60 -21.71 -5.46
N GLY C 307 -55.32 -20.85 -4.75
CA GLY C 307 -55.19 -20.76 -3.31
C GLY C 307 -54.83 -19.37 -2.85
N SER C 308 -55.10 -19.09 -1.59
CA SER C 308 -54.63 -17.86 -0.99
C SER C 308 -53.11 -17.91 -0.95
N ARG C 309 -52.50 -16.74 -0.95
CA ARG C 309 -51.05 -16.62 -0.95
C ARG C 309 -50.43 -17.33 0.25
N PRO C 310 -49.53 -18.30 -0.01
CA PRO C 310 -48.85 -19.05 1.06
C PRO C 310 -47.98 -18.18 1.95
N GLU C 311 -48.01 -18.46 3.24
CA GLU C 311 -47.20 -17.72 4.20
C GLU C 311 -45.72 -17.69 3.82
N ARG C 312 -45.23 -18.80 3.27
CA ARG C 312 -43.83 -18.94 2.89
C ARG C 312 -43.44 -18.01 1.73
N ILE C 313 -44.44 -17.53 1.00
CA ILE C 313 -44.23 -16.55 -0.05
C ILE C 313 -44.34 -15.16 0.56
N GLY C 314 -45.50 -14.88 1.14
CA GLY C 314 -45.75 -13.62 1.82
C GLY C 314 -45.63 -12.42 0.91
N ASP C 315 -44.88 -11.43 1.36
CA ASP C 315 -44.80 -10.16 0.65
C ASP C 315 -43.60 -10.09 -0.30
N LYS C 316 -42.98 -11.24 -0.58
CA LYS C 316 -41.85 -11.29 -1.50
C LYS C 316 -42.26 -10.71 -2.86
N CYS C 317 -41.39 -9.91 -3.46
CA CYS C 317 -41.67 -9.34 -4.77
C CYS C 317 -40.91 -10.06 -5.88
N TRP C 318 -39.58 -9.92 -5.91
CA TRP C 318 -38.78 -10.71 -6.85
C TRP C 318 -37.66 -11.46 -6.12
N LEU C 319 -37.19 -12.52 -6.75
CA LEU C 319 -36.31 -13.49 -6.11
C LEU C 319 -35.19 -13.91 -7.07
N TYR C 320 -33.98 -14.09 -6.55
CA TYR C 320 -32.81 -14.45 -7.36
C TYR C 320 -32.43 -15.90 -7.17
N PHE C 321 -32.00 -16.57 -8.25
CA PHE C 321 -31.68 -17.99 -8.16
C PHE C 321 -30.33 -18.38 -8.77
N PRO C 322 -29.26 -18.28 -7.97
CA PRO C 322 -27.88 -18.65 -8.35
C PRO C 322 -27.64 -20.15 -8.56
N GLU C 323 -28.44 -20.98 -7.90
CA GLU C 323 -28.22 -22.43 -7.89
C GLU C 323 -28.77 -23.13 -9.12
N ASP C 324 -28.28 -24.32 -9.39
CA ASP C 324 -28.71 -25.02 -10.58
C ASP C 324 -29.85 -26.04 -10.35
N ASN C 325 -30.55 -25.94 -9.22
CA ASN C 325 -31.73 -26.78 -9.07
C ASN C 325 -32.96 -26.14 -9.73
N CYS C 326 -32.76 -25.06 -10.47
CA CYS C 326 -33.86 -24.47 -11.23
C CYS C 326 -33.27 -23.73 -12.41
N PRO C 327 -34.00 -23.70 -13.54
CA PRO C 327 -33.49 -23.08 -14.77
C PRO C 327 -33.62 -21.56 -14.79
N PHE C 328 -34.54 -21.01 -14.01
CA PHE C 328 -34.77 -19.58 -14.03
C PHE C 328 -33.77 -18.84 -13.15
N TYR C 329 -33.45 -17.60 -13.52
CA TYR C 329 -32.57 -16.78 -12.71
C TYR C 329 -33.37 -15.89 -11.77
N ARG C 330 -34.57 -15.54 -12.18
CA ARG C 330 -35.38 -14.64 -11.35
C ARG C 330 -36.84 -15.07 -11.37
N ALA C 331 -37.49 -15.00 -10.20
CA ALA C 331 -38.94 -15.22 -10.10
C ALA C 331 -39.62 -13.98 -9.55
N THR C 332 -40.84 -13.73 -9.99
CA THR C 332 -41.63 -12.61 -9.48
C THR C 332 -43.00 -13.07 -8.97
N ILE C 333 -43.34 -12.69 -7.75
CA ILE C 333 -44.69 -12.95 -7.25
C ILE C 333 -45.64 -11.93 -7.86
N PHE C 334 -45.99 -12.14 -9.12
CA PHE C 334 -46.71 -11.13 -9.90
C PHE C 334 -48.08 -10.78 -9.34
N SER C 335 -48.68 -11.72 -8.61
CA SER C 335 -49.97 -11.48 -7.95
C SER C 335 -49.86 -10.49 -6.78
N ASN C 336 -48.64 -10.27 -6.29
CA ASN C 336 -48.41 -9.29 -5.23
C ASN C 336 -48.42 -7.84 -5.74
N TYR C 337 -48.25 -7.67 -7.05
CA TYR C 337 -48.11 -6.33 -7.65
C TYR C 337 -49.46 -5.65 -7.85
N SER C 338 -50.46 -6.42 -8.26
CA SER C 338 -51.81 -5.90 -8.42
C SER C 338 -52.85 -7.01 -8.29
N PRO C 339 -53.96 -6.72 -7.61
CA PRO C 339 -55.02 -7.73 -7.52
C PRO C 339 -55.66 -7.97 -8.87
N TYR C 340 -55.33 -7.15 -9.87
CA TYR C 340 -55.88 -7.35 -11.21
C TYR C 340 -54.92 -8.03 -12.19
N ASN C 341 -53.79 -8.53 -11.70
CA ASN C 341 -52.90 -9.32 -12.55
C ASN C 341 -53.40 -10.75 -12.71
N GLN C 342 -54.41 -11.11 -11.92
CA GLN C 342 -55.02 -12.44 -11.96
C GLN C 342 -56.53 -12.37 -11.69
N PRO C 343 -57.26 -13.47 -11.95
CA PRO C 343 -58.72 -13.45 -11.79
C PRO C 343 -59.16 -13.26 -10.33
N GLU C 344 -60.36 -12.71 -10.15
CA GLU C 344 -60.93 -12.54 -8.81
C GLU C 344 -61.22 -13.91 -8.21
N ALA C 345 -61.35 -13.95 -6.89
CA ALA C 345 -61.49 -15.21 -6.17
C ALA C 345 -62.70 -16.03 -6.63
N SER C 346 -63.74 -15.35 -7.13
CA SER C 346 -64.98 -16.02 -7.48
C SER C 346 -64.92 -16.68 -8.85
N ALA C 347 -63.91 -16.33 -9.65
CA ALA C 347 -63.76 -16.92 -10.97
C ALA C 347 -63.46 -18.42 -10.85
N ALA C 348 -64.06 -19.22 -11.72
CA ALA C 348 -63.93 -20.67 -11.62
C ALA C 348 -63.03 -21.24 -12.72
N LEU C 349 -62.03 -22.01 -12.31
CA LEU C 349 -61.07 -22.57 -13.26
C LEU C 349 -60.75 -24.00 -12.87
N PRO C 350 -60.62 -24.89 -13.86
CA PRO C 350 -60.25 -26.26 -13.48
C PRO C 350 -58.76 -26.32 -13.19
N THR C 351 -58.32 -27.31 -12.42
CA THR C 351 -56.90 -27.50 -12.20
C THR C 351 -56.33 -28.18 -13.43
N MET C 352 -55.23 -27.64 -13.94
CA MET C 352 -54.59 -28.18 -15.14
C MET C 352 -53.63 -29.30 -14.79
N GLN C 353 -52.93 -29.14 -13.67
CA GLN C 353 -52.00 -30.15 -13.17
C GLN C 353 -51.59 -29.76 -11.75
N LEU C 354 -51.05 -30.73 -11.00
CA LEU C 354 -50.42 -30.42 -9.73
C LEU C 354 -48.96 -30.06 -10.00
N ALA C 355 -48.34 -29.38 -9.06
CA ALA C 355 -46.96 -28.92 -9.25
C ALA C 355 -45.99 -30.07 -9.48
N ASP C 356 -46.29 -31.26 -8.97
CA ASP C 356 -45.37 -32.37 -9.18
C ASP C 356 -45.56 -33.04 -10.54
N GLY C 357 -46.48 -32.50 -11.34
CA GLY C 357 -46.72 -32.99 -12.69
C GLY C 357 -47.83 -34.01 -12.81
N SER C 358 -48.54 -34.29 -11.72
CA SER C 358 -49.58 -35.29 -11.79
C SER C 358 -50.94 -34.64 -12.05
N ARG C 359 -51.87 -35.42 -12.60
CA ARG C 359 -53.21 -34.92 -12.92
C ARG C 359 -54.02 -34.67 -11.64
N PRO C 360 -54.94 -33.70 -11.70
CA PRO C 360 -55.85 -33.40 -10.58
C PRO C 360 -56.85 -34.52 -10.37
N GLN C 361 -57.33 -34.71 -9.14
CA GLN C 361 -58.32 -35.74 -8.86
C GLN C 361 -59.58 -35.49 -9.66
N SER C 362 -59.88 -34.22 -9.91
CA SER C 362 -61.07 -33.84 -10.68
C SER C 362 -60.77 -32.75 -11.70
N THR C 363 -61.50 -32.78 -12.81
CA THR C 363 -61.43 -31.70 -13.79
C THR C 363 -62.56 -30.68 -13.60
N GLU C 364 -63.26 -30.78 -12.47
CA GLU C 364 -64.26 -29.78 -12.13
C GLU C 364 -63.59 -28.42 -11.98
N ALA C 365 -64.28 -27.37 -12.39
CA ALA C 365 -63.78 -26.02 -12.21
C ALA C 365 -64.10 -25.57 -10.80
N LYS C 366 -63.10 -25.10 -10.07
CA LYS C 366 -63.33 -24.60 -8.72
C LYS C 366 -63.00 -23.11 -8.66
N GLU C 367 -63.36 -22.48 -7.55
CA GLU C 367 -63.07 -21.06 -7.37
C GLU C 367 -61.62 -20.83 -6.92
N GLY C 368 -61.25 -19.56 -6.79
CA GLY C 368 -59.94 -19.19 -6.29
C GLY C 368 -60.00 -19.10 -4.78
N PRO C 369 -59.30 -18.12 -4.20
CA PRO C 369 -58.42 -17.13 -4.82
C PRO C 369 -57.23 -17.72 -5.60
N TYR C 370 -56.50 -16.84 -6.26
CA TYR C 370 -55.37 -17.23 -7.11
C TYR C 370 -54.13 -16.40 -6.80
N TRP C 371 -52.97 -17.02 -6.94
CA TRP C 371 -51.73 -16.26 -6.94
C TRP C 371 -50.92 -16.63 -8.18
N SER C 372 -49.88 -15.86 -8.48
CA SER C 372 -49.24 -15.99 -9.80
C SER C 372 -47.73 -15.78 -9.74
N ILE C 373 -47.00 -16.64 -10.44
CA ILE C 373 -45.55 -16.56 -10.46
C ILE C 373 -45.09 -16.34 -11.89
N MET C 374 -44.11 -15.47 -12.06
CA MET C 374 -43.53 -15.24 -13.37
CA MET C 374 -43.53 -15.16 -13.36
C MET C 374 -42.03 -15.48 -13.30
N LEU C 375 -41.54 -16.27 -14.25
CA LEU C 375 -40.14 -16.74 -14.24
C LEU C 375 -39.37 -16.32 -15.48
N GLU C 376 -38.08 -16.05 -15.31
CA GLU C 376 -37.24 -15.65 -16.44
C GLU C 376 -36.08 -16.64 -16.64
N VAL C 377 -35.94 -17.13 -17.86
CA VAL C 377 -34.83 -18.01 -18.23
C VAL C 377 -34.08 -17.38 -19.41
N SER C 378 -32.77 -17.54 -19.43
CA SER C 378 -31.99 -17.00 -20.55
C SER C 378 -31.41 -18.08 -21.47
N GLU C 379 -31.24 -17.73 -22.74
CA GLU C 379 -30.72 -18.67 -23.71
C GLU C 379 -29.69 -18.01 -24.61
N SER C 380 -28.58 -18.71 -24.86
CA SER C 380 -27.62 -18.25 -25.87
C SER C 380 -26.85 -19.42 -26.47
N SER C 381 -26.00 -19.11 -27.44
CA SER C 381 -25.09 -20.10 -28.02
C SER C 381 -24.30 -20.86 -26.96
N MET C 382 -23.96 -20.18 -25.87
CA MET C 382 -23.15 -20.76 -24.80
C MET C 382 -24.00 -21.41 -23.70
N LYS C 383 -25.31 -21.27 -23.80
CA LYS C 383 -26.20 -21.81 -22.77
C LYS C 383 -27.55 -22.12 -23.39
N PRO C 384 -27.67 -23.32 -23.96
CA PRO C 384 -28.86 -23.76 -24.71
C PRO C 384 -30.07 -24.01 -23.80
N VAL C 385 -31.25 -23.71 -24.34
CA VAL C 385 -32.49 -23.98 -23.64
C VAL C 385 -33.36 -24.86 -24.53
N ASN C 386 -33.84 -25.97 -23.96
CA ASN C 386 -34.74 -26.87 -24.66
C ASN C 386 -36.15 -26.31 -24.63
N GLN C 387 -36.58 -25.72 -25.74
CA GLN C 387 -37.85 -25.02 -25.78
C GLN C 387 -39.03 -25.92 -25.45
N GLU C 388 -38.90 -27.23 -25.69
CA GLU C 388 -40.01 -28.14 -25.48
C GLU C 388 -40.14 -28.64 -24.04
N THR C 389 -39.07 -28.55 -23.25
CA THR C 389 -39.19 -28.98 -21.86
C THR C 389 -39.07 -27.85 -20.83
N ILE C 390 -38.75 -26.63 -21.28
CA ILE C 390 -38.46 -25.53 -20.35
C ILE C 390 -39.60 -25.27 -19.36
N LEU C 391 -40.83 -25.32 -19.85
CA LEU C 391 -41.98 -25.10 -19.00
C LEU C 391 -42.02 -26.09 -17.84
N ALA C 392 -41.98 -27.38 -18.17
CA ALA C 392 -41.97 -28.41 -17.16
C ALA C 392 -40.76 -28.26 -16.22
N ASP C 393 -39.60 -27.92 -16.76
CA ASP C 393 -38.40 -27.72 -15.96
C ASP C 393 -38.56 -26.56 -14.99
N CYS C 394 -39.22 -25.49 -15.46
CA CYS C 394 -39.54 -24.38 -14.59
C CYS C 394 -40.44 -24.82 -13.43
N ILE C 395 -41.48 -25.59 -13.74
CA ILE C 395 -42.40 -26.04 -12.71
C ILE C 395 -41.69 -26.95 -11.70
N GLN C 396 -40.87 -27.86 -12.20
CA GLN C 396 -40.02 -28.65 -11.29
C GLN C 396 -39.10 -27.75 -10.45
N GLY C 397 -38.58 -26.69 -11.09
CA GLY C 397 -37.74 -25.74 -10.37
C GLY C 397 -38.46 -25.07 -9.23
N LEU C 398 -39.73 -24.75 -9.45
CA LEU C 398 -40.60 -24.23 -8.41
C LEU C 398 -40.74 -25.20 -7.21
N VAL C 399 -40.73 -26.49 -7.48
CA VAL C 399 -40.81 -27.46 -6.39
C VAL C 399 -39.46 -27.58 -5.69
N ASN C 400 -38.38 -27.62 -6.48
CA ASN C 400 -37.04 -27.70 -5.92
C ASN C 400 -36.70 -26.54 -4.99
N THR C 401 -37.19 -25.35 -5.30
CA THR C 401 -36.88 -24.17 -4.50
C THR C 401 -37.92 -23.93 -3.41
N GLU C 402 -38.87 -24.85 -3.26
CA GLU C 402 -39.93 -24.77 -2.25
C GLU C 402 -40.87 -23.58 -2.41
N MET C 403 -40.92 -23.03 -3.62
CA MET C 403 -41.93 -22.02 -3.94
C MET C 403 -43.31 -22.67 -4.06
N LEU C 404 -43.34 -23.86 -4.65
CA LEU C 404 -44.56 -24.64 -4.72
C LEU C 404 -44.38 -25.96 -3.98
N LYS C 405 -45.44 -26.42 -3.35
CA LYS C 405 -45.51 -27.76 -2.83
C LYS C 405 -45.90 -28.71 -3.97
N PRO C 406 -45.49 -29.97 -3.86
CA PRO C 406 -45.86 -30.98 -4.86
C PRO C 406 -47.37 -31.03 -5.10
N THR C 407 -48.14 -30.74 -4.06
CA THR C 407 -49.60 -30.73 -4.13
C THR C 407 -50.26 -29.44 -4.67
N ASP C 408 -49.47 -28.39 -4.92
CA ASP C 408 -50.08 -27.13 -5.36
C ASP C 408 -50.79 -27.27 -6.70
N GLU C 409 -51.93 -26.58 -6.84
CA GLU C 409 -52.75 -26.76 -8.02
C GLU C 409 -52.51 -25.66 -9.04
N ILE C 410 -51.99 -26.02 -10.21
CA ILE C 410 -51.71 -25.06 -11.26
C ILE C 410 -52.91 -24.94 -12.19
N VAL C 411 -53.39 -23.71 -12.39
CA VAL C 411 -54.60 -23.50 -13.16
C VAL C 411 -54.34 -22.75 -14.47
N SER C 412 -53.10 -22.33 -14.68
CA SER C 412 -52.77 -21.58 -15.90
C SER C 412 -51.29 -21.64 -16.16
N THR C 413 -50.90 -21.82 -17.41
CA THR C 413 -49.49 -21.74 -17.75
C THR C 413 -49.27 -20.78 -18.91
N TYR C 414 -48.05 -20.27 -19.03
CA TYR C 414 -47.70 -19.32 -20.06
C TYR C 414 -46.23 -19.51 -20.40
N HIS C 415 -45.90 -19.41 -21.67
CA HIS C 415 -44.50 -19.44 -22.06
C HIS C 415 -44.30 -18.69 -23.34
N ARG C 416 -43.30 -17.83 -23.35
CA ARG C 416 -42.99 -17.11 -24.56
C ARG C 416 -41.50 -16.83 -24.69
N ARG C 417 -40.97 -17.09 -25.88
CA ARG C 417 -39.56 -16.85 -26.15
C ARG C 417 -39.39 -15.52 -26.87
N PHE C 418 -38.59 -14.65 -26.28
CA PHE C 418 -38.24 -13.37 -26.88
C PHE C 418 -36.84 -13.48 -27.44
N ASP C 419 -36.75 -13.56 -28.77
CA ASP C 419 -35.47 -13.81 -29.43
C ASP C 419 -34.39 -12.81 -29.05
N HIS C 420 -34.72 -11.53 -29.17
CA HIS C 420 -33.86 -10.46 -28.66
C HIS C 420 -34.23 -10.13 -27.21
N GLY C 421 -33.54 -10.76 -26.26
CA GLY C 421 -33.82 -10.58 -24.83
C GLY C 421 -33.00 -9.52 -24.16
N TYR C 422 -31.73 -9.81 -23.87
CA TYR C 422 -30.78 -8.80 -23.42
C TYR C 422 -29.73 -8.54 -24.48
N PRO C 423 -29.45 -7.25 -24.74
CA PRO C 423 -28.22 -6.90 -25.48
C PRO C 423 -27.08 -7.04 -24.48
N THR C 424 -26.13 -7.93 -24.73
CA THR C 424 -25.15 -8.33 -23.72
C THR C 424 -23.97 -7.35 -23.59
N PRO C 425 -23.66 -6.92 -22.37
CA PRO C 425 -22.49 -6.04 -22.18
C PRO C 425 -21.18 -6.83 -22.24
N THR C 426 -20.92 -7.44 -23.39
CA THR C 426 -19.66 -8.14 -23.63
C THR C 426 -18.51 -7.15 -23.68
N LEU C 427 -17.29 -7.67 -23.54
CA LEU C 427 -16.07 -6.89 -23.71
C LEU C 427 -16.01 -6.21 -25.09
N GLU C 428 -16.50 -6.90 -26.12
CA GLU C 428 -16.44 -6.39 -27.50
C GLU C 428 -17.48 -5.32 -27.81
N ARG C 429 -18.53 -5.23 -27.00
CA ARG C 429 -19.69 -4.41 -27.35
C ARG C 429 -19.32 -3.02 -27.85
N GLU C 430 -18.57 -2.28 -27.04
CA GLU C 430 -18.20 -0.91 -27.37
C GLU C 430 -17.39 -0.80 -28.67
N GLY C 431 -16.42 -1.69 -28.83
CA GLY C 431 -15.61 -1.69 -30.04
C GLY C 431 -16.51 -1.76 -31.26
N THR C 432 -17.57 -2.52 -31.15
CA THR C 432 -18.50 -2.68 -32.27
C THR C 432 -19.44 -1.49 -32.39
N LEU C 433 -19.95 -1.01 -31.27
CA LEU C 433 -20.90 0.10 -31.31
C LEU C 433 -20.32 1.44 -31.77
N THR C 434 -19.05 1.70 -31.47
CA THR C 434 -18.44 2.97 -31.91
C THR C 434 -18.04 2.95 -33.39
N GLN C 435 -18.33 1.86 -34.07
CA GLN C 435 -18.26 1.84 -35.53
C GLN C 435 -19.65 2.03 -36.12
N ILE C 436 -20.67 1.52 -35.43
CA ILE C 436 -22.02 1.43 -35.99
C ILE C 436 -22.83 2.72 -35.84
N LEU C 437 -22.85 3.28 -34.63
CA LEU C 437 -23.66 4.46 -34.35
C LEU C 437 -23.17 5.71 -35.09
N PRO C 438 -21.86 5.97 -35.08
CA PRO C 438 -21.37 7.12 -35.85
C PRO C 438 -21.78 7.07 -37.33
N LYS C 439 -21.74 5.88 -37.92
CA LYS C 439 -22.11 5.73 -39.32
C LYS C 439 -23.58 6.09 -39.52
N LEU C 440 -24.43 5.66 -38.59
CA LEU C 440 -25.85 5.99 -38.68
C LEU C 440 -26.07 7.47 -38.41
N GLN C 441 -25.35 8.03 -37.45
CA GLN C 441 -25.43 9.46 -37.18
C GLN C 441 -25.08 10.30 -38.40
N ASP C 442 -24.07 9.84 -39.15
CA ASP C 442 -23.63 10.54 -40.37
C ASP C 442 -24.73 10.59 -41.41
N LYS C 443 -25.74 9.73 -41.26
CA LYS C 443 -26.86 9.68 -42.20
C LYS C 443 -28.11 10.34 -41.62
N ASP C 444 -27.93 11.08 -40.52
CA ASP C 444 -29.06 11.70 -39.82
C ASP C 444 -30.03 10.64 -39.31
N ILE C 445 -29.50 9.53 -38.82
CA ILE C 445 -30.32 8.50 -38.17
C ILE C 445 -29.94 8.36 -36.71
N TRP C 446 -30.89 8.64 -35.84
CA TRP C 446 -30.73 8.40 -34.41
C TRP C 446 -31.27 7.01 -34.08
N SER C 447 -30.39 6.01 -34.09
CA SER C 447 -30.80 4.68 -33.69
C SER C 447 -30.67 4.60 -32.17
N ARG C 448 -31.80 4.39 -31.50
CA ARG C 448 -31.85 4.49 -30.04
C ARG C 448 -32.77 3.44 -29.42
N GLY C 449 -32.42 2.98 -28.23
CA GLY C 449 -33.30 2.06 -27.51
C GLY C 449 -32.61 0.80 -27.04
N ARG C 450 -33.37 -0.09 -26.42
CA ARG C 450 -32.79 -1.30 -25.86
C ARG C 450 -31.92 -1.97 -26.92
N PHE C 451 -32.49 -2.20 -28.10
CA PHE C 451 -31.74 -2.76 -29.21
C PHE C 451 -31.47 -1.75 -30.34
N GLY C 452 -32.07 -0.57 -30.22
CA GLY C 452 -31.76 0.53 -31.13
C GLY C 452 -30.31 0.99 -30.96
N SER C 453 -29.89 1.13 -29.71
CA SER C 453 -28.51 1.50 -29.40
C SER C 453 -27.75 0.39 -28.66
N TRP C 454 -28.46 -0.65 -28.22
CA TRP C 454 -27.84 -1.90 -27.76
C TRP C 454 -27.04 -1.77 -26.44
N ARG C 455 -27.33 -0.75 -25.65
CA ARG C 455 -26.66 -0.64 -24.36
C ARG C 455 -27.61 -1.00 -23.24
N TYR C 456 -27.35 -2.15 -22.62
CA TYR C 456 -28.24 -2.66 -21.61
C TYR C 456 -28.56 -1.64 -20.53
N GLU C 457 -27.53 -0.96 -20.06
CA GLU C 457 -27.66 -0.11 -18.87
C GLU C 457 -28.68 1.02 -19.04
N VAL C 458 -29.05 1.32 -20.28
CA VAL C 458 -30.08 2.32 -20.54
C VAL C 458 -31.22 1.72 -21.38
N GLY C 459 -31.44 0.41 -21.21
CA GLY C 459 -32.40 -0.30 -22.04
C GLY C 459 -33.69 -0.70 -21.35
N ASN C 460 -33.86 -0.27 -20.09
CA ASN C 460 -35.11 -0.49 -19.38
C ASN C 460 -36.06 0.68 -19.65
N GLN C 461 -37.20 0.70 -18.97
CA GLN C 461 -38.28 1.61 -19.35
C GLN C 461 -37.94 3.10 -19.20
N ASP C 462 -37.55 3.54 -18.01
CA ASP C 462 -37.29 4.97 -17.83
C ASP C 462 -36.16 5.45 -18.73
N HIS C 463 -35.03 4.75 -18.72
CA HIS C 463 -33.89 5.15 -19.55
C HIS C 463 -34.26 5.18 -21.04
N SER C 464 -34.93 4.14 -21.50
CA SER C 464 -35.29 4.05 -22.92
C SER C 464 -36.21 5.19 -23.35
N PHE C 465 -37.21 5.48 -22.51
CA PHE C 465 -38.15 6.53 -22.80
C PHE C 465 -37.36 7.82 -22.99
N MET C 466 -36.40 8.04 -22.10
CA MET C 466 -35.63 9.26 -22.10
C MET C 466 -34.63 9.27 -23.26
N LEU C 467 -34.19 8.09 -23.71
CA LEU C 467 -33.37 8.07 -24.92
C LEU C 467 -34.15 8.71 -26.06
N GLY C 468 -35.45 8.42 -26.10
CA GLY C 468 -36.31 8.94 -27.16
C GLY C 468 -36.51 10.44 -27.02
N VAL C 469 -36.81 10.87 -25.79
CA VAL C 469 -36.92 12.30 -25.47
C VAL C 469 -35.66 13.08 -25.83
N GLU C 470 -34.51 12.63 -25.32
CA GLU C 470 -33.25 13.33 -25.57
C GLU C 470 -32.86 13.32 -27.04
N ALA C 471 -33.18 12.24 -27.75
CA ALA C 471 -32.90 12.19 -29.18
C ALA C 471 -33.64 13.32 -29.91
N VAL C 472 -34.91 13.51 -29.56
CA VAL C 472 -35.69 14.58 -30.12
C VAL C 472 -35.16 15.93 -29.67
N ASP C 473 -34.81 16.03 -28.40
CA ASP C 473 -34.27 17.28 -27.87
C ASP C 473 -32.93 17.63 -28.53
N ASN C 474 -32.15 16.61 -28.90
CA ASN C 474 -30.91 16.85 -29.63
C ASN C 474 -31.18 17.34 -31.06
N ILE C 475 -32.15 16.72 -31.71
CA ILE C 475 -32.53 17.03 -33.07
C ILE C 475 -33.08 18.44 -33.18
N VAL C 476 -33.84 18.84 -32.17
CA VAL C 476 -34.57 20.11 -32.23
C VAL C 476 -33.91 21.25 -31.46
N ASN C 477 -33.33 20.96 -30.30
CA ASN C 477 -32.86 22.03 -29.42
C ASN C 477 -31.35 22.02 -29.15
N GLY C 478 -30.64 21.08 -29.75
CA GLY C 478 -29.21 20.97 -29.54
C GLY C 478 -28.83 20.42 -28.17
N ALA C 479 -29.74 19.68 -27.56
CA ALA C 479 -29.50 19.09 -26.26
C ALA C 479 -28.41 18.01 -26.31
N VAL C 480 -27.70 17.84 -25.21
CA VAL C 480 -26.78 16.73 -25.10
C VAL C 480 -27.58 15.46 -24.85
N GLU C 481 -27.20 14.38 -25.51
CA GLU C 481 -27.83 13.09 -25.26
C GLU C 481 -27.12 12.41 -24.09
N LEU C 482 -27.50 12.80 -22.89
CA LEU C 482 -26.77 12.42 -21.68
C LEU C 482 -26.95 10.95 -21.33
N THR C 483 -28.16 10.45 -21.53
CA THR C 483 -28.50 9.09 -21.12
C THR C 483 -27.77 8.07 -22.00
N LEU C 484 -27.69 8.37 -23.29
CA LEU C 484 -27.04 7.50 -24.25
C LEU C 484 -25.54 7.37 -24.00
N ASN C 485 -24.88 8.49 -23.71
CA ASN C 485 -23.43 8.52 -23.62
C ASN C 485 -22.86 8.58 -22.22
N TYR C 486 -23.69 8.95 -21.25
CA TYR C 486 -23.20 9.17 -19.88
C TYR C 486 -24.21 8.66 -18.83
N PRO C 487 -24.55 7.38 -18.88
CA PRO C 487 -25.55 6.83 -17.95
C PRO C 487 -25.17 6.99 -16.47
N ASP C 488 -23.89 6.93 -16.13
CA ASP C 488 -23.46 7.18 -14.74
C ASP C 488 -23.87 8.60 -14.34
N PHE C 489 -23.65 9.54 -15.24
CA PHE C 489 -24.02 10.92 -14.99
C PHE C 489 -25.51 11.07 -14.66
N VAL C 490 -26.39 10.54 -15.52
CA VAL C 490 -27.81 10.73 -15.25
C VAL C 490 -28.28 9.93 -14.04
N ASN C 491 -27.66 8.78 -13.80
CA ASN C 491 -28.06 7.93 -12.67
C ASN C 491 -27.67 8.50 -11.33
N GLY C 492 -26.62 9.33 -11.31
CA GLY C 492 -26.11 9.85 -10.06
C GLY C 492 -26.76 11.15 -9.60
N ARG C 493 -27.79 11.60 -10.30
CA ARG C 493 -28.33 12.92 -10.01
C ARG C 493 -29.85 12.90 -10.08
N GLN C 494 -30.44 14.00 -9.61
CA GLN C 494 -31.87 14.23 -9.81
C GLN C 494 -32.05 14.98 -11.11
N ASN C 495 -32.67 14.35 -12.10
CA ASN C 495 -32.95 15.02 -13.36
C ASN C 495 -34.32 15.71 -13.35
N THR C 496 -34.36 16.92 -12.79
CA THR C 496 -35.58 17.69 -12.56
C THR C 496 -35.84 18.78 -13.60
N GLU C 497 -34.83 19.13 -14.40
CA GLU C 497 -34.89 20.30 -15.28
C GLU C 497 -35.93 20.18 -16.39
N ARG C 498 -35.90 19.08 -17.13
CA ARG C 498 -36.82 18.86 -18.24
C ARG C 498 -38.20 18.37 -17.79
N ARG C 499 -39.24 19.09 -18.16
CA ARG C 499 -40.59 18.79 -17.70
C ARG C 499 -41.53 18.66 -18.88
N LEU C 500 -42.71 18.08 -18.65
CA LEU C 500 -43.70 17.94 -19.71
C LEU C 500 -44.26 19.30 -20.09
N VAL C 501 -44.17 20.24 -19.16
CA VAL C 501 -44.49 21.64 -19.44
C VAL C 501 -43.26 22.51 -19.18
N ASP C 502 -42.52 22.83 -20.24
CA ASP C 502 -41.32 23.66 -20.10
C ASP C 502 -41.72 25.13 -20.26
N GLY C 503 -40.78 26.04 -20.00
CA GLY C 503 -41.04 27.45 -20.18
C GLY C 503 -41.56 27.79 -21.57
N ALA C 504 -40.99 27.15 -22.59
CA ALA C 504 -41.38 27.43 -23.97
C ALA C 504 -42.89 27.29 -24.23
N GLN C 505 -43.54 26.37 -23.53
CA GLN C 505 -44.98 26.17 -23.69
C GLN C 505 -45.74 27.16 -22.82
N VAL C 506 -45.27 27.36 -21.60
CA VAL C 506 -45.84 28.40 -20.74
C VAL C 506 -45.88 29.76 -21.45
N PHE C 507 -44.75 30.17 -22.03
CA PHE C 507 -44.68 31.47 -22.70
C PHE C 507 -45.51 31.53 -23.98
N ALA C 508 -45.62 30.41 -24.69
CA ALA C 508 -46.37 30.36 -25.95
C ALA C 508 -47.87 30.60 -25.74
N LYS C 509 -48.37 30.26 -24.55
CA LYS C 509 -49.76 30.54 -24.20
C LYS C 509 -49.99 32.05 -24.08
N HIS D 6 41.96 -52.65 18.46
CA HIS D 6 42.94 -51.65 18.86
C HIS D 6 43.63 -50.99 17.66
N PRO D 7 43.29 -49.71 17.38
CA PRO D 7 43.89 -48.95 16.28
C PRO D 7 45.33 -48.52 16.59
N ASP D 8 46.12 -48.21 15.56
CA ASP D 8 47.52 -47.84 15.73
C ASP D 8 47.71 -46.52 16.49
N ILE D 9 46.79 -45.58 16.30
CA ILE D 9 46.87 -44.30 16.99
C ILE D 9 45.50 -43.94 17.54
N SER D 10 45.48 -43.34 18.73
CA SER D 10 44.23 -42.93 19.35
C SER D 10 44.26 -41.47 19.80
N VAL D 11 43.26 -40.72 19.36
CA VAL D 11 43.11 -39.34 19.78
C VAL D 11 41.64 -39.06 20.10
N ASP D 12 41.40 -38.06 20.93
CA ASP D 12 40.04 -37.64 21.23
C ASP D 12 39.40 -37.01 19.99
N VAL D 13 40.09 -36.03 19.41
CA VAL D 13 39.57 -35.28 18.29
C VAL D 13 40.48 -35.40 17.08
N LEU D 14 39.96 -36.03 16.02
CA LEU D 14 40.69 -36.16 14.76
C LEU D 14 40.22 -35.11 13.77
N VAL D 15 41.16 -34.39 13.17
CA VAL D 15 40.84 -33.42 12.13
C VAL D 15 41.36 -33.87 10.77
N ILE D 16 40.45 -33.99 9.82
CA ILE D 16 40.85 -34.38 8.47
C ILE D 16 40.85 -33.16 7.56
N GLY D 17 42.03 -32.80 7.05
CA GLY D 17 42.16 -31.68 6.15
C GLY D 17 42.83 -30.49 6.81
N ALA D 18 43.79 -29.90 6.12
CA ALA D 18 44.52 -28.76 6.64
C ALA D 18 44.36 -27.53 5.73
N GLY D 19 43.15 -27.38 5.17
CA GLY D 19 42.75 -26.12 4.59
C GLY D 19 42.42 -25.20 5.74
N PRO D 20 41.89 -24.00 5.45
CA PRO D 20 41.60 -23.06 6.54
C PRO D 20 40.66 -23.63 7.59
N THR D 21 39.75 -24.53 7.19
CA THR D 21 38.79 -25.06 8.15
C THR D 21 39.48 -25.97 9.17
N GLY D 22 40.25 -26.92 8.68
CA GLY D 22 40.98 -27.82 9.54
C GLY D 22 42.04 -27.12 10.37
N LEU D 23 42.70 -26.13 9.76
CA LEU D 23 43.66 -25.34 10.50
C LEU D 23 42.98 -24.57 11.64
N GLY D 24 41.76 -24.10 11.40
CA GLY D 24 40.97 -23.43 12.43
C GLY D 24 40.74 -24.37 13.61
N ALA D 25 40.27 -25.58 13.31
CA ALA D 25 40.06 -26.60 14.33
C ALA D 25 41.35 -26.91 15.07
N ALA D 26 42.43 -27.16 14.33
CA ALA D 26 43.74 -27.41 14.93
C ALA D 26 44.19 -26.25 15.82
N LYS D 27 44.04 -25.02 15.35
CA LYS D 27 44.51 -23.88 16.13
C LYS D 27 43.77 -23.81 17.47
N ARG D 28 42.49 -24.13 17.47
CA ARG D 28 41.68 -23.99 18.66
C ARG D 28 42.00 -25.13 19.65
N LEU D 29 42.13 -26.34 19.10
CA LEU D 29 42.57 -27.48 19.88
C LEU D 29 43.93 -27.21 20.55
N ASN D 30 44.86 -26.68 19.78
CA ASN D 30 46.19 -26.39 20.30
C ASN D 30 46.19 -25.32 21.39
N GLN D 31 45.29 -24.35 21.28
CA GLN D 31 45.14 -23.31 22.32
C GLN D 31 44.49 -23.91 23.57
N ILE D 32 43.47 -24.75 23.38
CA ILE D 32 42.80 -25.34 24.52
C ILE D 32 43.70 -26.33 25.23
N ASP D 33 44.51 -27.04 24.45
CA ASP D 33 45.49 -27.98 25.01
C ASP D 33 44.87 -28.86 26.10
N GLY D 34 43.67 -29.35 25.83
CA GLY D 34 43.00 -30.29 26.73
C GLY D 34 42.99 -31.66 26.08
N PRO D 35 41.88 -32.01 25.42
CA PRO D 35 41.78 -33.30 24.74
C PRO D 35 42.93 -33.51 23.74
N SER D 36 43.32 -34.76 23.52
CA SER D 36 44.37 -35.07 22.56
C SER D 36 43.76 -34.96 21.18
N TRP D 37 44.61 -34.68 20.17
CA TRP D 37 44.13 -34.45 18.82
C TRP D 37 45.23 -34.63 17.79
N MET D 38 44.79 -34.74 16.53
CA MET D 38 45.72 -34.85 15.40
C MET D 38 45.08 -34.27 14.15
N ILE D 39 45.90 -33.75 13.26
CA ILE D 39 45.42 -33.25 11.98
C ILE D 39 46.15 -33.95 10.83
N VAL D 40 45.40 -34.47 9.87
CA VAL D 40 46.00 -35.12 8.71
C VAL D 40 45.54 -34.49 7.41
N ASP D 41 46.38 -34.58 6.39
CA ASP D 41 46.04 -34.10 5.05
C ASP D 41 46.90 -34.84 4.04
N SER D 42 46.37 -35.08 2.84
CA SER D 42 47.11 -35.78 1.79
C SER D 42 48.20 -34.94 1.10
N ASN D 43 48.26 -33.65 1.43
CA ASN D 43 49.27 -32.77 0.85
C ASN D 43 50.33 -32.38 1.88
N GLU D 44 51.60 -32.35 1.48
CA GLU D 44 52.70 -32.02 2.39
C GLU D 44 52.68 -30.55 2.81
N THR D 45 52.10 -29.71 1.96
CA THR D 45 52.00 -28.27 2.19
C THR D 45 50.61 -27.90 2.72
N PRO D 46 50.54 -27.36 3.93
CA PRO D 46 49.24 -26.96 4.48
C PRO D 46 48.61 -25.88 3.61
N GLY D 47 47.29 -25.73 3.67
CA GLY D 47 46.64 -24.60 3.04
C GLY D 47 45.39 -25.00 2.28
N GLY D 48 45.29 -26.28 1.95
CA GLY D 48 44.17 -26.76 1.17
C GLY D 48 44.05 -25.99 -0.13
N LEU D 49 42.83 -25.57 -0.44
CA LEU D 49 42.60 -24.84 -1.67
C LEU D 49 42.86 -23.35 -1.52
N ALA D 50 43.29 -22.96 -0.32
CA ALA D 50 43.77 -21.59 -0.14
C ALA D 50 45.28 -21.52 -0.42
N SER D 51 45.82 -22.55 -1.04
CA SER D 51 47.22 -22.55 -1.42
C SER D 51 47.46 -21.76 -2.70
N THR D 52 48.72 -21.43 -2.95
CA THR D 52 49.11 -20.59 -4.05
C THR D 52 50.03 -21.32 -5.03
N ASP D 53 49.79 -21.14 -6.32
CA ASP D 53 50.62 -21.73 -7.37
C ASP D 53 51.58 -20.72 -7.95
N VAL D 54 52.65 -21.24 -8.57
CA VAL D 54 53.62 -20.41 -9.26
C VAL D 54 53.96 -21.03 -10.63
N THR D 55 54.08 -20.19 -11.66
CA THR D 55 54.45 -20.65 -12.99
C THR D 55 55.97 -20.80 -13.08
N PRO D 56 56.46 -21.56 -14.07
CA PRO D 56 57.92 -21.67 -14.24
C PRO D 56 58.57 -20.31 -14.46
N GLU D 57 57.79 -19.33 -14.90
CA GLU D 57 58.32 -18.01 -15.18
C GLU D 57 58.33 -17.12 -13.92
N GLY D 58 57.73 -17.60 -12.84
CA GLY D 58 57.80 -16.89 -11.57
C GLY D 58 56.58 -16.04 -11.22
N PHE D 59 55.43 -16.31 -11.84
CA PHE D 59 54.21 -15.60 -11.50
C PHE D 59 53.35 -16.42 -10.54
N LEU D 60 53.02 -15.84 -9.38
CA LEU D 60 52.11 -16.47 -8.44
C LEU D 60 50.67 -16.28 -8.89
N TYR D 61 49.84 -17.27 -8.62
CA TYR D 61 48.39 -17.17 -8.81
C TYR D 61 47.65 -17.87 -7.68
N ASP D 62 46.65 -17.20 -7.13
CA ASP D 62 45.77 -17.78 -6.12
C ASP D 62 44.58 -18.45 -6.80
N VAL D 63 43.75 -19.18 -6.04
CA VAL D 63 42.56 -19.82 -6.61
C VAL D 63 41.35 -18.90 -6.81
N GLY D 64 41.38 -17.70 -6.25
CA GLY D 64 40.22 -16.83 -6.35
C GLY D 64 40.49 -15.35 -6.20
N GLY D 65 39.47 -14.55 -6.50
CA GLY D 65 39.58 -13.10 -6.47
C GLY D 65 38.78 -12.42 -5.37
N HIS D 66 38.38 -13.19 -4.36
CA HIS D 66 37.62 -12.65 -3.23
C HIS D 66 38.56 -12.35 -2.07
N VAL D 67 38.94 -11.09 -1.90
CA VAL D 67 39.97 -10.74 -0.93
C VAL D 67 39.46 -11.02 0.47
N ILE D 68 40.36 -11.06 1.44
CA ILE D 68 39.95 -11.32 2.83
C ILE D 68 39.19 -10.15 3.44
N PHE D 69 38.03 -10.46 3.99
CA PHE D 69 37.38 -9.54 4.92
C PHE D 69 37.03 -10.31 6.18
N SER D 70 37.67 -9.99 7.29
CA SER D 70 37.54 -10.76 8.52
C SER D 70 36.39 -10.31 9.39
N HIS D 71 35.49 -11.23 9.75
CA HIS D 71 34.40 -10.91 10.66
C HIS D 71 34.71 -11.25 12.13
N TYR D 72 35.95 -11.63 12.41
CA TYR D 72 36.28 -12.20 13.73
C TYR D 72 37.65 -11.78 14.27
N LYS D 73 37.68 -11.38 15.55
CA LYS D 73 38.96 -11.07 16.21
C LYS D 73 39.87 -12.29 16.23
N TYR D 74 39.28 -13.47 16.39
CA TYR D 74 40.05 -14.70 16.52
C TYR D 74 40.88 -14.95 15.27
N PHE D 75 40.24 -14.80 14.12
CA PHE D 75 40.89 -14.93 12.83
C PHE D 75 42.05 -13.94 12.74
N ASP D 76 41.80 -12.68 13.11
CA ASP D 76 42.85 -11.66 13.15
C ASP D 76 44.02 -12.05 14.05
N ASP D 77 43.73 -12.57 15.25
CA ASP D 77 44.77 -13.00 16.17
C ASP D 77 45.67 -14.05 15.51
N CYS D 78 45.06 -15.00 14.83
CA CYS D 78 45.82 -16.08 14.22
C CYS D 78 46.64 -15.59 13.02
N LEU D 79 46.07 -14.69 12.22
CA LEU D 79 46.82 -14.14 11.10
C LEU D 79 47.97 -13.32 11.62
N ASP D 80 47.72 -12.56 12.68
CA ASP D 80 48.76 -11.70 13.23
C ASP D 80 49.89 -12.50 13.88
N GLU D 81 49.53 -13.59 14.57
CA GLU D 81 50.54 -14.42 15.18
C GLU D 81 51.43 -14.97 14.08
N ALA D 82 50.79 -15.51 13.05
CA ALA D 82 51.47 -16.17 11.94
C ALA D 82 52.45 -15.26 11.22
N LEU D 83 52.00 -14.05 10.91
CA LEU D 83 52.79 -13.09 10.15
C LEU D 83 52.74 -11.75 10.90
N PRO D 84 53.60 -11.59 11.93
CA PRO D 84 53.50 -10.46 12.86
C PRO D 84 54.15 -9.15 12.40
N LYS D 85 54.98 -9.21 11.37
CA LYS D 85 55.76 -8.04 10.96
C LYS D 85 54.92 -7.11 10.08
N GLU D 86 55.16 -5.81 10.23
CA GLU D 86 54.44 -4.80 9.46
C GLU D 86 54.63 -5.06 7.97
N ASP D 87 55.82 -5.51 7.61
CA ASP D 87 56.16 -5.70 6.22
C ASP D 87 55.79 -7.10 5.72
N ASP D 88 55.03 -7.84 6.52
CA ASP D 88 54.53 -9.15 6.07
C ASP D 88 53.26 -8.97 5.24
N TRP D 89 52.71 -7.76 5.24
CA TRP D 89 51.45 -7.46 4.59
C TRP D 89 51.49 -6.17 3.78
N TYR D 90 50.64 -6.08 2.77
CA TYR D 90 50.37 -4.81 2.10
C TYR D 90 48.88 -4.50 2.22
N THR D 91 48.56 -3.22 2.42
CA THR D 91 47.18 -2.79 2.55
C THR D 91 46.73 -2.05 1.29
N HIS D 92 45.50 -2.28 0.85
CA HIS D 92 44.99 -1.59 -0.34
C HIS D 92 43.53 -1.26 -0.16
N GLN D 93 43.06 -0.26 -0.90
CA GLN D 93 41.65 0.06 -0.91
C GLN D 93 40.92 -0.93 -1.79
N ARG D 94 39.68 -1.24 -1.41
CA ARG D 94 38.85 -2.24 -2.09
C ARG D 94 38.31 -1.65 -3.39
N ILE D 95 39.14 -1.65 -4.42
CA ILE D 95 38.81 -0.96 -5.66
C ILE D 95 38.30 -1.92 -6.73
N SER D 96 37.05 -1.75 -7.14
CA SER D 96 36.45 -2.65 -8.12
C SER D 96 35.55 -1.93 -9.12
N TYR D 97 35.45 -2.46 -10.33
CA TYR D 97 34.64 -1.88 -11.38
C TYR D 97 33.92 -2.98 -12.16
N VAL D 98 32.82 -2.59 -12.79
CA VAL D 98 32.03 -3.47 -13.63
C VAL D 98 32.29 -3.05 -15.06
N ARG D 99 32.70 -4.00 -15.91
CA ARG D 99 32.92 -3.67 -17.32
C ARG D 99 31.58 -3.66 -18.01
N CYS D 100 31.20 -2.52 -18.58
CA CYS D 100 29.91 -2.42 -19.23
C CYS D 100 29.93 -1.42 -20.39
N GLN D 101 29.58 -1.91 -21.57
CA GLN D 101 29.50 -1.10 -22.78
C GLN D 101 30.69 -0.16 -23.00
N GLY D 102 31.89 -0.75 -22.98
CA GLY D 102 33.12 -0.01 -23.22
C GLY D 102 33.57 0.88 -22.07
N GLN D 103 32.94 0.74 -20.91
CA GLN D 103 33.21 1.59 -19.76
C GLN D 103 33.59 0.78 -18.52
N TRP D 104 34.51 1.30 -17.73
CA TRP D 104 34.73 0.81 -16.37
C TRP D 104 33.84 1.57 -15.38
N VAL D 105 32.75 0.93 -14.95
CA VAL D 105 31.78 1.55 -14.06
C VAL D 105 32.11 1.19 -12.63
N PRO D 106 32.38 2.20 -11.77
CA PRO D 106 32.75 1.88 -10.39
C PRO D 106 31.67 1.08 -9.67
N TYR D 107 32.07 0.14 -8.83
CA TYR D 107 31.12 -0.62 -8.04
C TYR D 107 30.71 0.25 -6.84
N PRO D 108 29.43 0.24 -6.45
CA PRO D 108 28.29 -0.52 -6.99
C PRO D 108 27.70 0.05 -8.28
N PHE D 109 27.34 -0.85 -9.18
CA PHE D 109 26.89 -0.50 -10.51
C PHE D 109 25.78 0.55 -10.51
N GLN D 110 24.75 0.37 -9.70
CA GLN D 110 23.57 1.23 -9.82
C GLN D 110 23.89 2.68 -9.46
N ASN D 111 24.94 2.89 -8.69
CA ASN D 111 25.26 4.25 -8.25
C ASN D 111 26.12 4.96 -9.27
N ASN D 112 26.35 4.31 -10.40
CA ASN D 112 27.28 4.84 -11.37
C ASN D 112 26.81 4.76 -12.80
N ILE D 113 25.51 4.57 -12.99
CA ILE D 113 24.99 4.46 -14.34
C ILE D 113 25.03 5.78 -15.12
N SER D 114 25.42 6.88 -14.46
CA SER D 114 25.68 8.12 -15.20
C SER D 114 26.69 7.91 -16.33
N MET D 115 27.52 6.88 -16.24
CA MET D 115 28.48 6.59 -17.31
C MET D 115 27.85 5.98 -18.55
N LEU D 116 26.62 5.48 -18.44
CA LEU D 116 25.95 4.86 -19.56
C LEU D 116 25.31 5.93 -20.43
N PRO D 117 24.94 5.58 -21.66
CA PRO D 117 24.23 6.58 -22.48
C PRO D 117 22.93 7.02 -21.80
N LYS D 118 22.48 8.22 -22.14
CA LYS D 118 21.31 8.80 -21.51
C LYS D 118 20.03 7.96 -21.64
N GLU D 119 19.74 7.46 -22.85
CA GLU D 119 18.53 6.67 -23.05
C GLU D 119 18.55 5.44 -22.15
N GLU D 120 19.73 4.88 -21.93
CA GLU D 120 19.83 3.69 -21.09
C GLU D 120 19.62 4.04 -19.60
N GLN D 121 20.08 5.22 -19.21
CA GLN D 121 19.84 5.75 -17.87
C GLN D 121 18.34 5.86 -17.64
N VAL D 122 17.61 6.34 -18.64
CA VAL D 122 16.16 6.44 -18.55
C VAL D 122 15.51 5.07 -18.31
N LYS D 123 15.88 4.09 -19.13
CA LYS D 123 15.37 2.73 -18.96
C LYS D 123 15.71 2.20 -17.56
N CYS D 124 16.92 2.47 -17.08
CA CYS D 124 17.31 2.02 -15.74
C CYS D 124 16.50 2.65 -14.60
N ILE D 125 16.33 3.97 -14.69
CA ILE D 125 15.62 4.72 -13.65
C ILE D 125 14.16 4.31 -13.66
N ASP D 126 13.59 4.21 -14.85
CA ASP D 126 12.20 3.78 -14.99
C ASP D 126 11.97 2.43 -14.27
N GLY D 127 12.85 1.46 -14.53
CA GLY D 127 12.67 0.14 -13.95
C GLY D 127 12.83 0.16 -12.44
N MET D 128 13.68 1.06 -11.96
CA MET D 128 13.93 1.14 -10.53
C MET D 128 12.78 1.89 -9.84
N ILE D 129 12.24 2.90 -10.51
CA ILE D 129 10.99 3.51 -10.06
C ILE D 129 9.90 2.45 -9.88
N ASP D 130 9.74 1.58 -10.88
CA ASP D 130 8.77 0.48 -10.79
C ASP D 130 9.06 -0.37 -9.54
N ALA D 131 10.32 -0.71 -9.32
CA ALA D 131 10.70 -1.54 -8.20
C ALA D 131 10.47 -0.88 -6.86
N ALA D 132 10.65 0.44 -6.78
CA ALA D 132 10.41 1.16 -5.54
C ALA D 132 8.93 1.19 -5.22
N LEU D 133 8.11 1.39 -6.25
CA LEU D 133 6.67 1.49 -6.05
C LEU D 133 6.13 0.15 -5.61
N GLU D 134 6.68 -0.93 -6.17
CA GLU D 134 6.28 -2.27 -5.78
C GLU D 134 6.74 -2.59 -4.37
N ALA D 135 7.95 -2.13 -4.01
CA ALA D 135 8.49 -2.44 -2.70
C ALA D 135 7.71 -1.70 -1.61
N ARG D 136 7.06 -0.61 -1.97
CA ARG D 136 6.25 0.15 -1.02
C ARG D 136 5.04 -0.65 -0.55
N VAL D 137 4.53 -1.58 -1.36
CA VAL D 137 3.34 -2.35 -0.97
C VAL D 137 3.62 -3.85 -0.89
N ALA D 138 4.89 -4.22 -0.85
CA ALA D 138 5.26 -5.62 -0.85
C ALA D 138 4.82 -6.27 0.45
N ASN D 139 4.32 -7.50 0.36
CA ASN D 139 3.92 -8.24 1.55
C ASN D 139 4.41 -9.68 1.51
N THR D 140 5.38 -9.95 0.65
CA THR D 140 6.04 -11.26 0.59
C THR D 140 7.54 -11.03 0.43
N LYS D 141 8.32 -12.06 0.69
CA LYS D 141 9.76 -12.00 0.48
C LYS D 141 10.06 -12.74 -0.81
N PRO D 142 11.10 -12.32 -1.54
CA PRO D 142 11.51 -13.04 -2.76
C PRO D 142 11.83 -14.50 -2.47
N LYS D 143 11.61 -15.39 -3.42
CA LYS D 143 11.88 -16.81 -3.21
C LYS D 143 13.14 -17.30 -3.94
N THR D 144 13.56 -16.56 -4.97
CA THR D 144 14.73 -16.93 -5.75
C THR D 144 15.72 -15.79 -5.79
N PHE D 145 17.00 -16.11 -5.97
CA PHE D 145 18.03 -15.10 -6.21
C PHE D 145 17.52 -14.11 -7.28
N ASP D 146 16.91 -14.63 -8.34
CA ASP D 146 16.43 -13.78 -9.43
C ASP D 146 15.37 -12.77 -9.00
N GLU D 147 14.40 -13.20 -8.19
CA GLU D 147 13.36 -12.28 -7.72
C GLU D 147 13.97 -11.22 -6.82
N TRP D 148 14.99 -11.61 -6.08
CA TRP D 148 15.65 -10.71 -5.13
C TRP D 148 16.36 -9.63 -5.94
N ILE D 149 17.08 -10.04 -6.97
CA ILE D 149 17.79 -9.10 -7.81
C ILE D 149 16.85 -8.06 -8.41
N VAL D 150 15.73 -8.53 -8.93
CA VAL D 150 14.81 -7.66 -9.66
C VAL D 150 14.06 -6.70 -8.73
N ARG D 151 13.80 -7.15 -7.51
CA ARG D 151 13.19 -6.30 -6.50
C ARG D 151 14.16 -5.24 -5.99
N MET D 152 15.44 -5.59 -5.90
CA MET D 152 16.48 -4.64 -5.51
C MET D 152 16.76 -3.60 -6.61
N MET D 153 16.85 -4.04 -7.87
CA MET D 153 17.40 -3.20 -8.94
C MET D 153 16.42 -2.71 -10.01
N GLY D 154 15.29 -3.39 -10.16
CA GLY D 154 14.42 -3.12 -11.28
C GLY D 154 14.97 -3.85 -12.50
N THR D 155 14.12 -4.06 -13.50
CA THR D 155 14.47 -4.88 -14.67
C THR D 155 15.71 -4.40 -15.44
N GLY D 156 15.68 -3.13 -15.85
CA GLY D 156 16.75 -2.56 -16.66
C GLY D 156 18.12 -2.71 -16.04
N ILE D 157 18.27 -2.28 -14.80
CA ILE D 157 19.55 -2.44 -14.11
C ILE D 157 19.88 -3.91 -13.87
N ALA D 158 18.89 -4.71 -13.54
CA ALA D 158 19.15 -6.13 -13.30
C ALA D 158 19.73 -6.82 -14.56
N ASP D 159 19.20 -6.47 -15.74
CA ASP D 159 19.63 -7.08 -17.01
C ASP D 159 21.03 -6.65 -17.46
N LEU D 160 21.49 -5.51 -16.99
CA LEU D 160 22.78 -5.03 -17.43
C LEU D 160 23.92 -5.68 -16.66
N PHE D 161 23.67 -6.02 -15.40
CA PHE D 161 24.77 -6.47 -14.57
C PHE D 161 24.49 -7.78 -13.81
N MET D 162 23.68 -7.70 -12.76
CA MET D 162 23.58 -8.82 -11.82
C MET D 162 23.07 -10.13 -12.39
N ARG D 163 22.12 -10.07 -13.32
CA ARG D 163 21.61 -11.30 -13.93
C ARG D 163 22.64 -12.00 -14.81
N PRO D 164 23.18 -11.30 -15.83
CA PRO D 164 24.16 -12.03 -16.66
C PRO D 164 25.47 -12.27 -15.92
N TYR D 165 25.84 -11.37 -15.02
CA TYR D 165 27.04 -11.61 -14.24
C TYR D 165 26.91 -12.91 -13.42
N ASN D 166 25.82 -13.02 -12.68
CA ASN D 166 25.66 -14.17 -11.82
C ASN D 166 25.56 -15.50 -12.57
N PHE D 167 24.92 -15.48 -13.73
CA PHE D 167 24.99 -16.66 -14.56
C PHE D 167 26.45 -17.06 -14.85
N LYS D 168 27.28 -16.09 -15.20
CA LYS D 168 28.69 -16.37 -15.44
C LYS D 168 29.41 -16.79 -14.16
N VAL D 169 28.92 -16.36 -13.01
CA VAL D 169 29.58 -16.72 -11.76
C VAL D 169 29.23 -18.16 -11.36
N TRP D 170 27.94 -18.47 -11.32
CA TRP D 170 27.48 -19.72 -10.73
C TRP D 170 27.31 -20.82 -11.77
N ALA D 171 27.36 -20.47 -13.04
CA ALA D 171 27.05 -21.45 -14.09
C ALA D 171 25.67 -22.10 -13.89
N VAL D 172 24.75 -21.39 -13.26
CA VAL D 172 23.33 -21.76 -13.26
C VAL D 172 22.56 -20.44 -13.34
N PRO D 173 21.31 -20.48 -13.84
CA PRO D 173 20.51 -19.26 -13.91
C PRO D 173 20.13 -18.76 -12.52
N THR D 174 19.94 -17.45 -12.36
CA THR D 174 19.58 -16.86 -11.08
C THR D 174 18.23 -17.37 -10.57
N THR D 175 17.37 -17.81 -11.49
CA THR D 175 16.06 -18.35 -11.12
C THR D 175 16.16 -19.73 -10.46
N LYS D 176 17.32 -20.39 -10.54
CA LYS D 176 17.52 -21.73 -9.97
C LYS D 176 18.13 -21.65 -8.58
N MET D 177 18.43 -20.44 -8.11
CA MET D 177 19.11 -20.28 -6.83
C MET D 177 18.23 -19.68 -5.73
N GLN D 178 18.50 -20.09 -4.50
CA GLN D 178 17.81 -19.50 -3.36
C GLN D 178 18.43 -18.13 -3.08
N CYS D 179 17.84 -17.39 -2.14
CA CYS D 179 18.37 -16.07 -1.80
C CYS D 179 18.60 -15.86 -0.30
N ALA D 180 18.47 -16.90 0.51
CA ALA D 180 18.79 -16.78 1.93
C ALA D 180 20.29 -16.55 2.18
N TRP D 181 21.15 -17.09 1.32
CA TRP D 181 22.59 -16.97 1.49
C TRP D 181 23.08 -15.52 1.39
N LEU D 182 22.20 -14.66 0.89
CA LEU D 182 22.51 -13.26 0.62
C LEU D 182 22.46 -12.41 1.89
N GLY D 183 21.95 -12.97 2.97
CA GLY D 183 21.67 -12.18 4.16
C GLY D 183 20.22 -11.72 4.18
N GLU D 184 19.87 -10.89 5.16
CA GLU D 184 18.46 -10.60 5.45
C GLU D 184 18.03 -9.16 5.14
N ARG D 185 18.85 -8.45 4.37
CA ARG D 185 18.49 -7.10 3.94
C ARG D 185 17.20 -7.09 3.09
N VAL D 186 16.38 -6.07 3.26
CA VAL D 186 15.14 -5.96 2.49
C VAL D 186 15.40 -5.80 0.99
N ALA D 187 14.73 -6.61 0.18
CA ALA D 187 14.90 -6.55 -1.27
C ALA D 187 14.18 -5.33 -1.84
N ALA D 188 14.85 -4.19 -1.77
CA ALA D 188 14.25 -2.95 -2.24
C ALA D 188 15.35 -2.00 -2.70
N PRO D 189 15.02 -1.13 -3.66
CA PRO D 189 16.00 -0.19 -4.18
C PRO D 189 16.20 1.03 -3.28
N ASN D 190 17.42 1.53 -3.25
CA ASN D 190 17.64 2.89 -2.79
C ASN D 190 17.50 3.84 -3.98
N LEU D 191 16.27 4.17 -4.36
CA LEU D 191 16.01 4.96 -5.56
C LEU D 191 16.60 6.38 -5.52
N LYS D 192 16.59 7.01 -4.35
CA LYS D 192 17.15 8.34 -4.22
C LYS D 192 18.67 8.35 -4.44
N ALA D 193 19.37 7.34 -3.92
CA ALA D 193 20.82 7.30 -4.10
C ALA D 193 21.15 7.21 -5.57
N VAL D 194 20.36 6.42 -6.30
CA VAL D 194 20.61 6.18 -7.71
C VAL D 194 20.24 7.39 -8.58
N THR D 195 19.07 7.98 -8.36
CA THR D 195 18.71 9.19 -9.13
C THR D 195 19.64 10.35 -8.80
N THR D 196 20.05 10.46 -7.54
CA THR D 196 20.91 11.54 -7.08
C THR D 196 22.25 11.56 -7.83
N ASN D 197 22.93 10.42 -7.92
CA ASN D 197 24.17 10.34 -8.70
C ASN D 197 23.97 10.59 -10.19
N VAL D 198 22.83 10.16 -10.73
CA VAL D 198 22.55 10.39 -12.14
C VAL D 198 22.35 11.88 -12.37
N ILE D 199 21.55 12.50 -11.50
CA ILE D 199 21.27 13.93 -11.67
C ILE D 199 22.55 14.75 -11.54
N LEU D 200 23.40 14.38 -10.59
CA LEU D 200 24.61 15.14 -10.34
C LEU D 200 25.68 14.75 -11.37
N GLY D 201 25.37 13.72 -12.15
CA GLY D 201 26.28 13.23 -13.18
C GLY D 201 27.57 12.66 -12.63
N LYS D 202 27.51 12.09 -11.42
CA LYS D 202 28.73 11.64 -10.79
C LYS D 202 28.91 10.13 -10.74
N THR D 203 30.15 9.74 -10.44
CA THR D 203 30.49 8.35 -10.22
C THR D 203 31.16 8.29 -8.86
N ALA D 204 31.00 7.15 -8.19
CA ALA D 204 31.63 6.97 -6.89
C ALA D 204 31.67 5.50 -6.53
N GLY D 205 32.89 5.02 -6.28
CA GLY D 205 33.08 3.68 -5.79
C GLY D 205 32.81 3.58 -4.29
N ASN D 206 32.51 2.36 -3.83
CA ASN D 206 32.31 2.08 -2.42
C ASN D 206 33.63 1.78 -1.72
N TRP D 207 34.63 2.62 -1.97
CA TRP D 207 35.92 2.48 -1.31
C TRP D 207 36.50 3.81 -0.88
N GLY D 208 37.47 3.75 0.03
CA GLY D 208 38.15 4.91 0.54
C GLY D 208 39.17 4.42 1.55
N PRO D 209 39.78 5.35 2.31
CA PRO D 209 40.76 4.95 3.33
C PRO D 209 40.19 3.99 4.38
N ASN D 210 38.87 4.02 4.58
CA ASN D 210 38.21 3.11 5.51
C ASN D 210 38.02 1.67 4.97
N ALA D 211 37.79 1.56 3.66
CA ALA D 211 37.45 0.28 3.04
C ALA D 211 38.69 -0.36 2.39
N THR D 212 39.39 -1.18 3.18
CA THR D 212 40.67 -1.71 2.75
C THR D 212 40.74 -3.22 2.95
N PHE D 213 41.73 -3.83 2.32
CA PHE D 213 42.03 -5.23 2.57
C PHE D 213 43.53 -5.41 2.74
N ARG D 214 43.91 -6.48 3.40
CA ARG D 214 45.32 -6.78 3.61
C ARG D 214 45.69 -7.97 2.75
N PHE D 215 46.80 -7.85 2.03
CA PHE D 215 47.32 -8.98 1.29
C PHE D 215 48.74 -9.29 1.76
N PRO D 216 49.03 -10.60 1.90
CA PRO D 216 50.34 -11.05 2.37
C PRO D 216 51.44 -10.67 1.39
N ALA D 217 52.55 -10.17 1.92
CA ALA D 217 53.66 -9.69 1.10
C ALA D 217 54.26 -10.80 0.26
N ARG D 218 54.31 -12.01 0.80
CA ARG D 218 54.96 -13.10 0.09
C ARG D 218 54.18 -14.40 0.06
N GLY D 219 54.32 -15.11 -1.05
CA GLY D 219 53.79 -16.46 -1.18
C GLY D 219 52.30 -16.56 -1.41
N GLY D 220 51.65 -15.42 -1.70
CA GLY D 220 50.21 -15.39 -1.94
C GLY D 220 49.41 -15.72 -0.69
N THR D 221 48.13 -16.04 -0.85
CA THR D 221 47.32 -16.44 0.32
C THR D 221 47.88 -17.73 0.91
N GLY D 222 48.46 -18.58 0.06
CA GLY D 222 49.04 -19.83 0.51
C GLY D 222 50.09 -19.63 1.59
N GLY D 223 50.67 -18.43 1.63
CA GLY D 223 51.70 -18.10 2.60
C GLY D 223 51.14 -17.84 3.98
N ILE D 224 49.92 -17.32 4.03
CA ILE D 224 49.24 -17.16 5.29
C ILE D 224 49.16 -18.52 5.97
N TRP D 225 48.60 -19.47 5.24
CA TRP D 225 48.25 -20.76 5.81
C TRP D 225 49.47 -21.62 6.13
N ILE D 226 50.55 -21.43 5.39
CA ILE D 226 51.79 -22.08 5.77
C ILE D 226 52.26 -21.58 7.13
N ALA D 227 52.17 -20.26 7.36
CA ALA D 227 52.66 -19.68 8.60
C ALA D 227 51.77 -19.98 9.80
N VAL D 228 50.46 -20.01 9.58
CA VAL D 228 49.54 -20.46 10.62
C VAL D 228 49.86 -21.89 11.02
N ALA D 229 49.95 -22.77 10.02
CA ALA D 229 50.22 -24.19 10.24
C ALA D 229 51.52 -24.38 11.01
N ASN D 230 52.52 -23.55 10.74
CA ASN D 230 53.80 -23.67 11.41
C ASN D 230 53.76 -23.39 12.91
N THR D 231 52.68 -22.78 13.40
CA THR D 231 52.54 -22.54 14.83
C THR D 231 52.08 -23.80 15.57
N LEU D 232 51.71 -24.83 14.80
CA LEU D 232 51.23 -26.07 15.39
C LEU D 232 52.39 -27.00 15.74
N PRO D 233 52.23 -27.79 16.81
CA PRO D 233 53.23 -28.79 17.19
C PRO D 233 53.41 -29.81 16.06
N LYS D 234 54.58 -29.83 15.42
CA LYS D 234 54.78 -30.67 14.23
C LYS D 234 54.33 -32.11 14.48
N GLU D 235 54.59 -32.62 15.68
CA GLU D 235 54.33 -34.02 15.99
C GLU D 235 52.83 -34.37 15.98
N LYS D 236 51.95 -33.36 16.01
CA LYS D 236 50.52 -33.61 15.97
C LYS D 236 49.95 -33.46 14.56
N THR D 237 50.84 -33.25 13.58
CA THR D 237 50.44 -33.14 12.19
C THR D 237 50.89 -34.37 11.44
N ARG D 238 50.20 -34.69 10.35
CA ARG D 238 50.58 -35.78 9.49
C ARG D 238 50.25 -35.39 8.05
N PHE D 239 51.20 -34.73 7.38
CA PHE D 239 50.94 -34.12 6.07
C PHE D 239 51.67 -34.83 4.92
N GLY D 240 50.92 -35.16 3.88
CA GLY D 240 51.46 -35.85 2.73
C GLY D 240 50.79 -37.19 2.51
N GLU D 241 51.44 -38.06 1.74
CA GLU D 241 50.92 -39.41 1.49
C GLU D 241 50.66 -40.13 2.81
N LYS D 242 51.53 -39.89 3.79
CA LYS D 242 51.39 -40.53 5.09
C LYS D 242 50.11 -40.12 5.81
N GLY D 243 49.39 -39.15 5.25
CA GLY D 243 48.19 -38.62 5.89
C GLY D 243 46.95 -38.65 5.03
N LYS D 244 47.00 -39.41 3.94
CA LYS D 244 45.82 -39.53 3.06
C LYS D 244 44.82 -40.54 3.64
N VAL D 245 43.60 -40.09 3.90
CA VAL D 245 42.58 -40.98 4.47
C VAL D 245 41.90 -41.76 3.36
N THR D 246 41.78 -43.08 3.52
CA THR D 246 41.15 -43.88 2.47
C THR D 246 39.83 -44.50 2.90
N LYS D 247 39.64 -44.68 4.20
CA LYS D 247 38.40 -45.26 4.70
C LYS D 247 37.99 -44.59 6.00
N VAL D 248 36.70 -44.41 6.18
CA VAL D 248 36.16 -43.96 7.45
C VAL D 248 35.12 -44.97 7.94
N ASN D 249 35.43 -45.64 9.05
CA ASN D 249 34.48 -46.56 9.68
C ASN D 249 33.76 -45.85 10.81
N ALA D 250 32.61 -45.28 10.48
CA ALA D 250 31.89 -44.40 11.38
C ALA D 250 31.45 -45.13 12.66
N ASN D 251 30.99 -46.37 12.51
CA ASN D 251 30.45 -47.12 13.65
C ASN D 251 31.51 -47.53 14.68
N ASN D 252 32.73 -47.75 14.21
CA ASN D 252 33.84 -48.11 15.08
C ASN D 252 34.73 -46.91 15.41
N LYS D 253 34.43 -45.79 14.76
CA LYS D 253 35.17 -44.53 14.98
C LYS D 253 36.66 -44.68 14.71
N THR D 254 37.00 -45.28 13.58
CA THR D 254 38.39 -45.38 13.17
C THR D 254 38.55 -44.91 11.74
N VAL D 255 39.68 -44.29 11.46
CA VAL D 255 40.03 -43.89 10.12
C VAL D 255 41.19 -44.77 9.67
N THR D 256 41.27 -45.04 8.38
CA THR D 256 42.39 -45.79 7.80
C THR D 256 43.09 -44.97 6.71
N LEU D 257 44.41 -44.84 6.84
CA LEU D 257 45.19 -44.07 5.91
C LEU D 257 45.74 -44.92 4.76
N GLN D 258 46.32 -44.23 3.78
CA GLN D 258 46.87 -44.86 2.59
C GLN D 258 47.83 -45.96 2.99
N ASP D 259 48.74 -45.61 3.88
CA ASP D 259 49.82 -46.49 4.28
C ASP D 259 49.36 -47.61 5.22
N GLY D 260 48.06 -47.69 5.49
CA GLY D 260 47.52 -48.74 6.33
C GLY D 260 47.32 -48.39 7.80
N THR D 261 47.81 -47.22 8.20
CA THR D 261 47.71 -46.75 9.58
C THR D 261 46.26 -46.49 9.99
N THR D 262 45.87 -47.00 11.15
CA THR D 262 44.52 -46.80 11.66
C THR D 262 44.53 -45.81 12.83
N ILE D 263 43.55 -44.91 12.83
CA ILE D 263 43.46 -43.90 13.87
C ILE D 263 42.09 -43.97 14.50
N GLY D 264 42.05 -44.11 15.81
CA GLY D 264 40.79 -44.11 16.53
C GLY D 264 40.49 -42.72 17.04
N TYR D 265 39.22 -42.34 17.04
CA TYR D 265 38.82 -41.00 17.47
C TYR D 265 37.54 -41.08 18.29
N LYS D 266 37.28 -40.06 19.09
CA LYS D 266 36.01 -39.97 19.80
C LYS D 266 35.11 -38.97 19.07
N LYS D 267 35.70 -37.95 18.47
CA LYS D 267 34.96 -37.03 17.61
C LYS D 267 35.78 -36.77 16.35
N LEU D 268 35.09 -36.66 15.22
CA LEU D 268 35.77 -36.43 13.94
C LEU D 268 35.38 -35.08 13.35
N VAL D 269 36.37 -34.21 13.10
CA VAL D 269 36.11 -33.00 12.31
C VAL D 269 36.60 -33.25 10.88
N SER D 270 35.64 -33.44 9.97
CA SER D 270 35.97 -33.73 8.58
C SER D 270 35.80 -32.50 7.71
N THR D 271 36.87 -32.10 7.02
CA THR D 271 36.82 -30.95 6.10
C THR D 271 36.98 -31.34 4.64
N MET D 272 36.98 -32.63 4.34
CA MET D 272 36.98 -33.04 2.94
C MET D 272 35.60 -32.78 2.38
N ALA D 273 35.46 -32.72 1.05
CA ALA D 273 34.15 -32.54 0.44
C ALA D 273 33.23 -33.65 0.95
N VAL D 274 31.99 -33.30 1.24
CA VAL D 274 31.10 -34.25 1.92
C VAL D 274 30.70 -35.42 1.02
N ASP D 275 30.78 -35.23 -0.29
CA ASP D 275 30.52 -36.33 -1.21
C ASP D 275 31.66 -37.36 -1.17
N PHE D 276 32.89 -36.90 -0.94
CA PHE D 276 34.02 -37.79 -0.78
C PHE D 276 33.96 -38.51 0.56
N LEU D 277 33.52 -37.80 1.59
CA LEU D 277 33.34 -38.41 2.91
C LEU D 277 32.34 -39.54 2.83
N ALA D 278 31.21 -39.29 2.16
CA ALA D 278 30.19 -40.31 1.98
C ALA D 278 30.78 -41.56 1.34
N GLU D 279 31.56 -41.39 0.28
CA GLU D 279 32.18 -42.52 -0.38
C GLU D 279 33.17 -43.23 0.54
N ALA D 280 33.90 -42.46 1.33
CA ALA D 280 34.94 -42.99 2.19
C ALA D 280 34.35 -43.78 3.37
N MET D 281 33.14 -43.40 3.76
CA MET D 281 32.40 -44.11 4.80
C MET D 281 31.74 -45.36 4.26
N ASN D 282 31.84 -45.57 2.94
CA ASN D 282 31.05 -46.59 2.26
C ASN D 282 29.60 -46.59 2.74
N ASP D 283 29.02 -45.39 2.84
CA ASP D 283 27.63 -45.21 3.29
C ASP D 283 26.74 -44.86 2.11
N GLN D 284 26.03 -45.85 1.59
CA GLN D 284 25.32 -45.72 0.31
C GLN D 284 24.16 -44.74 0.37
N GLU D 285 23.57 -44.59 1.54
CA GLU D 285 22.46 -43.64 1.70
C GLU D 285 22.97 -42.21 1.57
N LEU D 286 24.15 -41.96 2.14
CA LEU D 286 24.78 -40.66 2.06
C LEU D 286 25.35 -40.39 0.67
N VAL D 287 25.91 -41.42 0.06
CA VAL D 287 26.40 -41.27 -1.31
C VAL D 287 25.27 -40.75 -2.21
N GLY D 288 24.07 -41.32 -2.07
CA GLY D 288 22.94 -40.87 -2.85
C GLY D 288 22.56 -39.43 -2.57
N LEU D 289 22.53 -39.07 -1.29
CA LEU D 289 22.17 -37.72 -0.90
C LEU D 289 23.21 -36.70 -1.34
N THR D 290 24.48 -37.02 -1.14
CA THR D 290 25.53 -36.09 -1.52
C THR D 290 25.65 -35.90 -3.03
N LYS D 291 25.22 -36.89 -3.81
CA LYS D 291 25.22 -36.74 -5.26
C LYS D 291 24.15 -35.74 -5.73
N GLN D 292 23.18 -35.42 -4.86
CA GLN D 292 22.18 -34.41 -5.18
C GLN D 292 22.69 -32.97 -5.02
N LEU D 293 23.85 -32.80 -4.38
CA LEU D 293 24.43 -31.47 -4.17
C LEU D 293 25.08 -30.92 -5.44
N PHE D 294 24.52 -29.83 -5.96
CA PHE D 294 25.05 -29.23 -7.17
C PHE D 294 26.31 -28.42 -6.87
N TYR D 295 27.24 -28.39 -7.83
CA TYR D 295 28.43 -27.56 -7.70
C TYR D 295 28.94 -27.23 -9.09
N SER D 296 29.69 -26.14 -9.19
CA SER D 296 30.32 -25.71 -10.42
C SER D 296 31.81 -25.88 -10.30
N SER D 297 32.49 -26.04 -11.44
CA SER D 297 33.94 -26.15 -11.46
C SER D 297 34.55 -24.82 -11.89
N THR D 298 35.66 -24.46 -11.27
CA THR D 298 36.27 -23.17 -11.53
C THR D 298 37.58 -23.30 -12.30
N HIS D 299 37.69 -22.57 -13.41
CA HIS D 299 38.95 -22.47 -14.13
C HIS D 299 39.63 -21.17 -13.74
N VAL D 300 40.86 -21.27 -13.27
CA VAL D 300 41.66 -20.10 -12.99
C VAL D 300 42.69 -19.91 -14.10
N ILE D 301 42.66 -18.75 -14.75
CA ILE D 301 43.64 -18.45 -15.79
C ILE D 301 44.56 -17.32 -15.34
N GLY D 302 45.87 -17.53 -15.52
CA GLY D 302 46.86 -16.54 -15.15
C GLY D 302 47.57 -16.04 -16.39
N VAL D 303 47.77 -14.73 -16.46
CA VAL D 303 48.49 -14.14 -17.58
C VAL D 303 49.49 -13.10 -17.04
N GLY D 304 50.76 -13.29 -17.36
CA GLY D 304 51.80 -12.35 -16.97
C GLY D 304 52.16 -11.50 -18.18
N VAL D 305 52.32 -10.20 -17.98
CA VAL D 305 52.48 -9.27 -19.09
C VAL D 305 53.71 -8.44 -18.88
N ARG D 306 54.44 -8.16 -19.95
CA ARG D 306 55.61 -7.32 -19.84
C ARG D 306 55.21 -5.86 -19.89
N GLY D 307 55.82 -5.07 -19.02
CA GLY D 307 55.65 -3.64 -19.07
C GLY D 307 55.31 -3.09 -17.71
N SER D 308 55.45 -1.79 -17.55
CA SER D 308 54.97 -1.13 -16.35
C SER D 308 53.45 -1.08 -16.45
N ARG D 309 52.81 -1.11 -15.30
CA ARG D 309 51.36 -1.09 -15.22
C ARG D 309 50.76 0.03 -16.07
N PRO D 310 49.94 -0.33 -17.08
CA PRO D 310 49.32 0.66 -17.95
C PRO D 310 48.40 1.61 -17.19
N GLU D 311 48.31 2.86 -17.64
CA GLU D 311 47.44 3.84 -16.99
C GLU D 311 45.99 3.36 -16.92
N ARG D 312 45.51 2.72 -17.99
CA ARG D 312 44.11 2.30 -18.07
C ARG D 312 43.74 1.26 -16.98
N ILE D 313 44.74 0.52 -16.52
CA ILE D 313 44.56 -0.44 -15.44
C ILE D 313 44.63 0.29 -14.10
N GLY D 314 45.74 0.98 -13.87
CA GLY D 314 45.91 1.80 -12.69
C GLY D 314 45.82 1.01 -11.41
N ASP D 315 45.08 1.54 -10.45
CA ASP D 315 44.96 0.94 -9.11
C ASP D 315 43.78 -0.04 -8.97
N LYS D 316 43.18 -0.42 -10.11
CA LYS D 316 42.13 -1.44 -10.09
C LYS D 316 42.60 -2.69 -9.37
N CYS D 317 41.70 -3.26 -8.55
CA CYS D 317 41.97 -4.53 -7.85
C CYS D 317 41.24 -5.71 -8.47
N TRP D 318 39.91 -5.73 -8.39
CA TRP D 318 39.13 -6.76 -9.07
C TRP D 318 38.02 -6.15 -9.93
N LEU D 319 37.57 -6.92 -10.92
CA LEU D 319 36.71 -6.40 -11.99
C LEU D 319 35.66 -7.44 -12.33
N TYR D 320 34.44 -6.97 -12.60
CA TYR D 320 33.31 -7.85 -12.88
C TYR D 320 32.91 -7.77 -14.36
N PHE D 321 32.53 -8.89 -14.94
CA PHE D 321 32.22 -8.94 -16.37
C PHE D 321 30.88 -9.63 -16.67
N PRO D 322 29.79 -8.85 -16.64
CA PRO D 322 28.45 -9.31 -17.05
C PRO D 322 28.36 -9.71 -18.54
N GLU D 323 29.20 -9.12 -19.38
CA GLU D 323 28.97 -9.22 -20.82
C GLU D 323 29.53 -10.48 -21.44
N ASP D 324 29.07 -10.80 -22.64
CA ASP D 324 29.43 -12.05 -23.30
C ASP D 324 30.63 -11.91 -24.26
N ASN D 325 31.37 -10.80 -24.18
CA ASN D 325 32.55 -10.71 -25.02
C ASN D 325 33.79 -11.26 -24.33
N CYS D 326 33.61 -11.96 -23.21
CA CYS D 326 34.71 -12.63 -22.53
C CYS D 326 34.17 -13.76 -21.67
N PRO D 327 34.94 -14.84 -21.53
CA PRO D 327 34.36 -15.99 -20.81
C PRO D 327 34.48 -15.86 -19.30
N PHE D 328 35.39 -15.02 -18.80
CA PHE D 328 35.58 -14.91 -17.35
C PHE D 328 34.54 -14.00 -16.69
N TYR D 329 34.21 -14.26 -15.42
CA TYR D 329 33.27 -13.40 -14.72
C TYR D 329 34.01 -12.33 -13.92
N ARG D 330 35.24 -12.63 -13.51
CA ARG D 330 36.01 -11.71 -12.68
C ARG D 330 37.47 -11.74 -13.06
N ALA D 331 38.11 -10.58 -13.02
CA ALA D 331 39.54 -10.50 -13.22
C ALA D 331 40.14 -9.77 -12.04
N THR D 332 41.38 -10.13 -11.71
CA THR D 332 42.12 -9.50 -10.63
C THR D 332 43.46 -8.99 -11.13
N ILE D 333 43.80 -7.73 -10.83
CA ILE D 333 45.13 -7.23 -11.12
C ILE D 333 46.05 -7.71 -10.00
N PHE D 334 46.47 -8.97 -10.09
CA PHE D 334 47.18 -9.62 -9.00
C PHE D 334 48.52 -8.95 -8.68
N SER D 335 49.12 -8.32 -9.68
CA SER D 335 50.39 -7.61 -9.50
C SER D 335 50.22 -6.32 -8.68
N ASN D 336 48.99 -5.86 -8.53
CA ASN D 336 48.68 -4.76 -7.61
C ASN D 336 48.66 -5.17 -6.12
N TYR D 337 48.61 -6.47 -5.84
CA TYR D 337 48.43 -6.92 -4.47
C TYR D 337 49.75 -7.02 -3.73
N SER D 338 50.81 -7.36 -4.45
CA SER D 338 52.16 -7.45 -3.88
C SER D 338 53.21 -7.48 -4.97
N PRO D 339 54.33 -6.78 -4.76
CA PRO D 339 55.37 -6.73 -5.79
C PRO D 339 56.08 -8.08 -5.88
N TYR D 340 55.73 -9.00 -4.97
CA TYR D 340 56.34 -10.31 -4.98
C TYR D 340 55.41 -11.38 -5.54
N ASN D 341 54.31 -10.96 -6.19
CA ASN D 341 53.45 -11.91 -6.88
C ASN D 341 53.96 -12.19 -8.29
N GLN D 342 55.03 -11.49 -8.67
CA GLN D 342 55.63 -11.61 -9.99
C GLN D 342 57.13 -11.25 -9.93
N PRO D 343 57.89 -11.56 -11.00
CA PRO D 343 59.34 -11.34 -10.93
C PRO D 343 59.69 -9.85 -10.84
N GLU D 344 60.89 -9.57 -10.35
CA GLU D 344 61.38 -8.21 -10.29
C GLU D 344 61.70 -7.69 -11.69
N ALA D 345 61.76 -6.36 -11.83
CA ALA D 345 61.96 -5.73 -13.12
C ALA D 345 63.23 -6.20 -13.81
N SER D 346 64.24 -6.57 -13.02
CA SER D 346 65.53 -6.99 -13.58
C SER D 346 65.52 -8.42 -14.11
N ALA D 347 64.48 -9.18 -13.81
CA ALA D 347 64.41 -10.57 -14.22
C ALA D 347 64.11 -10.65 -15.69
N ALA D 348 64.73 -11.60 -16.39
CA ALA D 348 64.64 -11.67 -17.85
C ALA D 348 63.84 -12.85 -18.36
N LEU D 349 62.81 -12.56 -19.15
CA LEU D 349 61.94 -13.57 -19.75
C LEU D 349 61.72 -13.26 -21.20
N PRO D 350 61.54 -14.30 -22.04
CA PRO D 350 61.19 -14.04 -23.43
C PRO D 350 59.69 -13.88 -23.56
N THR D 351 59.25 -13.23 -24.63
CA THR D 351 57.84 -13.10 -24.93
C THR D 351 57.33 -14.41 -25.51
N MET D 352 56.23 -14.92 -24.98
CA MET D 352 55.69 -16.18 -25.45
C MET D 352 54.76 -15.92 -26.62
N GLN D 353 54.05 -14.79 -26.56
CA GLN D 353 53.05 -14.46 -27.58
C GLN D 353 52.57 -13.04 -27.36
N LEU D 354 51.90 -12.49 -28.34
CA LEU D 354 51.30 -11.18 -28.20
C LEU D 354 49.84 -11.43 -27.87
N ALA D 355 49.18 -10.42 -27.33
CA ALA D 355 47.80 -10.58 -26.88
C ALA D 355 46.85 -10.94 -28.02
N ASP D 356 47.15 -10.43 -29.22
CA ASP D 356 46.32 -10.80 -30.39
C ASP D 356 46.66 -12.21 -30.88
N GLY D 357 47.52 -12.90 -30.15
CA GLY D 357 47.84 -14.30 -30.43
C GLY D 357 48.99 -14.53 -31.39
N SER D 358 49.65 -13.47 -31.83
CA SER D 358 50.72 -13.62 -32.81
C SER D 358 52.09 -13.80 -32.17
N ARG D 359 53.02 -14.36 -32.92
CA ARG D 359 54.37 -14.62 -32.42
C ARG D 359 55.12 -13.30 -32.19
N PRO D 360 56.00 -13.27 -31.19
CA PRO D 360 56.82 -12.10 -30.85
C PRO D 360 57.85 -11.87 -31.94
N GLN D 361 58.39 -10.65 -32.05
CA GLN D 361 59.41 -10.39 -33.06
C GLN D 361 60.67 -11.21 -32.81
N SER D 362 61.02 -11.40 -31.54
CA SER D 362 62.17 -12.22 -31.19
C SER D 362 61.87 -13.19 -30.06
N THR D 363 62.74 -14.17 -29.87
CA THR D 363 62.64 -15.09 -28.75
C THR D 363 63.62 -14.74 -27.65
N GLU D 364 64.30 -13.60 -27.79
CA GLU D 364 65.29 -13.17 -26.81
C GLU D 364 64.65 -12.79 -25.47
N ALA D 365 65.30 -13.21 -24.39
CA ALA D 365 64.88 -12.81 -23.07
C ALA D 365 65.11 -11.31 -22.90
N LYS D 366 64.06 -10.61 -22.50
CA LYS D 366 64.14 -9.19 -22.21
C LYS D 366 63.73 -9.00 -20.76
N GLU D 367 64.06 -7.83 -20.21
CA GLU D 367 63.73 -7.54 -18.83
C GLU D 367 62.28 -7.04 -18.65
N GLY D 368 61.92 -6.73 -17.42
CA GLY D 368 60.60 -6.20 -17.10
C GLY D 368 60.57 -4.69 -17.09
N PRO D 369 59.78 -4.10 -16.18
CA PRO D 369 58.99 -4.80 -15.14
C PRO D 369 57.82 -5.62 -15.69
N TYR D 370 57.07 -6.26 -14.79
CA TYR D 370 55.96 -7.12 -15.18
C TYR D 370 54.71 -6.80 -14.40
N TRP D 371 53.56 -7.07 -15.02
CA TRP D 371 52.29 -7.04 -14.29
C TRP D 371 51.51 -8.32 -14.60
N SER D 372 50.44 -8.56 -13.86
CA SER D 372 49.81 -9.88 -13.85
C SER D 372 48.30 -9.82 -13.68
N ILE D 373 47.59 -10.63 -14.46
CA ILE D 373 46.14 -10.71 -14.41
C ILE D 373 45.69 -12.12 -14.03
N MET D 374 44.73 -12.22 -13.11
CA MET D 374 44.15 -13.50 -12.76
CA MET D 374 44.15 -13.50 -12.70
C MET D 374 42.67 -13.52 -13.09
N LEU D 375 42.26 -14.54 -13.85
CA LEU D 375 40.90 -14.62 -14.37
C LEU D 375 40.17 -15.86 -13.89
N GLU D 376 38.87 -15.74 -13.67
CA GLU D 376 38.06 -16.84 -13.19
C GLU D 376 36.94 -17.14 -14.18
N VAL D 377 36.80 -18.43 -14.51
CA VAL D 377 35.74 -18.90 -15.39
C VAL D 377 35.03 -20.06 -14.72
N SER D 378 33.70 -20.11 -14.86
CA SER D 378 32.91 -21.17 -14.26
C SER D 378 32.35 -22.17 -15.25
N GLU D 379 32.32 -23.44 -14.85
CA GLU D 379 31.80 -24.52 -15.67
C GLU D 379 30.78 -25.36 -14.90
N SER D 380 29.73 -25.79 -15.60
CA SER D 380 28.79 -26.79 -15.05
C SER D 380 28.09 -27.50 -16.19
N SER D 381 27.24 -28.47 -15.88
CA SER D 381 26.40 -29.10 -16.90
C SER D 381 25.56 -28.08 -17.67
N MET D 382 25.14 -27.01 -16.99
CA MET D 382 24.34 -25.97 -17.64
C MET D 382 25.19 -24.96 -18.41
N LYS D 383 26.50 -25.08 -18.29
CA LYS D 383 27.41 -24.12 -18.91
C LYS D 383 28.78 -24.73 -19.15
N PRO D 384 28.94 -25.42 -20.29
CA PRO D 384 30.19 -26.14 -20.59
C PRO D 384 31.36 -25.22 -20.91
N VAL D 385 32.55 -25.71 -20.64
CA VAL D 385 33.78 -24.97 -20.90
C VAL D 385 34.73 -25.90 -21.65
N ASN D 386 35.11 -25.48 -22.85
CA ASN D 386 36.07 -26.22 -23.64
C ASN D 386 37.46 -26.02 -23.06
N GLN D 387 37.94 -27.00 -22.29
CA GLN D 387 39.21 -26.83 -21.58
C GLN D 387 40.39 -26.66 -22.52
N GLU D 388 40.22 -27.03 -23.79
CA GLU D 388 41.31 -26.93 -24.74
C GLU D 388 41.42 -25.52 -25.31
N THR D 389 40.34 -24.76 -25.30
CA THR D 389 40.41 -23.40 -25.87
C THR D 389 40.29 -22.28 -24.86
N ILE D 390 39.97 -22.61 -23.61
CA ILE D 390 39.64 -21.60 -22.61
C ILE D 390 40.75 -20.56 -22.39
N LEU D 391 42.01 -21.00 -22.47
CA LEU D 391 43.11 -20.08 -22.26
C LEU D 391 43.13 -19.00 -23.33
N ALA D 392 43.04 -19.43 -24.57
CA ALA D 392 43.04 -18.51 -25.69
C ALA D 392 41.78 -17.65 -25.70
N ASP D 393 40.65 -18.21 -25.27
CA ASP D 393 39.43 -17.41 -25.18
C ASP D 393 39.56 -16.34 -24.09
N CYS D 394 40.16 -16.69 -22.95
CA CYS D 394 40.43 -15.69 -21.93
C CYS D 394 41.33 -14.59 -22.48
N ILE D 395 42.38 -14.95 -23.20
CA ILE D 395 43.30 -13.95 -23.69
C ILE D 395 42.61 -13.04 -24.71
N GLN D 396 41.83 -13.62 -25.63
CA GLN D 396 41.03 -12.77 -26.51
C GLN D 396 40.05 -11.90 -25.71
N GLY D 397 39.53 -12.47 -24.61
CA GLY D 397 38.65 -11.73 -23.73
C GLY D 397 39.34 -10.49 -23.19
N LEU D 398 40.64 -10.60 -22.91
CA LEU D 398 41.42 -9.47 -22.40
C LEU D 398 41.52 -8.36 -23.45
N VAL D 399 41.72 -8.76 -24.71
CA VAL D 399 41.71 -7.79 -25.80
C VAL D 399 40.32 -7.18 -25.97
N ASN D 400 39.28 -8.02 -26.00
CA ASN D 400 37.92 -7.52 -26.17
C ASN D 400 37.50 -6.49 -25.13
N THR D 401 37.96 -6.68 -23.88
CA THR D 401 37.63 -5.76 -22.79
C THR D 401 38.63 -4.61 -22.64
N GLU D 402 39.60 -4.54 -23.54
CA GLU D 402 40.58 -3.45 -23.54
C GLU D 402 41.45 -3.46 -22.29
N MET D 403 41.51 -4.60 -21.60
CA MET D 403 42.53 -4.78 -20.59
C MET D 403 43.94 -4.93 -21.22
N LEU D 404 44.02 -5.60 -22.35
CA LEU D 404 45.30 -5.70 -23.07
C LEU D 404 45.16 -5.16 -24.49
N LYS D 405 46.17 -4.44 -24.95
CA LYS D 405 46.30 -4.05 -26.36
C LYS D 405 46.66 -5.31 -27.17
N PRO D 406 46.23 -5.36 -28.44
CA PRO D 406 46.68 -6.51 -29.24
C PRO D 406 48.20 -6.69 -29.20
N THR D 407 48.93 -5.61 -28.97
CA THR D 407 50.40 -5.62 -28.97
C THR D 407 51.05 -6.00 -27.64
N ASP D 408 50.27 -6.13 -26.57
CA ASP D 408 50.87 -6.44 -25.27
C ASP D 408 51.60 -7.77 -25.32
N GLU D 409 52.72 -7.87 -24.60
CA GLU D 409 53.57 -9.03 -24.62
C GLU D 409 53.29 -9.94 -23.43
N ILE D 410 52.82 -11.15 -23.71
CA ILE D 410 52.55 -12.13 -22.66
C ILE D 410 53.80 -12.95 -22.41
N VAL D 411 54.25 -13.00 -21.16
CA VAL D 411 55.49 -13.71 -20.84
C VAL D 411 55.24 -14.93 -19.98
N SER D 412 53.98 -15.15 -19.58
CA SER D 412 53.67 -16.33 -18.78
C SER D 412 52.17 -16.64 -18.87
N THR D 413 51.84 -17.92 -18.90
CA THR D 413 50.42 -18.30 -18.84
C THR D 413 50.24 -19.39 -17.79
N TYR D 414 49.01 -19.47 -17.27
CA TYR D 414 48.67 -20.42 -16.21
C TYR D 414 47.22 -20.85 -16.36
N HIS D 415 46.97 -22.14 -16.24
CA HIS D 415 45.61 -22.63 -16.27
C HIS D 415 45.45 -23.79 -15.32
N ARG D 416 44.41 -23.75 -14.51
CA ARG D 416 44.10 -24.89 -13.67
C ARG D 416 42.61 -25.01 -13.46
N ARG D 417 42.13 -26.26 -13.45
CA ARG D 417 40.72 -26.51 -13.28
C ARG D 417 40.43 -27.14 -11.92
N PHE D 418 39.62 -26.48 -11.11
CA PHE D 418 39.25 -27.02 -9.80
C PHE D 418 37.87 -27.66 -9.91
N ASP D 419 37.82 -28.98 -9.84
CA ASP D 419 36.57 -29.69 -10.07
C ASP D 419 35.52 -29.16 -9.11
N HIS D 420 35.82 -29.15 -7.82
CA HIS D 420 34.93 -28.55 -6.84
C HIS D 420 35.27 -27.08 -6.68
N GLY D 421 34.52 -26.22 -7.37
CA GLY D 421 34.79 -24.79 -7.39
C GLY D 421 33.90 -24.02 -6.43
N TYR D 422 32.61 -23.91 -6.78
CA TYR D 422 31.62 -23.36 -5.86
C TYR D 422 30.63 -24.43 -5.45
N PRO D 423 30.31 -24.48 -4.16
CA PRO D 423 29.11 -25.23 -3.77
C PRO D 423 27.92 -24.30 -4.03
N THR D 424 27.05 -24.70 -4.96
CA THR D 424 26.01 -23.79 -5.45
C THR D 424 24.84 -23.62 -4.47
N PRO D 425 24.47 -22.35 -4.19
CA PRO D 425 23.25 -22.09 -3.40
C PRO D 425 21.99 -22.27 -4.23
N THR D 426 21.65 -23.53 -4.52
CA THR D 426 20.44 -23.82 -5.28
C THR D 426 19.24 -23.84 -4.36
N LEU D 427 18.04 -23.83 -4.95
CA LEU D 427 16.81 -23.96 -4.18
C LEU D 427 16.79 -25.25 -3.38
N GLU D 428 17.37 -26.32 -3.94
CA GLU D 428 17.34 -27.66 -3.34
C GLU D 428 18.40 -27.86 -2.26
N ARG D 429 19.41 -26.99 -2.21
CA ARG D 429 20.53 -27.20 -1.31
C ARG D 429 20.12 -27.55 0.11
N GLU D 430 19.32 -26.70 0.75
CA GLU D 430 18.99 -26.90 2.16
C GLU D 430 18.20 -28.19 2.39
N GLY D 431 17.21 -28.45 1.54
CA GLY D 431 16.44 -29.67 1.64
C GLY D 431 17.34 -30.90 1.67
N THR D 432 18.45 -30.86 0.94
CA THR D 432 19.37 -31.99 0.91
C THR D 432 20.31 -31.99 2.13
N LEU D 433 20.85 -30.82 2.47
CA LEU D 433 21.76 -30.72 3.59
C LEU D 433 21.12 -31.05 4.96
N THR D 434 19.85 -30.71 5.15
CA THR D 434 19.17 -31.02 6.42
C THR D 434 18.95 -32.52 6.57
N GLN D 435 19.12 -33.27 5.49
CA GLN D 435 19.12 -34.74 5.55
C GLN D 435 20.53 -35.27 5.84
N ILE D 436 21.54 -34.62 5.29
CA ILE D 436 22.91 -35.14 5.35
C ILE D 436 23.63 -34.84 6.66
N LEU D 437 23.52 -33.61 7.14
CA LEU D 437 24.32 -33.19 8.28
C LEU D 437 23.91 -33.83 9.62
N PRO D 438 22.59 -33.96 9.86
CA PRO D 438 22.17 -34.63 11.11
C PRO D 438 22.60 -36.10 11.15
N LYS D 439 22.61 -36.76 10.00
CA LYS D 439 23.02 -38.17 9.97
C LYS D 439 24.49 -38.31 10.35
N LEU D 440 25.33 -37.43 9.80
CA LEU D 440 26.75 -37.42 10.16
C LEU D 440 26.91 -37.02 11.63
N GLN D 441 26.12 -36.03 12.05
CA GLN D 441 26.19 -35.53 13.41
C GLN D 441 25.88 -36.63 14.41
N ASP D 442 24.97 -37.53 14.03
CA ASP D 442 24.58 -38.61 14.92
C ASP D 442 25.72 -39.62 15.10
N LYS D 443 26.74 -39.52 14.25
CA LYS D 443 27.89 -40.40 14.40
C LYS D 443 29.10 -39.68 14.99
N ASP D 444 28.87 -38.50 15.58
CA ASP D 444 29.96 -37.69 16.12
C ASP D 444 30.94 -37.26 15.03
N ILE D 445 30.39 -36.95 13.85
CA ILE D 445 31.20 -36.40 12.78
C ILE D 445 30.74 -34.97 12.50
N TRP D 446 31.63 -34.02 12.74
CA TRP D 446 31.42 -32.64 12.37
C TRP D 446 31.97 -32.45 10.95
N SER D 447 31.11 -32.51 9.95
CA SER D 447 31.53 -32.23 8.58
C SER D 447 31.39 -30.74 8.28
N ARG D 448 32.52 -30.06 8.04
CA ARG D 448 32.55 -28.60 8.01
C ARG D 448 33.49 -28.06 6.94
N GLY D 449 33.10 -26.95 6.33
CA GLY D 449 33.98 -26.27 5.40
C GLY D 449 33.30 -25.95 4.09
N ARG D 450 34.07 -25.42 3.14
CA ARG D 450 33.50 -25.02 1.87
C ARG D 450 32.68 -26.15 1.27
N PHE D 451 33.27 -27.33 1.15
CA PHE D 451 32.56 -28.50 0.67
C PHE D 451 32.30 -29.51 1.81
N GLY D 452 32.90 -29.23 2.97
CA GLY D 452 32.62 -29.98 4.17
C GLY D 452 31.16 -29.84 4.61
N SER D 453 30.68 -28.60 4.67
CA SER D 453 29.27 -28.35 4.98
C SER D 453 28.48 -27.80 3.79
N TRP D 454 29.20 -27.41 2.72
CA TRP D 454 28.59 -27.11 1.42
C TRP D 454 27.75 -25.83 1.37
N ARG D 455 27.97 -24.92 2.30
CA ARG D 455 27.23 -23.66 2.27
C ARG D 455 28.19 -22.58 1.78
N TYR D 456 27.91 -22.05 0.60
CA TYR D 456 28.79 -21.05 -0.01
C TYR D 456 29.08 -19.88 0.93
N GLU D 457 28.04 -19.38 1.60
CA GLU D 457 28.16 -18.12 2.34
C GLU D 457 29.15 -18.18 3.51
N VAL D 458 29.57 -19.39 3.89
CA VAL D 458 30.58 -19.51 4.93
C VAL D 458 31.79 -20.30 4.44
N GLY D 459 32.01 -20.28 3.13
CA GLY D 459 33.01 -21.13 2.51
C GLY D 459 34.26 -20.41 2.06
N ASN D 460 34.36 -19.13 2.43
CA ASN D 460 35.60 -18.40 2.19
C ASN D 460 36.52 -18.49 3.41
N GLN D 461 37.61 -17.73 3.40
CA GLN D 461 38.69 -18.00 4.35
C GLN D 461 38.36 -17.75 5.82
N ASP D 462 37.91 -16.54 6.16
CA ASP D 462 37.62 -16.26 7.56
C ASP D 462 36.48 -17.13 8.10
N HIS D 463 35.38 -17.24 7.34
CA HIS D 463 34.23 -18.04 7.79
C HIS D 463 34.60 -19.52 7.97
N SER D 464 35.29 -20.09 6.98
CA SER D 464 35.74 -21.48 7.05
C SER D 464 36.65 -21.71 8.25
N PHE D 465 37.64 -20.82 8.43
CA PHE D 465 38.55 -20.95 9.55
C PHE D 465 37.70 -21.04 10.82
N MET D 466 36.71 -20.16 10.92
CA MET D 466 35.84 -20.11 12.10
C MET D 466 34.89 -21.31 12.21
N LEU D 467 34.54 -21.94 11.09
CA LEU D 467 33.79 -23.19 11.13
C LEU D 467 34.60 -24.23 11.89
N GLY D 468 35.89 -24.31 11.59
CA GLY D 468 36.79 -25.24 12.28
C GLY D 468 36.92 -24.92 13.76
N VAL D 469 37.09 -23.64 14.07
CA VAL D 469 37.24 -23.17 15.44
C VAL D 469 36.01 -23.50 16.27
N GLU D 470 34.85 -23.17 15.72
CA GLU D 470 33.58 -23.36 16.43
C GLU D 470 33.21 -24.83 16.59
N ALA D 471 33.55 -25.64 15.59
CA ALA D 471 33.31 -27.07 15.65
C ALA D 471 34.00 -27.65 16.88
N VAL D 472 35.25 -27.25 17.08
CA VAL D 472 36.00 -27.68 18.25
C VAL D 472 35.45 -27.08 19.54
N ASP D 473 34.99 -25.84 19.46
CA ASP D 473 34.48 -25.18 20.64
C ASP D 473 33.15 -25.81 21.06
N ASN D 474 32.45 -26.37 20.08
CA ASN D 474 31.21 -27.08 20.35
C ASN D 474 31.54 -28.45 20.98
N ILE D 475 32.57 -29.08 20.42
CA ILE D 475 32.97 -30.41 20.85
C ILE D 475 33.48 -30.42 22.28
N VAL D 476 34.19 -29.37 22.66
CA VAL D 476 34.89 -29.29 23.95
C VAL D 476 34.18 -28.43 24.98
N ASN D 477 33.68 -27.26 24.55
CA ASN D 477 33.15 -26.27 25.49
C ASN D 477 31.64 -26.10 25.38
N GLY D 478 31.01 -26.80 24.44
CA GLY D 478 29.57 -26.67 24.26
C GLY D 478 29.11 -25.35 23.63
N ALA D 479 30.00 -24.74 22.84
CA ALA D 479 29.67 -23.48 22.18
C ALA D 479 28.61 -23.70 21.09
N VAL D 480 27.79 -22.68 20.84
CA VAL D 480 26.93 -22.74 19.65
C VAL D 480 27.79 -22.58 18.38
N GLU D 481 27.50 -23.37 17.35
CA GLU D 481 28.16 -23.21 16.06
C GLU D 481 27.39 -22.15 15.26
N LEU D 482 27.74 -20.88 15.49
CA LEU D 482 26.98 -19.75 14.99
C LEU D 482 27.17 -19.55 13.50
N THR D 483 28.41 -19.72 13.05
CA THR D 483 28.77 -19.47 11.67
C THR D 483 28.12 -20.49 10.73
N LEU D 484 28.15 -21.76 11.13
CA LEU D 484 27.52 -22.82 10.37
C LEU D 484 26.02 -22.57 10.17
N ASN D 485 25.32 -22.17 11.23
CA ASN D 485 23.85 -22.17 11.23
C ASN D 485 23.20 -20.80 11.20
N TYR D 486 23.97 -19.77 11.56
CA TYR D 486 23.45 -18.42 11.61
C TYR D 486 24.40 -17.41 10.97
N PRO D 487 24.71 -17.61 9.67
CA PRO D 487 25.70 -16.73 9.05
C PRO D 487 25.32 -15.26 9.13
N ASP D 488 24.04 -14.94 8.98
CA ASP D 488 23.57 -13.55 9.10
C ASP D 488 23.90 -12.98 10.47
N PHE D 489 23.79 -13.83 11.48
CA PHE D 489 24.04 -13.37 12.83
C PHE D 489 25.49 -12.95 12.96
N VAL D 490 26.41 -13.84 12.57
CA VAL D 490 27.83 -13.52 12.69
C VAL D 490 28.24 -12.36 11.78
N ASN D 491 27.71 -12.31 10.57
CA ASN D 491 28.06 -11.24 9.63
C ASN D 491 27.56 -9.86 10.07
N GLY D 492 26.51 -9.85 10.87
CA GLY D 492 25.92 -8.60 11.29
C GLY D 492 26.53 -8.00 12.53
N ARG D 493 27.63 -8.55 13.02
CA ARG D 493 28.15 -8.09 14.31
C ARG D 493 29.66 -8.14 14.35
N GLN D 494 30.23 -7.51 15.37
CA GLN D 494 31.65 -7.68 15.66
C GLN D 494 31.84 -8.92 16.55
N ASN D 495 32.59 -9.90 16.07
CA ASN D 495 32.88 -11.09 16.85
C ASN D 495 34.21 -10.97 17.58
N THR D 496 34.18 -10.30 18.72
CA THR D 496 35.37 -9.96 19.49
C THR D 496 35.57 -10.83 20.73
N GLU D 497 34.57 -11.62 21.09
CA GLU D 497 34.65 -12.38 22.33
C GLU D 497 35.74 -13.46 22.30
N ARG D 498 35.79 -14.26 21.24
CA ARG D 498 36.75 -15.37 21.20
C ARG D 498 38.14 -14.89 20.75
N ARG D 499 39.16 -15.27 21.52
CA ARG D 499 40.54 -14.83 21.26
C ARG D 499 41.51 -16.00 21.31
N LEU D 500 42.69 -15.78 20.75
CA LEU D 500 43.72 -16.80 20.70
C LEU D 500 44.24 -17.03 22.11
N VAL D 501 44.10 -16.01 22.95
CA VAL D 501 44.38 -16.12 24.38
C VAL D 501 43.13 -15.74 25.18
N ASP D 502 42.39 -16.76 25.61
CA ASP D 502 41.18 -16.55 26.39
C ASP D 502 41.52 -16.53 27.88
N GLY D 503 40.54 -16.22 28.71
CA GLY D 503 40.72 -16.29 30.15
C GLY D 503 41.33 -17.60 30.60
N ALA D 504 40.85 -18.71 30.06
CA ALA D 504 41.32 -20.02 30.46
C ALA D 504 42.84 -20.09 30.49
N GLN D 505 43.48 -19.69 29.39
CA GLN D 505 44.94 -19.73 29.32
C GLN D 505 45.60 -18.68 30.21
N VAL D 506 44.99 -17.51 30.38
CA VAL D 506 45.55 -16.51 31.27
C VAL D 506 45.57 -16.99 32.73
N PHE D 507 44.48 -17.59 33.17
CA PHE D 507 44.40 -18.10 34.54
C PHE D 507 45.28 -19.34 34.75
N ALA D 508 45.43 -20.17 33.72
CA ALA D 508 46.24 -21.38 33.86
C ALA D 508 47.71 -21.04 34.08
N LYS D 509 48.18 -20.01 33.40
CA LYS D 509 49.55 -19.52 33.58
C LYS D 509 49.57 -18.53 34.74
PA FAD E . -19.10 41.08 -16.26
O1A FAD E . -17.94 41.02 -17.27
O2A FAD E . -18.89 41.75 -15.00
O5B FAD E . -20.35 41.76 -16.66
C5B FAD E . -21.26 42.33 -15.75
C4B FAD E . -22.10 43.42 -16.41
O4B FAD E . -23.22 43.75 -15.65
C3B FAD E . -21.28 44.67 -16.56
O3B FAD E . -21.29 45.18 -17.84
C2B FAD E . -21.89 45.63 -15.62
O2B FAD E . -21.79 46.95 -16.01
C1B FAD E . -23.30 45.15 -15.60
N9A FAD E . -23.96 45.64 -14.43
C8A FAD E . -23.50 45.56 -13.14
N7A FAD E . -24.36 46.17 -12.32
C5A FAD E . -25.42 46.69 -13.06
C6A FAD E . -26.56 47.41 -12.74
N6A FAD E . -26.83 47.75 -11.37
N1A FAD E . -27.43 47.78 -13.70
C2A FAD E . -27.20 47.46 -15.00
N3A FAD E . -26.08 46.76 -15.35
C4A FAD E . -25.19 46.37 -14.41
N1 FAD E . -11.77 36.26 -18.77
C2 FAD E . -10.93 35.56 -19.68
O2 FAD E . -11.47 34.69 -20.57
N3 FAD E . -9.56 35.77 -19.65
C4 FAD E . -9.01 36.63 -18.72
O4 FAD E . -7.68 36.85 -18.68
C4X FAD E . -9.87 37.39 -17.77
N5 FAD E . -9.33 38.30 -16.85
C5X FAD E . -10.18 39.02 -16.00
C6 FAD E . -9.68 39.94 -15.06
C7 FAD E . -10.56 40.65 -14.24
C7M FAD E . -10.05 41.65 -13.24
C8 FAD E . -11.93 40.44 -14.33
C8M FAD E . -12.86 41.20 -13.42
C9 FAD E . -12.43 39.53 -15.26
C9A FAD E . -11.55 38.83 -16.08
N10 FAD E . -12.09 37.90 -17.00
C10 FAD E . -11.27 37.18 -17.86
C1' FAD E . -13.54 37.72 -16.97
C2' FAD E . -14.20 37.77 -18.30
O2' FAD E . -14.04 39.06 -18.76
C3' FAD E . -15.61 37.39 -17.82
O3' FAD E . -16.33 36.48 -18.57
C4' FAD E . -16.48 38.57 -17.53
O4' FAD E . -15.67 39.61 -17.10
C5' FAD E . -17.42 38.14 -16.43
O5' FAD E . -18.57 37.75 -17.11
P FAD E . -19.91 38.55 -16.83
O1P FAD E . -20.85 38.88 -18.05
O2P FAD E . -20.41 37.54 -15.71
O3P FAD E . -19.56 39.74 -15.77
S SO4 F . -9.82 34.13 -15.46
O1 SO4 F . -9.91 34.30 -16.91
O2 SO4 F . -11.01 33.42 -14.97
O3 SO4 F . -8.60 33.40 -15.17
O4 SO4 F . -9.77 35.44 -14.80
S SO4 G . -7.95 26.69 -20.15
O1 SO4 G . -8.52 27.88 -20.78
O2 SO4 G . -8.92 26.16 -19.19
O3 SO4 G . -7.68 25.68 -21.18
O4 SO4 G . -6.70 27.02 -19.44
S SO4 H . 18.37 41.47 -25.91
O1 SO4 H . 18.81 42.36 -26.98
O2 SO4 H . 16.95 41.19 -26.11
O3 SO4 H . 19.12 40.22 -25.96
O4 SO4 H . 18.60 42.13 -24.61
S SO4 I . 7.02 35.39 -33.81
O1 SO4 I . 6.18 35.54 -35.00
O2 SO4 I . 7.12 33.98 -33.45
O3 SO4 I . 8.36 35.92 -34.07
O4 SO4 I . 6.40 36.11 -32.69
S SO4 J . -15.36 51.42 -18.62
O1 SO4 J . -16.23 51.86 -19.71
O2 SO4 J . -15.25 49.96 -18.63
O3 SO4 J . -14.05 52.04 -18.80
O4 SO4 J . -15.94 51.83 -17.34
PA FAD K . 18.43 -11.76 42.81
O1A FAD K . 17.25 -12.76 42.82
O2A FAD K . 18.23 -10.44 43.30
O5B FAD K . 19.66 -12.09 43.57
C5B FAD K . 20.58 -11.10 44.01
C4B FAD K . 21.34 -11.58 45.25
O4B FAD K . 22.47 -10.80 45.53
C3B FAD K . 20.46 -11.54 46.46
O3B FAD K . 20.50 -12.72 47.16
C2B FAD K . 21.03 -10.46 47.31
O2B FAD K . 20.90 -10.74 48.65
C1B FAD K . 22.45 -10.50 46.90
N9A FAD K . 23.13 -9.26 47.22
C8A FAD K . 22.70 -7.98 46.88
N7A FAD K . 23.56 -7.09 47.38
C5A FAD K . 24.56 -7.74 48.08
C6A FAD K . 25.68 -7.32 48.79
N6A FAD K . 25.99 -5.92 48.91
N1A FAD K . 26.48 -8.23 49.38
C2A FAD K . 26.22 -9.56 49.29
N3A FAD K . 25.14 -10.00 48.59
C4A FAD K . 24.30 -9.13 48.00
N1 FAD K . 11.27 -15.00 38.09
C2 FAD K . 10.48 -16.06 37.53
O2 FAD K . 11.11 -17.05 36.82
N3 FAD K . 9.11 -16.03 37.68
C4 FAD K . 8.49 -15.00 38.41
O4 FAD K . 7.14 -14.94 38.58
C4X FAD K . 9.29 -13.96 39.09
N5 FAD K . 8.69 -13.00 39.91
C5X FAD K . 9.49 -12.06 40.56
C6 FAD K . 8.93 -11.07 41.38
C7 FAD K . 9.78 -10.16 42.03
C7M FAD K . 9.21 -9.08 42.92
C8 FAD K . 11.16 -10.21 41.85
C8M FAD K . 12.07 -9.23 42.53
C9 FAD K . 11.70 -11.20 41.04
C9A FAD K . 10.87 -12.11 40.40
N10 FAD K . 11.47 -13.10 39.58
C10 FAD K . 10.70 -14.03 38.90
C1' FAD K . 12.92 -13.05 39.40
C2' FAD K . 13.68 -14.30 39.65
O2' FAD K . 13.51 -14.58 40.99
C3' FAD K . 15.05 -13.79 39.20
O3' FAD K . 15.79 -14.57 38.34
C4' FAD K . 15.92 -13.36 40.34
O4' FAD K . 15.12 -12.83 41.30
C5' FAD K . 16.84 -12.29 39.86
O5' FAD K . 18.00 -12.98 39.57
P FAD K . 19.33 -12.56 40.33
O1P FAD K . 20.31 -13.73 40.70
O2P FAD K . 19.81 -11.52 39.25
O3P FAD K . 18.94 -11.42 41.45
S SO4 L . 9.24 -12.07 35.67
O1 SO4 L . 8.08 -11.91 34.79
O2 SO4 L . 9.40 -13.49 35.96
O3 SO4 L . 10.50 -11.58 35.09
O4 SO4 L . 8.96 -11.31 36.90
S SO4 M . 7.97 -17.60 28.65
O1 SO4 M . 7.78 -16.17 28.87
O2 SO4 M . 6.71 -18.22 28.29
O3 SO4 M . 8.94 -17.81 27.59
O4 SO4 M . 8.48 -18.19 29.90
S SO4 N . 14.49 -13.25 53.34
O1 SO4 N . 15.15 -11.98 53.01
O2 SO4 N . 13.23 -12.99 54.05
O3 SO4 N . 14.21 -13.95 52.08
O4 SO4 N . 15.34 -14.06 54.20
S SO4 O . -6.76 3.91 50.33
O1 SO4 O . -8.02 4.52 49.93
O2 SO4 O . -6.99 2.50 50.64
O3 SO4 O . -5.78 4.00 49.25
O4 SO4 O . -6.23 4.62 51.50
S SO4 P . -18.69 -22.62 43.43
O1 SO4 P . -18.92 -21.21 43.79
O2 SO4 P . -19.41 -22.88 42.19
O3 SO4 P . -17.26 -22.87 43.25
O4 SO4 P . -19.18 -23.50 44.49
C ACT Q . -15.30 -2.19 35.87
O ACT Q . -15.25 -0.94 35.90
OXT ACT Q . -14.66 -2.75 34.94
CH3 ACT Q . -16.07 -2.98 36.88
C1 GOL R . 14.11 -5.90 47.03
O1 GOL R . 14.47 -4.55 46.86
C2 GOL R . 13.44 -6.19 48.39
O2 GOL R . 13.00 -5.03 49.09
C3 GOL R . 14.32 -7.10 49.25
O3 GOL R . 13.56 -7.58 50.34
PA FAD S . -39.11 -2.06 -27.95
O1A FAD S . -39.89 -2.26 -26.63
O2A FAD S . -38.46 -3.14 -28.66
O5B FAD S . -39.90 -1.45 -29.06
C5B FAD S . -39.53 -1.58 -30.41
C4B FAD S . -40.75 -1.33 -31.29
O4B FAD S . -40.39 -1.12 -32.63
C3B FAD S . -41.70 -2.49 -31.24
O3B FAD S . -42.99 -2.09 -30.92
C2B FAD S . -41.66 -3.05 -32.60
O2B FAD S . -42.86 -3.59 -32.99
C1B FAD S . -41.28 -1.85 -33.40
N9A FAD S . -40.73 -2.20 -34.68
C8A FAD S . -39.64 -3.00 -34.92
N7A FAD S . -39.44 -3.12 -36.24
C5A FAD S . -40.42 -2.39 -36.91
C6A FAD S . -40.69 -2.15 -38.26
N6A FAD S . -39.86 -2.75 -39.27
N1A FAD S . -41.74 -1.37 -38.61
C2A FAD S . -42.54 -0.81 -37.66
N3A FAD S . -42.29 -1.02 -36.34
C4A FAD S . -41.26 -1.79 -35.94
N1 FAD S . -37.78 -3.10 -18.99
C2 FAD S . -38.07 -2.86 -17.61
O2 FAD S . -38.21 -1.57 -17.18
N3 FAD S . -38.18 -3.91 -16.72
C4 FAD S . -38.06 -5.21 -17.18
O4 FAD S . -38.14 -6.26 -16.31
C4X FAD S . -37.83 -5.51 -18.62
N5 FAD S . -37.77 -6.82 -19.09
C5X FAD S . -37.58 -7.07 -20.44
C6 FAD S . -37.52 -8.37 -20.95
C7 FAD S . -37.32 -8.57 -22.31
C7M FAD S . -37.26 -9.98 -22.84
C8 FAD S . -37.20 -7.49 -23.20
C8M FAD S . -36.97 -7.66 -24.67
C9 FAD S . -37.27 -6.20 -22.68
C9A FAD S . -37.46 -6.00 -21.33
N10 FAD S . -37.52 -4.66 -20.86
C10 FAD S . -37.71 -4.39 -19.50
C1' FAD S . -37.33 -3.62 -21.88
C2' FAD S . -38.28 -2.47 -21.83
O2' FAD S . -39.54 -2.91 -22.16
C3' FAD S . -37.65 -1.55 -22.88
O3' FAD S . -37.64 -0.19 -22.64
C4' FAD S . -38.23 -1.84 -24.23
O4' FAD S . -38.47 -3.18 -24.38
C5' FAD S . -37.21 -1.33 -25.22
O5' FAD S . -37.64 -0.04 -25.56
P FAD S . -37.85 0.25 -27.11
O1P FAD S . -38.94 1.34 -27.43
O2P FAD S . -36.31 0.47 -27.42
O3P FAD S . -37.89 -1.19 -27.88
S SO4 T . -32.50 0.40 -10.66
O1 SO4 T . -31.70 1.55 -11.05
O2 SO4 T . -33.69 0.33 -11.52
O3 SO4 T . -31.73 -0.84 -10.82
O4 SO4 T . -32.87 0.55 -9.24
S SO4 U . -33.96 -4.73 -17.86
O1 SO4 U . -33.40 -3.73 -18.77
O2 SO4 U . -35.13 -4.14 -17.21
O3 SO4 U . -34.30 -5.93 -18.62
O4 SO4 U . -32.98 -5.10 -16.83
S SO4 V . -46.56 -22.38 3.97
O1 SO4 V . -46.45 -21.18 3.13
O2 SO4 V . -47.96 -22.55 4.34
O3 SO4 V . -46.08 -23.54 3.24
O4 SO4 V . -45.74 -22.19 5.17
PA FAD W . 39.85 -26.98 1.50
O1A FAD W . 40.55 -25.66 1.12
O2A FAD W . 39.24 -27.81 0.49
O5B FAD W . 40.70 -27.97 2.22
C5B FAD W . 40.39 -29.36 2.29
C4B FAD W . 41.65 -30.18 2.57
O4B FAD W . 41.34 -31.51 2.87
C3B FAD W . 42.57 -30.20 1.38
O3B FAD W . 43.84 -29.72 1.65
C2B FAD W . 42.61 -31.62 0.94
O2B FAD W . 43.82 -32.01 0.46
C1B FAD W . 42.27 -32.31 2.22
N9A FAD W . 41.74 -33.63 1.98
C8A FAD W . 40.70 -33.96 1.14
N7A FAD W . 40.50 -35.29 1.16
C5A FAD W . 41.43 -35.88 2.03
C6A FAD W . 41.69 -37.17 2.43
N6A FAD W . 40.89 -38.25 1.91
N1A FAD W . 42.69 -37.43 3.30
C2A FAD W . 43.46 -36.42 3.81
N3A FAD W . 43.23 -35.13 3.43
C4A FAD W . 42.24 -34.83 2.56
N1 FAD W . 38.22 -18.16 -0.36
C2 FAD W . 38.49 -16.76 -0.23
O2 FAD W . 38.57 -16.26 1.03
N3 FAD W . 38.63 -15.95 -1.34
C4 FAD W . 38.56 -16.52 -2.61
O4 FAD W . 38.68 -15.74 -3.74
C4X FAD W . 38.39 -17.98 -2.80
N5 FAD W . 38.40 -18.59 -4.04
C5X FAD W . 38.26 -19.96 -4.17
C6 FAD W . 38.26 -20.58 -5.44
C7 FAD W . 38.11 -21.96 -5.55
C7M FAD W . 38.13 -22.64 -6.90
C8 FAD W . 37.96 -22.73 -4.43
C8M FAD W . 37.81 -24.22 -4.57
C9 FAD W . 37.95 -22.13 -3.16
C9A FAD W . 38.10 -20.76 -3.04
N10 FAD W . 38.09 -20.16 -1.74
C10 FAD W . 38.23 -18.77 -1.61
C1' FAD W . 37.89 -21.02 -0.58
C2' FAD W . 38.88 -20.85 0.52
O2' FAD W . 40.11 -21.23 0.03
C3' FAD W . 38.31 -21.79 1.61
O3' FAD W . 38.35 -21.36 2.91
C4' FAD W . 38.93 -23.14 1.53
O4' FAD W . 39.25 -23.44 0.23
C5' FAD W . 37.89 -24.09 2.08
O5' FAD W . 38.37 -24.43 3.35
P FAD W . 38.55 -25.95 3.73
O1P FAD W . 39.65 -26.20 4.86
O2P FAD W . 37.02 -26.24 4.02
O3P FAD W . 38.60 -26.85 2.36
S SO4 X . 32.74 -9.81 2.24
O1 SO4 X . 32.70 -9.39 0.84
O2 SO4 X . 31.72 -10.84 2.46
O3 SO4 X . 34.04 -10.37 2.54
O4 SO4 X . 32.46 -8.66 3.10
S SO4 Y . 34.47 -17.32 -2.26
O1 SO4 Y . 33.49 -16.34 -2.73
O2 SO4 Y . 33.86 -18.21 -1.26
O3 SO4 Y . 34.94 -18.11 -3.40
O4 SO4 Y . 35.58 -16.62 -1.62
S SO4 Z . 24.66 10.00 -24.49
O1 SO4 Z . 24.83 11.39 -24.92
O2 SO4 Z . 23.27 9.59 -24.72
O3 SO4 Z . 25.54 9.10 -25.24
O4 SO4 Z . 24.99 9.90 -23.07
S SO4 AA . 46.86 3.20 -21.61
O1 SO4 AA . 45.80 4.16 -21.28
O2 SO4 AA . 46.40 2.33 -22.68
O3 SO4 AA . 48.07 3.92 -22.04
O4 SO4 AA . 47.19 2.44 -20.41
#